data_8Y3K
#
_entry.id   8Y3K
#
_cell.length_a   1.00
_cell.length_b   1.00
_cell.length_c   1.00
_cell.angle_alpha   90.00
_cell.angle_beta   90.00
_cell.angle_gamma   90.00
#
_symmetry.space_group_name_H-M   'P 1'
#
loop_
_entity.id
_entity.type
_entity.pdbx_description
1 polymer 'Envelope protein'
2 polymer 'Membrane polyprotein'
3 polymer 'Human antibody 2D22 Fab (heavy chain)'
4 polymer 'Human antibody 2D22 Fab (light chain)'
5 non-polymer 2-acetamido-2-deoxy-beta-D-glucopyranose
#
loop_
_entity_poly.entity_id
_entity_poly.type
_entity_poly.pdbx_seq_one_letter_code
_entity_poly.pdbx_strand_id
1 'polypeptide(L)'
;MRCIGISNRDFVEGVSGGSWVDIVLEHGSCVTTMAKNKPTLDFELIKTEAKHPATLRKYCIEAKLTNTTTASRCPTQGEP
SLNEEQDKRFVCKHSMVDRGWGNGCGLFGKGGIVTCAMFTCKKNMEGKIVQPENLEYTIVITPHSGEENAVGNDTGKHGK
EIKVTPQSSITEAELTGYGTVTMECSPRTGLDFNEMVLLQMENKAWLVHRQWFLDLPLPWLPGADTQGSNWIQKETLVTF
KNPHAKKQDVVVLGSQEGAMHTALTGATEIQMSSGNLLFTGHLKCRLRMDKLQLKGMSYSMCTGKFKVVKEIAETQHGTI
VIRVQYEGDGSPCKIPFEIMDLEKRHVLGRLITVNPIVTEKDSPVNIEAEPPFGDSYIIIGVEPGQLKLSWFKKGSSIGQ
MFETTMRGAKRMAILGDTAWDFGSLGGVFTSIGKALHQVFGAIYGAAFSGVSWTMKILIGVVITWIGMNSRSTSLSVSLV
LVGVVTLYLGVMVQA
;
A,C,E
2 'polypeptide(L)' SVALVPHVGMGLETRTETWMSSEGAWKHAQRIETWVLRHPGFTIMAAILAYTIGTTYFQRVLIFILLTAVAPSMT B,D,F
3 'polypeptide(L)'
;EVQLVESGAEVKKPGSSVKVSCKASGGTFNNYAISWVRQAPGQGLEWMGGIIPIFGGANYAQKFQGRVTITADRSTSTVY
MELSGLRSEDTAVYYCARRPQSIFDWNFDLWGRGTLVTVSSAGTKGPS
;
G,I,K
4 'polypeptide(L)'
;QSVLTQPPSASGTPGQRVTISCSGSSSNVGSNYVYWYQQLPGTAPKLLIYRNNRRPSGVPDRFSGSKSGTSASLAISGLR
SEDEADYYCATWDDSLSGLVFGGGTKLTVLGQPKA
;
H,J,L
#
loop_
_chem_comp.id
_chem_comp.type
_chem_comp.name
_chem_comp.formula
NAG D-saccharide, beta linking 2-acetamido-2-deoxy-beta-D-glucopyranose 'C8 H15 N O6'
#
# COMPACT_ATOMS: atom_id res chain seq x y z
N MET A 1 -31.46 43.06 30.58
CA MET A 1 -30.66 42.33 31.56
C MET A 1 -29.97 41.10 30.96
N ARG A 2 -29.48 41.25 29.74
CA ARG A 2 -28.74 40.21 29.04
C ARG A 2 -27.24 40.40 29.18
N CYS A 3 -26.72 41.53 28.69
CA CYS A 3 -25.29 41.76 28.70
C CYS A 3 -24.82 42.40 30.00
N ILE A 4 -25.73 42.77 30.89
CA ILE A 4 -25.38 43.32 32.19
C ILE A 4 -25.32 42.17 33.20
N GLY A 5 -24.24 42.10 33.95
CA GLY A 5 -24.07 40.98 34.86
C GLY A 5 -23.58 39.71 34.22
N ILE A 6 -22.91 39.81 33.07
CA ILE A 6 -22.38 38.62 32.42
C ILE A 6 -20.93 38.39 32.83
N SER A 7 -20.25 39.42 33.28
CA SER A 7 -18.90 39.43 33.85
C SER A 7 -17.81 39.28 32.79
N ASN A 8 -18.16 38.94 31.56
CA ASN A 8 -17.26 39.03 30.42
C ASN A 8 -17.86 40.05 29.47
N ARG A 9 -17.61 41.32 29.77
CA ARG A 9 -18.25 42.42 29.09
C ARG A 9 -17.18 43.43 28.70
N ASP A 10 -17.19 43.82 27.43
CA ASP A 10 -16.27 44.80 26.92
C ASP A 10 -17.06 45.96 26.37
N PHE A 11 -16.65 47.18 26.73
CA PHE A 11 -17.30 48.39 26.28
C PHE A 11 -16.50 48.91 25.10
N VAL A 12 -17.08 48.80 23.90
CA VAL A 12 -16.47 49.32 22.69
C VAL A 12 -17.05 50.71 22.47
N GLU A 13 -16.18 51.72 22.50
CA GLU A 13 -16.60 53.11 22.48
C GLU A 13 -16.03 53.79 21.26
N GLY A 14 -16.90 54.44 20.49
CA GLY A 14 -16.48 55.21 19.34
C GLY A 14 -16.54 54.42 18.04
N VAL A 15 -16.50 55.16 16.94
CA VAL A 15 -16.38 54.61 15.60
C VAL A 15 -15.38 55.47 14.83
N SER A 16 -15.10 55.06 13.61
CA SER A 16 -14.12 55.73 12.77
C SER A 16 -14.81 56.53 11.68
N GLY A 17 -14.01 57.22 10.88
CA GLY A 17 -14.52 57.82 9.67
C GLY A 17 -15.08 56.74 8.78
N GLY A 18 -16.40 56.75 8.58
CA GLY A 18 -17.09 55.63 7.98
C GLY A 18 -18.10 54.97 8.89
N SER A 19 -18.08 55.27 10.19
CA SER A 19 -19.08 54.81 11.13
C SER A 19 -19.08 53.29 11.25
N TRP A 20 -17.88 52.73 11.39
CA TRP A 20 -17.75 51.31 11.65
C TRP A 20 -16.71 51.10 12.74
N VAL A 21 -16.92 50.06 13.53
CA VAL A 21 -15.99 49.66 14.56
C VAL A 21 -15.75 48.16 14.42
N ASP A 22 -14.58 47.72 14.86
CA ASP A 22 -14.20 46.31 14.81
C ASP A 22 -14.39 45.69 16.18
N ILE A 23 -15.16 44.61 16.24
CA ILE A 23 -15.42 43.91 17.49
C ILE A 23 -15.28 42.41 17.25
N VAL A 24 -14.58 41.74 18.16
CA VAL A 24 -14.51 40.29 18.18
C VAL A 24 -15.53 39.81 19.20
N LEU A 25 -16.44 38.93 18.77
CA LEU A 25 -17.48 38.38 19.63
C LEU A 25 -17.10 36.97 20.04
N GLU A 26 -17.10 36.72 21.35
CA GLU A 26 -16.87 35.39 21.90
C GLU A 26 -18.18 34.85 22.46
N HIS A 27 -18.24 33.54 22.62
CA HIS A 27 -19.49 32.91 23.03
C HIS A 27 -19.89 33.30 24.44
N GLY A 28 -18.98 33.17 25.40
CA GLY A 28 -19.32 33.47 26.78
C GLY A 28 -19.17 34.91 27.18
N SER A 29 -18.66 35.75 26.29
CA SER A 29 -18.39 37.15 26.58
C SER A 29 -19.54 38.00 26.07
N CYS A 30 -19.37 39.31 26.14
CA CYS A 30 -20.35 40.22 25.54
C CYS A 30 -19.65 41.50 25.13
N VAL A 31 -20.24 42.21 24.18
CA VAL A 31 -19.72 43.48 23.73
C VAL A 31 -20.83 44.52 23.80
N THR A 32 -20.54 45.65 24.42
CA THR A 32 -21.45 46.80 24.45
C THR A 32 -20.74 47.93 23.70
N THR A 33 -21.29 48.33 22.56
CA THR A 33 -20.68 49.35 21.73
C THR A 33 -21.43 50.66 21.90
N MET A 34 -20.68 51.74 22.15
CA MET A 34 -21.24 53.06 22.35
C MET A 34 -20.53 54.03 21.42
N ALA A 35 -21.32 54.83 20.69
CA ALA A 35 -20.79 55.93 19.90
C ALA A 35 -21.69 57.14 20.11
N LYS A 36 -21.10 58.33 20.01
CA LYS A 36 -21.85 59.56 20.22
C LYS A 36 -22.91 59.71 19.15
N ASN A 37 -24.13 60.03 19.58
CA ASN A 37 -25.29 60.21 18.72
C ASN A 37 -25.90 58.90 18.27
N LYS A 38 -25.42 57.78 18.80
CA LYS A 38 -25.91 56.49 18.37
C LYS A 38 -26.37 55.66 19.57
N PRO A 39 -27.43 54.87 19.41
CA PRO A 39 -27.89 54.04 20.51
C PRO A 39 -26.83 53.05 20.93
N THR A 40 -26.74 52.82 22.24
CA THR A 40 -25.87 51.76 22.73
C THR A 40 -26.50 50.41 22.42
N LEU A 41 -25.68 49.49 21.94
CA LEU A 41 -26.12 48.16 21.56
C LEU A 41 -25.29 47.13 22.30
N ASP A 42 -25.94 46.00 22.60
CA ASP A 42 -25.27 44.84 23.16
C ASP A 42 -25.17 43.77 22.08
N PHE A 43 -24.00 43.14 21.98
CA PHE A 43 -23.76 42.08 21.03
C PHE A 43 -23.36 40.81 21.77
N GLU A 44 -23.88 39.68 21.32
CA GLU A 44 -23.46 38.40 21.90
C GLU A 44 -23.62 37.32 20.85
N LEU A 45 -22.50 36.65 20.55
CA LEU A 45 -22.52 35.44 19.77
C LEU A 45 -22.97 34.31 20.70
N ILE A 46 -24.15 33.76 20.44
CA ILE A 46 -24.78 32.82 21.36
C ILE A 46 -24.79 31.39 20.83
N LYS A 47 -24.62 31.18 19.53
CA LYS A 47 -24.68 29.83 18.99
C LYS A 47 -23.83 29.74 17.73
N THR A 48 -23.14 28.60 17.59
CA THR A 48 -22.39 28.27 16.39
C THR A 48 -22.81 26.88 15.96
N GLU A 49 -23.49 26.78 14.82
CA GLU A 49 -23.93 25.51 14.28
C GLU A 49 -23.06 25.14 13.08
N ALA A 50 -22.57 23.91 13.08
CA ALA A 50 -21.86 23.34 11.95
C ALA A 50 -22.75 22.29 11.30
N LYS A 51 -23.01 22.45 10.02
CA LYS A 51 -23.98 21.61 9.32
C LYS A 51 -23.29 20.71 8.31
N HIS A 52 -23.96 19.63 7.96
CA HIS A 52 -23.48 18.68 6.96
C HIS A 52 -22.07 18.19 7.26
N PRO A 53 -21.87 17.53 8.39
CA PRO A 53 -20.55 16.97 8.68
C PRO A 53 -20.27 15.73 7.85
N ALA A 54 -18.99 15.39 7.77
CA ALA A 54 -18.55 14.15 7.15
C ALA A 54 -17.68 13.41 8.15
N THR A 55 -18.07 12.18 8.48
CA THR A 55 -17.25 11.34 9.33
C THR A 55 -15.88 11.14 8.70
N LEU A 56 -14.83 11.46 9.44
CA LEU A 56 -13.47 11.29 8.97
C LEU A 56 -12.86 9.97 9.43
N ARG A 57 -13.28 9.47 10.58
CA ARG A 57 -12.74 8.24 11.12
C ARG A 57 -13.61 7.80 12.28
N LYS A 58 -13.74 6.49 12.43
CA LYS A 58 -14.52 5.88 13.50
C LYS A 58 -13.57 5.04 14.34
N TYR A 59 -13.37 5.44 15.59
CA TYR A 59 -12.47 4.75 16.50
C TYR A 59 -13.24 3.80 17.40
N CYS A 60 -12.65 2.64 17.69
CA CYS A 60 -13.25 1.68 18.60
C CYS A 60 -12.72 1.93 20.02
N ILE A 61 -13.63 2.14 20.96
CA ILE A 61 -13.28 2.32 22.35
C ILE A 61 -13.54 1.08 23.19
N GLU A 62 -14.30 0.12 22.69
CA GLU A 62 -14.59 -1.10 23.43
C GLU A 62 -14.85 -2.22 22.43
N ALA A 63 -14.20 -3.35 22.64
CA ALA A 63 -14.29 -4.49 21.74
C ALA A 63 -14.60 -5.75 22.52
N LYS A 64 -14.89 -6.82 21.79
CA LYS A 64 -14.99 -8.15 22.36
C LYS A 64 -14.32 -9.14 21.43
N LEU A 65 -13.60 -10.10 22.00
CA LEU A 65 -12.97 -11.17 21.24
C LEU A 65 -13.84 -12.41 21.30
N THR A 66 -14.14 -12.99 20.15
CA THR A 66 -14.87 -14.24 20.07
C THR A 66 -14.22 -15.10 19.00
N ASN A 67 -14.65 -16.36 18.93
CA ASN A 67 -14.19 -17.28 17.89
C ASN A 67 -12.68 -17.45 17.92
N THR A 68 -12.12 -17.50 19.12
CA THR A 68 -10.68 -17.65 19.27
C THR A 68 -10.24 -19.03 18.79
N THR A 69 -9.13 -19.06 18.06
CA THR A 69 -8.54 -20.31 17.60
C THR A 69 -7.02 -20.15 17.60
N THR A 70 -6.34 -21.29 17.63
CA THR A 70 -4.89 -21.32 17.69
C THR A 70 -4.36 -22.39 16.77
N ALA A 71 -3.14 -22.18 16.28
CA ALA A 71 -2.46 -23.12 15.42
C ALA A 71 -1.00 -23.15 15.79
N SER A 72 -0.36 -24.30 15.58
CA SER A 72 1.05 -24.45 15.87
C SER A 72 1.67 -25.40 14.87
N ARG A 73 2.96 -25.24 14.67
CA ARG A 73 3.75 -26.14 13.84
C ARG A 73 4.98 -26.56 14.62
N CYS A 74 5.51 -27.73 14.28
CA CYS A 74 6.66 -28.25 14.98
C CYS A 74 7.90 -27.42 14.69
N PRO A 75 8.86 -27.40 15.61
CA PRO A 75 10.05 -26.58 15.41
C PRO A 75 10.77 -26.96 14.12
N THR A 76 11.34 -25.96 13.47
CA THR A 76 12.08 -26.03 12.22
C THR A 76 11.16 -26.19 11.01
N GLN A 77 9.85 -26.34 11.20
CA GLN A 77 8.93 -26.61 10.10
C GLN A 77 8.16 -25.37 9.66
N GLY A 78 8.59 -24.19 10.06
CA GLY A 78 7.97 -22.97 9.58
C GLY A 78 6.79 -22.53 10.41
N GLU A 79 6.14 -21.49 9.91
CA GLU A 79 5.04 -20.87 10.61
C GLU A 79 3.80 -21.76 10.56
N PRO A 80 2.96 -21.71 11.59
CA PRO A 80 1.65 -22.36 11.51
C PRO A 80 0.70 -21.54 10.65
N SER A 81 -0.43 -22.16 10.34
CA SER A 81 -1.42 -21.56 9.45
C SER A 81 -2.78 -21.62 10.11
N LEU A 82 -3.51 -20.52 10.05
CA LEU A 82 -4.91 -20.46 10.44
C LEU A 82 -5.72 -19.91 9.28
N ASN A 83 -6.85 -20.55 8.99
CA ASN A 83 -7.76 -20.01 7.98
C ASN A 83 -8.27 -18.63 8.41
N GLU A 84 -8.55 -18.47 9.70
CA GLU A 84 -9.06 -17.19 10.20
C GLU A 84 -8.13 -16.05 9.86
N GLU A 85 -6.83 -16.32 9.78
CA GLU A 85 -5.86 -15.30 9.45
C GLU A 85 -6.06 -14.77 8.04
N GLN A 86 -6.82 -15.50 7.22
CA GLN A 86 -7.27 -14.99 5.93
C GLN A 86 -8.16 -13.76 6.12
N ASP A 87 -9.11 -13.84 7.04
CA ASP A 87 -10.06 -12.77 7.28
C ASP A 87 -9.47 -11.72 8.21
N LYS A 88 -9.65 -10.45 7.86
CA LYS A 88 -9.11 -9.35 8.64
C LYS A 88 -9.99 -8.96 9.82
N ARG A 89 -11.16 -9.58 9.96
CA ARG A 89 -11.93 -9.41 11.19
C ARG A 89 -11.24 -10.02 12.38
N PHE A 90 -10.37 -11.00 12.15
CA PHE A 90 -9.64 -11.67 13.22
C PHE A 90 -8.33 -10.96 13.47
N VAL A 91 -8.07 -10.63 14.72
CA VAL A 91 -6.77 -10.12 15.13
C VAL A 91 -5.89 -11.32 15.48
N CYS A 92 -4.70 -11.36 14.90
CA CYS A 92 -3.82 -12.52 15.00
C CYS A 92 -2.46 -12.09 15.49
N LYS A 93 -1.79 -12.99 16.19
CA LYS A 93 -0.39 -12.80 16.54
C LYS A 93 0.33 -14.13 16.46
N HIS A 94 1.62 -14.06 16.14
CA HIS A 94 2.49 -15.22 16.07
C HIS A 94 3.45 -15.21 17.24
N SER A 95 3.78 -16.38 17.75
CA SER A 95 4.70 -16.52 18.86
C SER A 95 5.43 -17.85 18.74
N MET A 96 6.17 -18.20 19.79
CA MET A 96 6.85 -19.48 19.88
C MET A 96 6.43 -20.17 21.17
N VAL A 97 6.31 -21.49 21.10
CA VAL A 97 6.09 -22.31 22.29
C VAL A 97 7.10 -23.44 22.29
N ASP A 98 7.35 -23.99 23.48
CA ASP A 98 8.17 -25.17 23.61
C ASP A 98 7.37 -26.40 23.20
N ARG A 99 7.94 -27.21 22.32
CA ARG A 99 7.29 -28.41 21.83
C ARG A 99 8.17 -29.62 22.09
N GLY A 100 7.54 -30.78 22.15
CA GLY A 100 8.27 -32.01 22.37
C GLY A 100 7.33 -33.19 22.27
N TRP A 101 7.85 -34.36 22.63
CA TRP A 101 7.04 -35.57 22.57
C TRP A 101 5.79 -35.44 23.45
N GLY A 102 5.92 -34.77 24.60
CA GLY A 102 4.76 -34.54 25.44
C GLY A 102 3.75 -33.59 24.82
N ASN A 103 4.23 -32.50 24.22
CA ASN A 103 3.32 -31.55 23.56
C ASN A 103 2.65 -32.17 22.35
N GLY A 104 3.31 -33.12 21.69
CA GLY A 104 2.64 -33.88 20.66
C GLY A 104 3.18 -33.82 19.25
N CYS A 105 4.49 -33.67 19.05
CA CYS A 105 5.02 -33.98 17.73
C CYS A 105 6.52 -34.26 17.84
N GLY A 106 7.17 -34.35 16.68
CA GLY A 106 8.33 -35.23 16.52
C GLY A 106 9.58 -34.82 17.28
N LEU A 107 9.86 -33.52 17.34
CA LEU A 107 11.16 -33.07 17.81
C LEU A 107 10.99 -31.95 18.84
N PHE A 108 12.10 -31.63 19.51
CA PHE A 108 12.12 -30.70 20.63
C PHE A 108 12.65 -29.35 20.19
N GLY A 109 12.02 -28.30 20.69
CA GLY A 109 12.44 -26.95 20.38
C GLY A 109 11.26 -26.01 20.41
N LYS A 110 11.53 -24.76 20.02
CA LYS A 110 10.52 -23.72 20.01
C LYS A 110 9.67 -23.87 18.75
N GLY A 111 8.43 -24.28 18.92
CA GLY A 111 7.51 -24.34 17.81
C GLY A 111 6.85 -23.00 17.54
N GLY A 112 6.26 -22.88 16.36
CA GLY A 112 5.53 -21.68 16.00
C GLY A 112 4.06 -21.83 16.36
N ILE A 113 3.48 -20.74 16.86
CA ILE A 113 2.09 -20.73 17.27
C ILE A 113 1.45 -19.43 16.80
N VAL A 114 0.24 -19.55 16.26
CA VAL A 114 -0.53 -18.39 15.84
C VAL A 114 -1.91 -18.49 16.46
N THR A 115 -2.29 -17.48 17.24
CA THR A 115 -3.61 -17.38 17.84
C THR A 115 -4.37 -16.22 17.19
N CYS A 116 -5.63 -16.46 16.86
CA CYS A 116 -6.48 -15.46 16.24
C CYS A 116 -7.82 -15.38 16.98
N ALA A 117 -8.43 -14.20 16.94
CA ALA A 117 -9.74 -13.99 17.53
C ALA A 117 -10.50 -12.97 16.69
N MET A 118 -11.82 -13.13 16.63
CA MET A 118 -12.66 -12.22 15.88
C MET A 118 -12.85 -10.94 16.69
N PHE A 119 -12.32 -9.84 16.17
CA PHE A 119 -12.51 -8.54 16.78
C PHE A 119 -13.89 -7.99 16.42
N THR A 120 -14.66 -7.62 17.43
CA THR A 120 -15.94 -6.98 17.22
C THR A 120 -16.00 -5.75 18.12
N CYS A 121 -16.56 -4.68 17.60
CA CYS A 121 -16.55 -3.40 18.29
C CYS A 121 -17.94 -3.16 18.88
N LYS A 122 -17.98 -2.87 20.18
CA LYS A 122 -19.24 -2.60 20.85
C LYS A 122 -19.53 -1.12 21.04
N LYS A 123 -18.51 -0.28 21.12
CA LYS A 123 -18.68 1.15 21.27
C LYS A 123 -17.57 1.85 20.50
N ASN A 124 -17.95 2.87 19.73
CA ASN A 124 -16.98 3.64 18.96
C ASN A 124 -17.23 5.12 19.13
N MET A 125 -16.17 5.90 18.98
CA MET A 125 -16.25 7.34 18.94
C MET A 125 -16.06 7.78 17.50
N GLU A 126 -16.95 8.64 17.01
CA GLU A 126 -16.98 9.05 15.62
C GLU A 126 -16.43 10.46 15.51
N GLY A 127 -15.39 10.63 14.70
CA GLY A 127 -14.84 11.94 14.41
C GLY A 127 -15.43 12.46 13.11
N LYS A 128 -15.94 13.70 13.16
CA LYS A 128 -16.61 14.32 12.02
C LYS A 128 -15.93 15.63 11.68
N ILE A 129 -15.99 16.00 10.41
CA ILE A 129 -15.38 17.23 9.92
C ILE A 129 -16.44 18.06 9.22
N VAL A 130 -16.22 19.36 9.20
CA VAL A 130 -17.14 20.29 8.56
C VAL A 130 -16.35 21.23 7.68
N GLN A 131 -17.02 21.74 6.65
CA GLN A 131 -16.42 22.73 5.76
C GLN A 131 -16.72 24.13 6.28
N PRO A 132 -15.73 25.02 6.26
CA PRO A 132 -15.94 26.36 6.82
C PRO A 132 -17.16 27.07 6.26
N GLU A 133 -17.46 26.88 4.97
CA GLU A 133 -18.65 27.49 4.40
C GLU A 133 -19.93 26.98 5.04
N ASN A 134 -19.87 25.85 5.74
CA ASN A 134 -21.05 25.28 6.35
C ASN A 134 -21.24 25.70 7.81
N LEU A 135 -20.36 26.54 8.33
CA LEU A 135 -20.56 27.10 9.65
C LEU A 135 -21.66 28.17 9.63
N GLU A 136 -22.24 28.40 10.80
CA GLU A 136 -23.32 29.38 10.94
C GLU A 136 -23.31 29.94 12.35
N TYR A 137 -23.09 31.24 12.47
CA TYR A 137 -23.03 31.90 13.77
C TYR A 137 -24.32 32.67 14.02
N THR A 138 -24.95 32.41 15.16
CA THR A 138 -26.10 33.18 15.60
C THR A 138 -25.63 34.29 16.52
N ILE A 139 -25.90 35.53 16.13
CA ILE A 139 -25.55 36.71 16.91
C ILE A 139 -26.85 37.39 17.31
N VAL A 140 -26.99 37.69 18.60
CA VAL A 140 -28.13 38.45 19.09
C VAL A 140 -27.68 39.90 19.26
N ILE A 141 -28.47 40.81 18.71
CA ILE A 141 -28.26 42.24 18.85
C ILE A 141 -29.45 42.80 19.60
N THR A 142 -29.24 43.26 20.82
CA THR A 142 -30.29 43.84 21.64
C THR A 142 -29.99 45.32 21.87
N PRO A 143 -30.86 46.22 21.44
CA PRO A 143 -30.65 47.64 21.74
C PRO A 143 -30.65 47.89 23.24
N HIS A 144 -29.61 48.56 23.72
CA HIS A 144 -29.42 48.81 25.15
C HIS A 144 -30.29 49.98 25.59
N SER A 145 -31.61 49.80 25.39
CA SER A 145 -32.58 50.87 25.56
C SER A 145 -32.99 51.10 27.01
N GLY A 146 -32.99 50.06 27.83
CA GLY A 146 -33.57 50.14 29.15
C GLY A 146 -35.03 49.76 29.21
N GLU A 147 -35.67 49.54 28.07
CA GLU A 147 -37.04 49.05 28.06
C GLU A 147 -37.08 47.64 28.61
N GLU A 148 -37.98 47.40 29.56
CA GLU A 148 -38.04 46.10 30.21
C GLU A 148 -38.27 45.01 29.17
N ASN A 149 -37.42 43.98 29.21
CA ASN A 149 -37.48 42.92 28.22
C ASN A 149 -38.77 42.14 28.34
N ALA A 150 -39.32 41.70 27.20
CA ALA A 150 -40.56 40.96 27.21
C ALA A 150 -40.36 39.58 27.81
N VAL A 151 -41.49 38.94 28.14
CA VAL A 151 -41.46 37.65 28.81
C VAL A 151 -40.62 36.66 28.01
N GLY A 152 -39.69 35.99 28.69
CA GLY A 152 -38.79 35.04 28.09
C GLY A 152 -37.36 35.34 28.48
N ASN A 153 -36.42 34.67 27.83
CA ASN A 153 -34.99 34.86 28.08
C ASN A 153 -34.32 35.67 26.96
N ASP A 154 -35.04 36.66 26.42
CA ASP A 154 -34.55 37.54 25.36
C ASP A 154 -34.53 36.83 24.01
N THR A 155 -35.02 35.60 23.93
CA THR A 155 -35.00 34.86 22.68
C THR A 155 -35.98 35.47 21.67
N GLY A 156 -37.03 36.13 22.16
CA GLY A 156 -38.02 36.74 21.31
C GLY A 156 -38.23 38.22 21.64
N LYS A 157 -38.94 38.89 20.74
CA LYS A 157 -39.28 40.31 20.89
C LYS A 157 -37.97 41.09 20.97
N HIS A 158 -37.71 41.84 22.05
CA HIS A 158 -36.50 42.65 22.12
C HIS A 158 -35.26 41.79 21.94
N GLY A 159 -34.35 42.25 21.10
CA GLY A 159 -33.17 41.47 20.75
C GLY A 159 -33.34 40.78 19.41
N LYS A 160 -32.67 41.31 18.38
CA LYS A 160 -32.80 40.78 17.03
C LYS A 160 -31.66 39.81 16.76
N GLU A 161 -32.00 38.64 16.23
CA GLU A 161 -31.02 37.60 15.95
C GLU A 161 -30.61 37.65 14.47
N ILE A 162 -29.31 37.63 14.23
CA ILE A 162 -28.76 37.62 12.88
C ILE A 162 -27.90 36.37 12.72
N LYS A 163 -28.06 35.68 11.60
CA LYS A 163 -27.26 34.51 11.29
C LYS A 163 -26.14 34.91 10.34
N VAL A 164 -24.90 34.70 10.78
CA VAL A 164 -23.72 35.07 10.02
C VAL A 164 -23.13 33.80 9.44
N THR A 165 -23.16 33.67 8.12
CA THR A 165 -22.59 32.54 7.42
C THR A 165 -21.64 33.06 6.36
N PRO A 166 -20.67 32.24 5.94
CA PRO A 166 -19.72 32.69 4.92
C PRO A 166 -20.33 32.92 3.55
N GLN A 167 -21.58 32.54 3.33
CA GLN A 167 -22.22 32.79 2.04
C GLN A 167 -22.39 34.28 1.78
N SER A 168 -22.80 35.04 2.78
CA SER A 168 -22.98 36.48 2.66
C SER A 168 -22.04 37.18 3.62
N SER A 169 -21.30 38.17 3.10
CA SER A 169 -20.39 38.94 3.92
C SER A 169 -21.06 40.07 4.68
N ILE A 170 -22.23 40.52 4.22
CA ILE A 170 -22.98 41.58 4.89
C ILE A 170 -24.19 40.96 5.56
N THR A 171 -24.25 41.11 6.88
CA THR A 171 -25.42 40.72 7.66
C THR A 171 -26.11 41.99 8.13
N GLU A 172 -27.41 42.07 7.93
CA GLU A 172 -28.17 43.27 8.21
C GLU A 172 -29.33 42.95 9.15
N ALA A 173 -29.56 43.81 10.13
CA ALA A 173 -30.63 43.65 11.10
C ALA A 173 -31.36 44.98 11.26
N GLU A 174 -32.69 44.93 11.29
CA GLU A 174 -33.52 46.10 11.53
C GLU A 174 -33.94 46.09 12.99
N LEU A 175 -33.54 47.12 13.72
CA LEU A 175 -33.98 47.34 15.08
C LEU A 175 -35.02 48.46 15.07
N THR A 176 -36.25 48.14 15.45
CA THR A 176 -37.32 49.12 15.36
C THR A 176 -37.00 50.35 16.21
N GLY A 177 -37.08 51.52 15.59
CA GLY A 177 -36.80 52.76 16.26
C GLY A 177 -35.35 53.16 16.27
N TYR A 178 -34.44 52.26 15.91
CA TYR A 178 -33.02 52.55 15.90
C TYR A 178 -32.40 52.50 14.52
N GLY A 179 -33.14 52.11 13.50
CA GLY A 179 -32.59 52.00 12.18
C GLY A 179 -32.14 50.60 11.84
N THR A 180 -30.98 50.47 11.20
CA THR A 180 -30.44 49.19 10.79
C THR A 180 -28.98 49.09 11.20
N VAL A 181 -28.61 47.93 11.72
CA VAL A 181 -27.23 47.66 12.09
C VAL A 181 -26.67 46.70 11.06
N THR A 182 -25.53 47.05 10.48
CA THR A 182 -24.87 46.20 9.51
C THR A 182 -23.61 45.63 10.15
N MET A 183 -23.46 44.31 10.05
CA MET A 183 -22.28 43.63 10.53
C MET A 183 -21.64 42.90 9.36
N GLU A 184 -20.33 43.02 9.23
CA GLU A 184 -19.56 42.27 8.24
C GLU A 184 -18.58 41.39 9.01
N CYS A 185 -19.07 40.22 9.40
CA CYS A 185 -18.26 39.28 10.15
C CYS A 185 -17.40 38.45 9.21
N SER A 186 -16.47 37.71 9.79
CA SER A 186 -15.56 36.84 9.04
C SER A 186 -15.59 35.46 9.67
N PRO A 187 -16.56 34.63 9.28
CA PRO A 187 -16.60 33.27 9.81
C PRO A 187 -15.71 32.31 9.04
N ARG A 188 -14.51 32.75 8.67
CA ARG A 188 -13.57 31.90 7.96
C ARG A 188 -12.22 31.94 8.66
N THR A 189 -11.93 33.03 9.36
CA THR A 189 -10.73 33.15 10.17
C THR A 189 -11.04 33.04 11.66
N GLY A 190 -12.02 32.22 12.03
CA GLY A 190 -12.37 32.03 13.41
C GLY A 190 -11.72 30.79 13.98
N LEU A 191 -12.46 29.69 14.00
CA LEU A 191 -11.93 28.45 14.57
C LEU A 191 -10.95 27.73 13.65
N ASP A 192 -11.03 27.93 12.34
CA ASP A 192 -10.22 27.19 11.36
C ASP A 192 -10.59 25.70 11.38
N PHE A 193 -11.82 25.43 10.94
CA PHE A 193 -12.41 24.11 11.04
C PHE A 193 -11.75 23.07 10.14
N ASN A 194 -10.91 23.48 9.19
CA ASN A 194 -10.20 22.51 8.37
C ASN A 194 -9.19 21.72 9.19
N GLU A 195 -8.76 22.25 10.33
CA GLU A 195 -7.83 21.59 11.23
C GLU A 195 -8.53 20.95 12.42
N MET A 196 -9.85 20.84 12.38
CA MET A 196 -10.64 20.46 13.55
C MET A 196 -11.48 19.23 13.22
N VAL A 197 -11.56 18.32 14.19
CA VAL A 197 -12.47 17.19 14.13
C VAL A 197 -13.55 17.42 15.18
N LEU A 198 -14.77 17.02 14.86
CA LEU A 198 -15.87 17.01 15.82
C LEU A 198 -15.99 15.58 16.33
N LEU A 199 -15.38 15.33 17.48
CA LEU A 199 -15.34 13.99 18.06
C LEU A 199 -16.47 13.83 19.06
N GLN A 200 -17.36 12.86 18.81
CA GLN A 200 -18.40 12.51 19.77
C GLN A 200 -18.21 11.05 20.16
N MET A 201 -18.36 10.75 21.45
CA MET A 201 -18.12 9.40 21.94
C MET A 201 -19.38 8.71 22.45
N GLU A 202 -20.03 9.29 23.46
CA GLU A 202 -21.22 8.68 24.04
C GLU A 202 -22.01 9.83 24.65
N ASN A 203 -22.97 10.35 23.91
CA ASN A 203 -23.72 11.55 24.30
C ASN A 203 -22.78 12.66 24.79
N LYS A 204 -21.55 12.69 24.28
CA LYS A 204 -20.64 13.79 24.54
C LYS A 204 -19.80 14.04 23.30
N ALA A 205 -19.49 15.30 23.06
CA ALA A 205 -18.73 15.72 21.90
C ALA A 205 -17.65 16.70 22.30
N TRP A 206 -16.58 16.74 21.51
CA TRP A 206 -15.49 17.66 21.75
C TRP A 206 -15.04 18.25 20.43
N LEU A 207 -14.49 19.45 20.50
CA LEU A 207 -13.83 20.07 19.36
C LEU A 207 -12.34 19.81 19.52
N VAL A 208 -11.79 18.97 18.66
CA VAL A 208 -10.44 18.46 18.83
C VAL A 208 -9.60 18.82 17.61
N HIS A 209 -8.30 18.82 17.83
CA HIS A 209 -7.35 19.03 16.74
C HIS A 209 -7.36 17.82 15.81
N ARG A 210 -7.21 18.09 14.51
CA ARG A 210 -7.37 17.04 13.52
C ARG A 210 -6.20 16.06 13.55
N GLN A 211 -4.97 16.58 13.59
CA GLN A 211 -3.81 15.69 13.64
C GLN A 211 -3.79 14.88 14.93
N TRP A 212 -4.10 15.53 16.06
CA TRP A 212 -4.23 14.81 17.31
C TRP A 212 -5.22 13.66 17.19
N PHE A 213 -6.36 13.91 16.56
CA PHE A 213 -7.39 12.89 16.39
C PHE A 213 -6.94 11.78 15.46
N LEU A 214 -6.11 12.10 14.46
CA LEU A 214 -5.60 11.07 13.57
C LEU A 214 -4.45 10.28 14.19
N ASP A 215 -3.84 10.80 15.23
CA ASP A 215 -2.75 10.12 15.92
C ASP A 215 -3.22 9.28 17.10
N LEU A 216 -4.52 9.17 17.33
CA LEU A 216 -5.00 8.42 18.49
C LEU A 216 -4.67 6.94 18.33
N PRO A 217 -4.02 6.32 19.31
CA PRO A 217 -3.66 4.89 19.24
C PRO A 217 -4.81 3.98 19.65
N LEU A 218 -5.83 3.91 18.79
CA LEU A 218 -6.97 3.04 18.96
C LEU A 218 -7.29 2.40 17.62
N PRO A 219 -7.99 1.28 17.61
CA PRO A 219 -8.48 0.73 16.33
C PRO A 219 -9.47 1.68 15.68
N TRP A 220 -9.42 1.76 14.36
CA TRP A 220 -10.21 2.75 13.63
C TRP A 220 -10.77 2.17 12.34
N LEU A 221 -11.79 2.85 11.82
CA LEU A 221 -12.36 2.60 10.51
C LEU A 221 -12.19 3.84 9.65
N PRO A 222 -12.13 3.68 8.32
CA PRO A 222 -11.82 4.82 7.45
C PRO A 222 -12.79 5.98 7.56
N GLY A 223 -14.03 5.74 7.95
CA GLY A 223 -15.06 6.75 7.92
C GLY A 223 -15.98 6.65 6.72
N ALA A 224 -15.50 6.09 5.63
CA ALA A 224 -16.32 5.70 4.48
C ALA A 224 -16.68 4.23 4.51
N ASP A 225 -16.55 3.57 5.66
CA ASP A 225 -16.54 2.12 5.70
C ASP A 225 -17.90 1.52 5.37
N THR A 226 -18.90 1.78 6.20
CA THR A 226 -20.25 1.26 6.01
C THR A 226 -20.39 -0.22 6.39
N GLN A 227 -19.27 -0.88 6.69
CA GLN A 227 -19.29 -2.26 7.18
C GLN A 227 -18.94 -2.37 8.65
N GLY A 228 -18.05 -1.52 9.14
CA GLY A 228 -17.73 -1.50 10.56
C GLY A 228 -17.14 -2.78 11.09
N SER A 229 -16.36 -3.50 10.28
CA SER A 229 -15.75 -4.75 10.71
C SER A 229 -14.26 -4.83 10.47
N ASN A 230 -13.71 -4.05 9.54
CA ASN A 230 -12.30 -4.12 9.19
C ASN A 230 -11.55 -2.98 9.89
N TRP A 231 -11.34 -3.14 11.18
CA TRP A 231 -10.62 -2.15 11.96
C TRP A 231 -9.13 -2.26 11.70
N ILE A 232 -8.44 -1.13 11.79
CA ILE A 232 -7.06 -1.05 11.31
C ILE A 232 -6.06 -1.55 12.35
N GLN A 233 -5.97 -0.88 13.49
CA GLN A 233 -4.98 -1.27 14.49
C GLN A 233 -5.67 -1.89 15.72
N LYS A 234 -6.19 -3.10 15.50
CA LYS A 234 -6.83 -3.83 16.58
C LYS A 234 -5.86 -4.20 17.69
N GLU A 235 -4.57 -4.32 17.36
CA GLU A 235 -3.58 -4.72 18.35
C GLU A 235 -3.44 -3.69 19.47
N THR A 236 -3.93 -2.47 19.27
CA THR A 236 -3.98 -1.49 20.34
C THR A 236 -5.06 -1.79 21.37
N LEU A 237 -6.02 -2.64 21.03
CA LEU A 237 -7.15 -2.92 21.89
C LEU A 237 -7.22 -4.39 22.31
N VAL A 238 -6.11 -5.13 22.17
CA VAL A 238 -6.01 -6.51 22.61
C VAL A 238 -4.59 -6.71 23.14
N THR A 239 -4.43 -7.77 23.94
CA THR A 239 -3.11 -8.16 24.43
C THR A 239 -2.99 -9.68 24.34
N PHE A 240 -1.89 -10.14 23.76
CA PHE A 240 -1.62 -11.57 23.64
C PHE A 240 -0.69 -12.00 24.77
N LYS A 241 -1.01 -13.14 25.38
CA LYS A 241 -0.30 -13.64 26.55
C LYS A 241 0.46 -14.90 26.21
N ASN A 242 1.76 -14.90 26.49
CA ASN A 242 2.59 -16.11 26.46
C ASN A 242 3.46 -16.13 27.70
N PRO A 243 2.86 -16.27 28.89
CA PRO A 243 3.63 -16.08 30.13
C PRO A 243 4.84 -16.99 30.26
N HIS A 244 4.72 -18.28 29.90
CA HIS A 244 5.77 -19.25 30.13
C HIS A 244 6.29 -19.90 28.85
N ALA A 245 6.00 -19.31 27.70
CA ALA A 245 6.33 -19.95 26.42
C ALA A 245 5.75 -21.36 26.37
N LYS A 246 4.56 -21.51 26.94
CA LYS A 246 3.82 -22.76 26.92
C LYS A 246 2.65 -22.73 25.95
N LYS A 247 1.77 -21.73 26.08
CA LYS A 247 0.68 -21.55 25.14
C LYS A 247 0.38 -20.07 25.02
N GLN A 248 -0.20 -19.69 23.88
CA GLN A 248 -0.55 -18.30 23.61
C GLN A 248 -2.04 -18.10 23.75
N ASP A 249 -2.42 -17.02 24.42
CA ASP A 249 -3.81 -16.65 24.55
C ASP A 249 -3.97 -15.17 24.25
N VAL A 250 -5.16 -14.79 23.81
CA VAL A 250 -5.48 -13.41 23.49
C VAL A 250 -6.66 -12.98 24.33
N VAL A 251 -6.50 -11.88 25.07
CA VAL A 251 -7.60 -11.28 25.79
C VAL A 251 -7.82 -9.88 25.24
N VAL A 252 -9.00 -9.34 25.49
CA VAL A 252 -9.40 -8.03 24.99
C VAL A 252 -9.26 -7.01 26.11
N LEU A 253 -8.61 -5.90 25.81
CA LEU A 253 -8.51 -4.82 26.78
C LEU A 253 -9.88 -4.24 27.07
N GLY A 254 -9.99 -3.54 28.20
CA GLY A 254 -11.26 -3.03 28.67
C GLY A 254 -11.69 -1.78 27.95
N SER A 255 -12.87 -1.29 28.34
CA SER A 255 -13.41 -0.08 27.73
C SER A 255 -12.42 1.07 27.84
N GLN A 256 -12.17 1.73 26.72
CA GLN A 256 -11.24 2.85 26.66
C GLN A 256 -11.93 4.19 26.86
N GLU A 257 -13.18 4.19 27.34
CA GLU A 257 -13.91 5.44 27.48
C GLU A 257 -13.26 6.37 28.49
N GLY A 258 -12.87 5.86 29.66
CA GLY A 258 -12.26 6.71 30.66
C GLY A 258 -10.88 7.20 30.26
N ALA A 259 -10.10 6.34 29.64
CA ALA A 259 -8.80 6.76 29.14
C ALA A 259 -8.95 7.83 28.06
N MET A 260 -10.02 7.75 27.26
CA MET A 260 -10.25 8.78 26.26
C MET A 260 -10.76 10.07 26.88
N HIS A 261 -11.54 9.96 27.96
CA HIS A 261 -11.93 11.14 28.72
C HIS A 261 -10.71 11.84 29.30
N THR A 262 -9.72 11.06 29.74
CA THR A 262 -8.47 11.65 30.19
C THR A 262 -7.68 12.25 29.03
N ALA A 263 -7.71 11.59 27.87
CA ALA A 263 -7.02 12.10 26.69
C ALA A 263 -7.61 13.41 26.20
N LEU A 264 -8.89 13.65 26.46
CA LEU A 264 -9.57 14.84 26.01
C LEU A 264 -9.43 16.01 26.98
N THR A 265 -8.37 16.03 27.78
CA THR A 265 -8.28 16.94 28.90
C THR A 265 -8.36 18.40 28.47
N GLY A 266 -7.63 18.76 27.41
CA GLY A 266 -7.62 20.14 26.98
C GLY A 266 -8.59 20.50 25.89
N ALA A 267 -9.29 19.52 25.31
CA ALA A 267 -10.27 19.82 24.29
C ALA A 267 -11.47 20.52 24.91
N THR A 268 -12.22 21.24 24.08
CA THR A 268 -13.41 21.96 24.52
C THR A 268 -14.64 21.15 24.16
N GLU A 269 -15.53 20.98 25.14
CA GLU A 269 -16.72 20.17 24.94
C GLU A 269 -17.76 20.92 24.13
N ILE A 270 -18.39 20.22 23.20
CA ILE A 270 -19.42 20.77 22.34
C ILE A 270 -20.65 19.87 22.43
N GLN A 271 -21.69 20.23 21.69
CA GLN A 271 -22.89 19.43 21.57
C GLN A 271 -22.98 18.87 20.16
N MET A 272 -23.28 17.58 20.06
CA MET A 272 -23.41 16.92 18.76
C MET A 272 -24.69 16.09 18.66
N SER A 273 -25.52 16.07 19.69
CA SER A 273 -26.73 15.26 19.66
C SER A 273 -27.77 15.87 18.72
N SER A 274 -28.27 17.06 19.04
CA SER A 274 -29.25 17.74 18.21
C SER A 274 -28.51 18.77 17.34
N GLY A 275 -27.83 18.27 16.32
CA GLY A 275 -27.08 19.13 15.44
C GLY A 275 -25.72 19.46 16.01
N ASN A 276 -24.79 19.87 15.16
CA ASN A 276 -23.42 20.14 15.58
C ASN A 276 -23.32 21.62 15.95
N LEU A 277 -23.85 21.94 17.13
CA LEU A 277 -23.88 23.30 17.62
C LEU A 277 -22.93 23.42 18.80
N LEU A 278 -21.92 24.25 18.66
CA LEU A 278 -20.91 24.46 19.69
C LEU A 278 -20.97 25.87 20.22
N PHE A 279 -20.35 26.07 21.39
CA PHE A 279 -20.45 27.32 22.13
C PHE A 279 -19.09 27.76 22.61
N THR A 280 -18.08 27.59 21.77
CA THR A 280 -16.74 28.08 22.02
C THR A 280 -16.23 28.78 20.77
N GLY A 281 -15.42 29.80 20.98
CA GLY A 281 -14.77 30.50 19.88
C GLY A 281 -15.30 31.92 19.71
N HIS A 282 -14.70 32.61 18.75
CA HIS A 282 -14.97 34.01 18.52
C HIS A 282 -15.38 34.25 17.07
N LEU A 283 -15.68 35.51 16.78
CA LEU A 283 -16.14 35.92 15.45
C LEU A 283 -15.81 37.39 15.29
N LYS A 284 -14.79 37.71 14.50
CA LYS A 284 -14.45 39.11 14.22
C LYS A 284 -15.48 39.71 13.29
N CYS A 285 -16.10 40.81 13.71
CA CYS A 285 -17.10 41.50 12.93
C CYS A 285 -16.78 42.97 12.83
N ARG A 286 -17.11 43.56 11.67
CA ARG A 286 -17.06 45.00 11.48
C ARG A 286 -18.49 45.51 11.64
N LEU A 287 -18.67 46.37 12.62
CA LEU A 287 -19.99 46.91 12.95
C LEU A 287 -20.15 48.24 12.22
N ARG A 288 -21.23 48.38 11.45
CA ARG A 288 -21.48 49.59 10.69
C ARG A 288 -22.68 50.31 11.30
N MET A 289 -22.44 51.48 11.88
CA MET A 289 -23.46 52.26 12.56
C MET A 289 -24.01 53.38 11.67
N ASP A 290 -23.81 53.29 10.36
CA ASP A 290 -24.22 54.37 9.47
C ASP A 290 -25.70 54.66 9.58
N LYS A 291 -26.53 53.63 9.57
CA LYS A 291 -27.98 53.77 9.58
C LYS A 291 -28.58 53.48 10.94
N LEU A 292 -27.84 53.77 12.00
CA LEU A 292 -28.31 53.60 13.37
C LEU A 292 -28.61 54.97 13.94
N GLN A 293 -29.77 55.10 14.58
CA GLN A 293 -30.20 56.37 15.13
C GLN A 293 -30.82 56.14 16.50
N LEU A 294 -30.71 57.14 17.36
CA LEU A 294 -31.33 57.08 18.67
C LEU A 294 -32.85 57.04 18.51
N LYS A 295 -33.50 56.29 19.39
CA LYS A 295 -34.93 56.10 19.33
C LYS A 295 -35.63 57.03 20.31
N GLY A 296 -36.73 57.64 19.86
CA GLY A 296 -37.49 58.52 20.71
C GLY A 296 -36.95 59.93 20.81
N MET A 297 -36.07 60.34 19.90
CA MET A 297 -35.51 61.68 19.96
C MET A 297 -36.55 62.77 19.69
N SER A 298 -37.70 62.41 19.14
CA SER A 298 -38.77 63.37 18.91
C SER A 298 -39.65 63.59 20.13
N TYR A 299 -39.45 62.82 21.19
CA TYR A 299 -40.26 62.95 22.39
C TYR A 299 -39.79 64.12 23.24
N SER A 300 -40.68 64.60 24.09
CA SER A 300 -40.34 65.65 25.04
C SER A 300 -39.90 65.05 26.36
N MET A 301 -39.20 65.85 27.15
CA MET A 301 -38.77 65.40 28.46
C MET A 301 -39.99 65.15 29.35
N CYS A 302 -39.85 64.19 30.26
CA CYS A 302 -40.93 63.85 31.17
C CYS A 302 -41.09 64.93 32.22
N THR A 303 -42.33 65.37 32.44
CA THR A 303 -42.66 66.31 33.50
C THR A 303 -43.53 65.56 34.51
N GLY A 304 -42.86 64.89 35.44
CA GLY A 304 -43.57 64.05 36.38
C GLY A 304 -42.57 63.34 37.26
N LYS A 305 -43.08 62.82 38.37
CA LYS A 305 -42.23 62.21 39.38
C LYS A 305 -41.81 60.81 38.96
N PHE A 306 -40.55 60.49 39.19
CA PHE A 306 -40.02 59.15 39.02
C PHE A 306 -39.76 58.55 40.38
N LYS A 307 -40.19 57.31 40.58
CA LYS A 307 -39.89 56.57 41.80
C LYS A 307 -38.98 55.41 41.46
N VAL A 308 -37.91 55.24 42.25
CA VAL A 308 -36.98 54.14 42.09
C VAL A 308 -37.67 52.89 42.62
N VAL A 309 -38.07 51.99 41.72
CA VAL A 309 -38.73 50.76 42.14
C VAL A 309 -37.71 49.73 42.62
N LYS A 310 -36.58 49.63 41.95
CA LYS A 310 -35.49 48.74 42.33
C LYS A 310 -34.27 49.57 42.66
N GLU A 311 -33.69 49.34 43.84
CA GLU A 311 -32.63 50.20 44.32
C GLU A 311 -31.39 50.11 43.43
N ILE A 312 -30.64 51.19 43.37
CA ILE A 312 -29.47 51.24 42.49
C ILE A 312 -28.56 50.06 42.80
N ALA A 313 -28.18 49.34 41.77
CA ALA A 313 -27.32 48.17 41.90
C ALA A 313 -26.03 48.40 41.13
N GLU A 314 -24.90 48.20 41.80
CA GLU A 314 -23.62 48.24 41.12
C GLU A 314 -23.43 46.97 40.30
N THR A 315 -23.04 47.15 39.04
CA THR A 315 -22.78 46.02 38.15
C THR A 315 -21.34 45.54 38.34
N GLN A 316 -21.06 44.36 37.78
CA GLN A 316 -19.71 43.82 37.85
C GLN A 316 -18.70 44.66 37.10
N HIS A 317 -19.17 45.61 36.27
CA HIS A 317 -18.31 46.31 35.33
C HIS A 317 -18.16 47.79 35.65
N GLY A 318 -18.21 48.15 36.93
CA GLY A 318 -18.05 49.53 37.32
C GLY A 318 -19.17 50.43 36.85
N THR A 319 -20.35 49.88 36.63
CA THR A 319 -21.51 50.65 36.21
C THR A 319 -22.65 50.39 37.18
N ILE A 320 -23.61 51.30 37.19
CA ILE A 320 -24.78 51.21 38.04
C ILE A 320 -26.02 51.11 37.17
N VAL A 321 -26.98 50.29 37.59
CA VAL A 321 -28.25 50.14 36.93
C VAL A 321 -29.34 50.48 37.93
N ILE A 322 -30.26 51.35 37.53
CA ILE A 322 -31.36 51.79 38.39
C ILE A 322 -32.66 51.60 37.64
N ARG A 323 -33.64 51.00 38.32
CA ARG A 323 -34.96 50.81 37.74
C ARG A 323 -35.89 51.87 38.28
N VAL A 324 -36.56 52.60 37.38
CA VAL A 324 -37.42 53.71 37.75
C VAL A 324 -38.79 53.52 37.14
N GLN A 325 -39.77 54.19 37.73
CA GLN A 325 -41.15 54.13 37.30
C GLN A 325 -41.68 55.55 37.15
N TYR A 326 -42.57 55.75 36.19
CA TYR A 326 -43.12 57.07 35.88
C TYR A 326 -44.54 57.17 36.38
N GLU A 327 -44.86 58.30 37.02
CA GLU A 327 -46.21 58.56 37.50
C GLU A 327 -46.88 59.74 36.81
N GLY A 328 -46.18 60.46 35.95
CA GLY A 328 -46.69 61.67 35.35
C GLY A 328 -47.47 61.43 34.08
N ASP A 329 -47.68 62.51 33.33
CA ASP A 329 -48.42 62.50 32.09
C ASP A 329 -47.46 62.60 30.90
N GLY A 330 -48.02 62.54 29.70
CA GLY A 330 -47.21 62.50 28.50
C GLY A 330 -46.43 61.20 28.43
N SER A 331 -47.15 60.09 28.27
CA SER A 331 -46.61 58.76 28.51
C SER A 331 -45.25 58.58 27.87
N PRO A 332 -45.14 58.65 26.53
CA PRO A 332 -43.83 58.44 25.89
C PRO A 332 -43.00 59.71 25.94
N CYS A 333 -41.99 59.71 26.81
CA CYS A 333 -41.19 60.91 27.02
C CYS A 333 -39.78 60.52 27.40
N LYS A 334 -38.89 61.50 27.41
CA LYS A 334 -37.49 61.28 27.73
C LYS A 334 -37.28 61.46 29.23
N ILE A 335 -36.69 60.44 29.86
CA ILE A 335 -36.39 60.51 31.28
C ILE A 335 -35.27 61.52 31.47
N PRO A 336 -35.48 62.60 32.24
CA PRO A 336 -34.37 63.51 32.53
C PRO A 336 -33.38 62.91 33.50
N PHE A 337 -32.20 62.57 33.02
CA PHE A 337 -31.23 61.79 33.77
C PHE A 337 -29.87 62.47 33.71
N GLU A 338 -29.18 62.52 34.85
CA GLU A 338 -27.83 63.07 34.90
C GLU A 338 -27.11 62.51 36.10
N ILE A 339 -25.79 62.44 35.99
CA ILE A 339 -24.92 62.12 37.11
C ILE A 339 -24.03 63.34 37.33
N MET A 340 -24.18 63.98 38.47
CA MET A 340 -23.51 65.25 38.74
C MET A 340 -22.76 65.16 40.06
N ASP A 341 -22.16 66.27 40.46
CA ASP A 341 -21.51 66.36 41.74
C ASP A 341 -22.53 66.85 42.78
N LEU A 342 -22.08 66.97 44.03
CA LEU A 342 -23.00 67.35 45.11
C LEU A 342 -23.70 68.67 44.79
N GLU A 343 -22.97 69.64 44.27
CA GLU A 343 -23.52 70.96 44.00
C GLU A 343 -24.33 71.02 42.72
N LYS A 344 -24.39 69.92 41.97
CA LYS A 344 -25.10 69.87 40.70
C LYS A 344 -24.58 70.93 39.73
N ARG A 345 -23.26 71.11 39.75
CA ARG A 345 -22.58 72.07 38.89
C ARG A 345 -21.86 71.39 37.72
N HIS A 346 -21.22 70.26 37.98
CA HIS A 346 -20.49 69.52 36.96
C HIS A 346 -21.18 68.18 36.69
N VAL A 347 -21.13 67.77 35.42
CA VAL A 347 -21.54 66.43 35.03
C VAL A 347 -20.33 65.53 35.16
N LEU A 348 -20.46 64.47 35.96
CA LEU A 348 -19.34 63.59 36.28
C LEU A 348 -19.40 62.24 35.62
N GLY A 349 -20.58 61.75 35.25
CA GLY A 349 -20.69 60.42 34.74
C GLY A 349 -21.48 60.32 33.43
N ARG A 350 -21.20 59.26 32.68
CA ARG A 350 -21.78 59.04 31.37
C ARG A 350 -22.93 58.05 31.48
N LEU A 351 -24.03 58.35 30.79
CA LEU A 351 -25.16 57.44 30.74
C LEU A 351 -24.91 56.39 29.67
N ILE A 352 -24.94 55.11 30.05
CA ILE A 352 -24.73 54.05 29.08
C ILE A 352 -26.01 53.77 28.31
N THR A 353 -27.14 53.69 29.01
CA THR A 353 -28.45 53.62 28.36
C THR A 353 -28.80 55.01 27.84
N VAL A 354 -28.20 55.35 26.70
CA VAL A 354 -28.41 56.68 26.14
C VAL A 354 -29.87 56.88 25.78
N ASN A 355 -30.35 58.11 25.91
CA ASN A 355 -31.71 58.49 25.57
C ASN A 355 -32.76 57.60 26.23
N PRO A 356 -32.73 57.48 27.56
CA PRO A 356 -33.80 56.72 28.24
C PRO A 356 -35.14 57.38 28.04
N ILE A 357 -36.18 56.56 27.88
CA ILE A 357 -37.52 57.06 27.61
C ILE A 357 -38.52 56.08 28.20
N VAL A 358 -39.62 56.62 28.71
CA VAL A 358 -40.70 55.82 29.28
C VAL A 358 -41.77 55.70 28.19
N THR A 359 -41.87 54.51 27.60
CA THR A 359 -42.84 54.30 26.53
C THR A 359 -44.27 54.30 27.07
N GLU A 360 -44.51 53.57 28.15
CA GLU A 360 -45.80 53.58 28.80
C GLU A 360 -45.60 53.85 30.29
N LYS A 361 -46.61 54.47 30.90
CA LYS A 361 -46.50 54.88 32.29
C LYS A 361 -46.28 53.68 33.21
N ASP A 362 -46.99 52.58 32.98
CA ASP A 362 -46.91 51.44 33.88
C ASP A 362 -45.52 50.81 33.89
N SER A 363 -44.91 50.66 32.73
CA SER A 363 -43.69 49.87 32.59
C SER A 363 -42.50 50.61 33.18
N PRO A 364 -41.76 49.98 34.09
CA PRO A 364 -40.51 50.59 34.56
C PRO A 364 -39.44 50.54 33.50
N VAL A 365 -38.39 51.33 33.71
CA VAL A 365 -37.29 51.43 32.76
C VAL A 365 -35.99 51.24 33.52
N ASN A 366 -35.17 50.30 33.05
CA ASN A 366 -33.85 50.07 33.62
C ASN A 366 -32.87 51.02 32.95
N ILE A 367 -32.30 51.94 33.71
CA ILE A 367 -31.28 52.83 33.20
C ILE A 367 -29.94 52.34 33.71
N GLU A 368 -28.98 52.22 32.82
CA GLU A 368 -27.60 51.95 33.19
C GLU A 368 -26.78 53.20 32.98
N ALA A 369 -25.91 53.51 33.94
CA ALA A 369 -25.01 54.63 33.85
C ALA A 369 -23.66 54.21 34.40
N GLU A 370 -22.64 54.98 34.07
CA GLU A 370 -21.28 54.73 34.57
C GLU A 370 -20.84 55.90 35.42
N PRO A 371 -20.97 55.82 36.74
CA PRO A 371 -20.58 56.93 37.61
C PRO A 371 -19.07 57.04 37.72
N PRO A 372 -18.56 58.15 38.22
CA PRO A 372 -17.13 58.29 38.43
C PRO A 372 -16.68 57.71 39.76
N PHE A 373 -15.38 57.48 39.86
CA PHE A 373 -14.81 56.98 41.10
C PHE A 373 -14.99 57.99 42.21
N GLY A 374 -15.78 57.62 43.22
CA GLY A 374 -16.01 58.46 44.39
C GLY A 374 -17.48 58.81 44.53
N ASP A 375 -17.74 60.02 44.98
CA ASP A 375 -19.10 60.48 45.25
C ASP A 375 -19.73 61.02 43.98
N SER A 376 -20.94 60.57 43.69
CA SER A 376 -21.72 61.10 42.59
C SER A 376 -23.19 61.01 42.97
N TYR A 377 -24.00 61.79 42.27
CA TYR A 377 -25.43 61.85 42.57
C TYR A 377 -26.21 61.70 41.28
N ILE A 378 -27.16 60.77 41.28
CA ILE A 378 -27.94 60.44 40.09
C ILE A 378 -29.23 61.25 40.15
N ILE A 379 -29.30 62.27 39.31
CA ILE A 379 -30.44 63.18 39.27
C ILE A 379 -31.45 62.64 38.26
N ILE A 380 -32.71 62.57 38.65
CA ILE A 380 -33.74 61.95 37.84
C ILE A 380 -35.03 62.76 37.95
N GLY A 381 -35.44 63.38 36.85
CA GLY A 381 -36.67 64.13 36.80
C GLY A 381 -36.45 65.63 36.95
N VAL A 382 -37.54 66.37 36.79
CA VAL A 382 -37.54 67.82 36.97
C VAL A 382 -37.68 68.15 38.44
N GLU A 383 -37.48 69.43 38.79
CA GLU A 383 -37.34 69.81 40.19
C GLU A 383 -38.47 69.35 41.10
N PRO A 384 -39.74 69.43 40.72
CA PRO A 384 -40.80 68.97 41.64
C PRO A 384 -40.78 67.45 41.74
N GLY A 385 -40.31 66.95 42.88
CA GLY A 385 -40.15 65.53 43.08
C GLY A 385 -38.88 64.95 42.54
N GLN A 386 -37.95 65.78 42.09
CA GLN A 386 -36.73 65.28 41.46
C GLN A 386 -35.96 64.37 42.40
N LEU A 387 -35.53 63.23 41.88
CA LEU A 387 -34.74 62.30 42.66
C LEU A 387 -33.27 62.68 42.63
N LYS A 388 -32.62 62.60 43.78
CA LYS A 388 -31.18 62.84 43.91
C LYS A 388 -30.62 61.70 44.73
N LEU A 389 -30.05 60.72 44.06
CA LEU A 389 -29.62 59.46 44.67
C LEU A 389 -28.10 59.41 44.70
N SER A 390 -27.54 59.37 45.90
CA SER A 390 -26.09 59.38 46.05
C SER A 390 -25.51 58.02 45.72
N TRP A 391 -24.23 58.01 45.38
CA TRP A 391 -23.54 56.78 45.02
C TRP A 391 -22.04 56.97 45.26
N PHE A 392 -21.39 55.88 45.67
CA PHE A 392 -19.94 55.87 45.84
C PHE A 392 -19.36 54.70 45.05
N LYS A 393 -18.40 55.01 44.18
CA LYS A 393 -17.91 54.01 43.23
C LYS A 393 -16.96 53.01 43.89
N LYS A 394 -16.11 53.46 44.80
CA LYS A 394 -15.17 52.55 45.47
C LYS A 394 -14.18 51.95 44.47
N GLY A 395 -13.35 52.83 43.93
CA GLY A 395 -12.29 52.41 43.05
C GLY A 395 -11.31 53.52 42.80
N SER A 396 -10.49 53.33 41.77
CA SER A 396 -9.54 54.36 41.36
C SER A 396 -9.36 54.30 39.85
N SER A 397 -8.97 55.44 39.27
CA SER A 397 -8.64 55.46 37.85
C SER A 397 -7.40 54.63 37.56
N ILE A 398 -6.40 54.70 38.44
CA ILE A 398 -5.22 53.85 38.27
C ILE A 398 -5.62 52.38 38.38
N GLY A 399 -6.50 52.05 39.32
CA GLY A 399 -6.95 50.68 39.46
C GLY A 399 -7.62 50.16 38.21
N GLN A 400 -8.50 50.97 37.61
CA GLN A 400 -9.16 50.51 36.40
C GLN A 400 -8.21 50.51 35.22
N MET A 401 -7.21 51.39 35.20
CA MET A 401 -6.21 51.36 34.14
C MET A 401 -5.43 50.06 34.18
N PHE A 402 -4.99 49.66 35.37
CA PHE A 402 -4.31 48.38 35.52
C PHE A 402 -5.24 47.21 35.20
N GLU A 403 -6.50 47.28 35.62
CA GLU A 403 -7.44 46.22 35.35
C GLU A 403 -7.71 46.07 33.86
N THR A 404 -7.81 47.19 33.13
CA THR A 404 -8.04 47.14 31.70
C THR A 404 -6.80 46.66 30.96
N THR A 405 -5.62 47.03 31.45
CA THR A 405 -4.40 46.47 30.90
C THR A 405 -4.36 44.96 31.06
N MET A 406 -4.76 44.46 32.23
CA MET A 406 -4.82 43.01 32.44
C MET A 406 -5.86 42.36 31.54
N ARG A 407 -7.01 43.01 31.35
CA ARG A 407 -8.03 42.46 30.46
C ARG A 407 -7.52 42.37 29.03
N GLY A 408 -6.82 43.42 28.56
CA GLY A 408 -6.25 43.39 27.22
C GLY A 408 -5.16 42.35 27.07
N ALA A 409 -4.32 42.20 28.10
CA ALA A 409 -3.30 41.17 28.06
C ALA A 409 -3.92 39.78 27.98
N LYS A 410 -4.98 39.54 28.75
CA LYS A 410 -5.67 38.25 28.67
C LYS A 410 -6.32 38.06 27.31
N ARG A 411 -6.85 39.13 26.72
CA ARG A 411 -7.44 39.02 25.39
C ARG A 411 -6.39 38.66 24.35
N MET A 412 -5.21 39.26 24.45
CA MET A 412 -4.11 38.87 23.57
C MET A 412 -3.72 37.42 23.79
N ALA A 413 -3.77 36.96 25.04
CA ALA A 413 -3.44 35.56 25.32
C ALA A 413 -4.47 34.61 24.75
N ILE A 414 -5.70 35.05 24.54
CA ILE A 414 -6.78 34.20 24.04
C ILE A 414 -6.96 34.36 22.53
N LEU A 415 -6.97 35.60 22.05
CA LEU A 415 -7.25 35.87 20.65
C LEU A 415 -6.02 35.94 19.78
N GLY A 416 -4.83 35.86 20.36
CA GLY A 416 -3.63 35.99 19.56
C GLY A 416 -3.58 37.35 18.89
N ASP A 417 -3.40 37.35 17.57
CA ASP A 417 -3.36 38.59 16.81
C ASP A 417 -4.74 39.16 16.54
N THR A 418 -5.80 38.38 16.75
CA THR A 418 -7.16 38.89 16.60
C THR A 418 -7.55 39.86 17.70
N ALA A 419 -6.73 39.99 18.74
CA ALA A 419 -7.00 40.95 19.80
C ALA A 419 -6.92 42.38 19.27
N TRP A 420 -5.98 42.64 18.36
CA TRP A 420 -5.84 43.97 17.79
C TRP A 420 -7.07 44.37 17.00
N ASP A 421 -7.86 43.41 16.54
CA ASP A 421 -9.11 43.74 15.86
C ASP A 421 -10.19 44.22 16.80
N PHE A 422 -9.97 44.13 18.11
CA PHE A 422 -11.02 44.45 19.06
C PHE A 422 -11.10 45.95 19.28
N GLY A 423 -12.24 46.54 18.96
CA GLY A 423 -12.40 47.97 19.09
C GLY A 423 -11.42 48.78 18.27
N SER A 424 -11.05 48.28 17.10
CA SER A 424 -10.09 48.94 16.24
C SER A 424 -10.84 49.81 15.24
N LEU A 425 -10.46 51.07 15.17
CA LEU A 425 -11.03 52.02 14.20
C LEU A 425 -10.13 52.18 12.99
N GLY A 426 -9.67 51.07 12.42
CA GLY A 426 -8.81 51.12 11.25
C GLY A 426 -7.54 51.93 11.42
N GLY A 427 -6.91 51.83 12.59
CA GLY A 427 -5.71 52.61 12.84
C GLY A 427 -4.48 52.05 12.16
N VAL A 428 -3.44 52.88 12.11
CA VAL A 428 -2.16 52.46 11.55
C VAL A 428 -1.29 51.80 12.61
N PHE A 429 -1.27 52.35 13.82
CA PHE A 429 -0.58 51.71 14.93
C PHE A 429 -1.14 50.31 15.17
N THR A 430 -2.47 50.17 15.13
CA THR A 430 -3.06 48.85 15.32
C THR A 430 -2.63 47.91 14.20
N SER A 431 -2.52 48.41 12.98
CA SER A 431 -2.11 47.56 11.87
C SER A 431 -0.69 47.04 12.05
N ILE A 432 0.23 47.94 12.41
CA ILE A 432 1.61 47.53 12.62
C ILE A 432 1.72 46.59 13.81
N GLY A 433 0.99 46.90 14.89
CA GLY A 433 0.98 46.01 16.03
C GLY A 433 0.44 44.64 15.69
N LYS A 434 -0.58 44.57 14.86
CA LYS A 434 -1.15 43.29 14.48
C LYS A 434 -0.19 42.51 13.60
N ALA A 435 0.53 43.18 12.70
CA ALA A 435 1.51 42.48 11.87
C ALA A 435 2.65 41.92 12.72
N LEU A 436 3.18 42.74 13.63
CA LEU A 436 4.22 42.24 14.53
C LEU A 436 3.70 41.09 15.38
N HIS A 437 2.46 41.20 15.85
CA HIS A 437 1.88 40.11 16.63
C HIS A 437 1.74 38.85 15.78
N GLN A 438 1.38 39.00 14.51
CA GLN A 438 1.25 37.82 13.66
C GLN A 438 2.59 37.11 13.53
N VAL A 439 3.66 37.85 13.28
CA VAL A 439 4.96 37.20 13.13
C VAL A 439 5.41 36.56 14.44
N PHE A 440 5.30 37.32 15.54
CA PHE A 440 5.76 36.82 16.83
C PHE A 440 4.94 35.61 17.28
N GLY A 441 3.62 35.65 17.08
CA GLY A 441 2.79 34.54 17.45
C GLY A 441 2.98 33.32 16.57
N ALA A 442 3.30 33.53 15.29
CA ALA A 442 3.67 32.40 14.44
C ALA A 442 4.91 31.71 15.00
N ILE A 443 5.93 32.49 15.33
CA ILE A 443 7.15 31.90 15.88
C ILE A 443 6.86 31.22 17.21
N TYR A 444 6.07 31.87 18.07
CA TYR A 444 5.76 31.31 19.38
C TYR A 444 4.94 30.02 19.26
N GLY A 445 3.96 29.99 18.36
CA GLY A 445 3.17 28.79 18.17
C GLY A 445 3.97 27.66 17.59
N ALA A 446 4.93 27.96 16.73
CA ALA A 446 5.84 26.92 16.28
C ALA A 446 6.67 26.38 17.44
N ALA A 447 7.18 27.28 18.28
CA ALA A 447 8.10 26.86 19.33
C ALA A 447 7.42 26.23 20.53
N PHE A 448 6.11 26.39 20.69
CA PHE A 448 5.45 25.96 21.92
C PHE A 448 4.24 25.07 21.69
N SER A 449 4.00 24.61 20.47
CA SER A 449 2.88 23.72 20.22
C SER A 449 3.11 22.39 20.93
N GLY A 450 2.05 21.86 21.53
CA GLY A 450 2.10 20.56 22.15
C GLY A 450 2.83 20.48 23.47
N VAL A 451 3.17 21.61 24.08
CA VAL A 451 3.79 21.62 25.40
C VAL A 451 2.75 22.06 26.42
N SER A 452 2.92 21.59 27.64
CA SER A 452 1.99 21.90 28.72
C SER A 452 2.34 23.23 29.39
N TRP A 453 1.46 23.66 30.28
CA TRP A 453 1.67 24.92 30.98
C TRP A 453 2.84 24.84 31.95
N THR A 454 3.06 23.66 32.55
CA THR A 454 4.27 23.46 33.35
C THR A 454 5.52 23.54 32.49
N MET A 455 5.45 22.98 31.28
CA MET A 455 6.58 23.09 30.37
C MET A 455 6.80 24.54 29.96
N LYS A 456 5.72 25.29 29.74
CA LYS A 456 5.85 26.70 29.42
C LYS A 456 6.48 27.47 30.59
N ILE A 457 6.09 27.13 31.82
CA ILE A 457 6.68 27.79 32.98
C ILE A 457 8.17 27.49 33.06
N LEU A 458 8.55 26.22 32.87
CA LEU A 458 9.97 25.86 32.92
C LEU A 458 10.75 26.59 31.83
N ILE A 459 10.21 26.61 30.60
CA ILE A 459 10.90 27.26 29.51
C ILE A 459 11.01 28.76 29.75
N GLY A 460 9.94 29.38 30.25
CA GLY A 460 9.99 30.80 30.53
C GLY A 460 11.02 31.14 31.60
N VAL A 461 11.08 30.33 32.66
CA VAL A 461 12.08 30.55 33.70
C VAL A 461 13.48 30.41 33.11
N VAL A 462 13.69 29.38 32.29
CA VAL A 462 15.02 29.16 31.71
C VAL A 462 15.41 30.32 30.81
N ILE A 463 14.48 30.79 29.97
CA ILE A 463 14.81 31.86 29.03
C ILE A 463 15.03 33.17 29.78
N THR A 464 14.24 33.43 30.83
CA THR A 464 14.47 34.61 31.64
C THR A 464 15.85 34.57 32.28
N TRP A 465 16.26 33.41 32.79
CA TRP A 465 17.58 33.31 33.39
C TRP A 465 18.67 33.50 32.35
N ILE A 466 18.49 32.92 31.16
CA ILE A 466 19.48 33.09 30.11
C ILE A 466 19.63 34.56 29.73
N GLY A 467 18.50 35.28 29.65
CA GLY A 467 18.57 36.69 29.37
C GLY A 467 19.21 37.49 30.49
N MET A 468 18.87 37.17 31.74
CA MET A 468 19.45 37.89 32.87
C MET A 468 20.95 37.71 32.92
N ASN A 469 21.44 36.50 32.72
CA ASN A 469 22.87 36.22 32.74
C ASN A 469 23.48 36.30 31.35
N SER A 470 23.25 37.42 30.68
CA SER A 470 23.75 37.66 29.33
C SER A 470 24.58 38.93 29.33
N ARG A 471 25.67 38.92 28.57
CA ARG A 471 26.53 40.09 28.49
C ARG A 471 25.92 41.17 27.61
N SER A 472 25.20 40.77 26.56
CA SER A 472 24.63 41.73 25.62
C SER A 472 23.33 42.29 26.18
N THR A 473 23.30 43.61 26.40
CA THR A 473 22.12 44.23 26.99
C THR A 473 20.91 44.08 26.08
N SER A 474 21.10 44.23 24.77
CA SER A 474 19.98 44.05 23.84
C SER A 474 19.46 42.62 23.90
N LEU A 475 20.36 41.64 23.82
CA LEU A 475 19.95 40.26 23.96
C LEU A 475 19.38 39.99 25.34
N SER A 476 19.96 40.61 26.37
CA SER A 476 19.41 40.49 27.72
C SER A 476 17.96 40.93 27.76
N VAL A 477 17.68 42.12 27.23
CA VAL A 477 16.32 42.65 27.25
C VAL A 477 15.38 41.76 26.44
N SER A 478 15.83 41.34 25.26
CA SER A 478 15.00 40.49 24.41
C SER A 478 14.64 39.19 25.12
N LEU A 479 15.63 38.53 25.70
CA LEU A 479 15.40 37.25 26.35
C LEU A 479 14.53 37.41 27.59
N VAL A 480 14.75 38.46 28.37
CA VAL A 480 13.93 38.68 29.55
C VAL A 480 12.48 38.92 29.15
N LEU A 481 12.26 39.72 28.10
CA LEU A 481 10.89 39.95 27.64
C LEU A 481 10.24 38.67 27.15
N VAL A 482 10.98 37.88 26.36
CA VAL A 482 10.40 36.63 25.85
C VAL A 482 10.08 35.69 27.00
N GLY A 483 10.98 35.58 27.98
CA GLY A 483 10.71 34.75 29.13
C GLY A 483 9.53 35.21 29.95
N VAL A 484 9.39 36.53 30.14
CA VAL A 484 8.27 37.05 30.92
C VAL A 484 6.95 36.83 30.20
N VAL A 485 6.93 37.02 28.88
CA VAL A 485 5.72 36.75 28.12
C VAL A 485 5.38 35.27 28.17
N THR A 486 6.39 34.41 28.09
CA THR A 486 6.16 32.97 28.16
C THR A 486 5.63 32.55 29.52
N LEU A 487 6.17 33.14 30.58
CA LEU A 487 5.66 32.87 31.93
C LEU A 487 4.21 33.33 32.06
N TYR A 488 3.88 34.50 31.52
CA TYR A 488 2.51 34.97 31.56
C TYR A 488 1.58 34.02 30.81
N LEU A 489 2.01 33.56 29.64
CA LEU A 489 1.16 32.66 28.85
C LEU A 489 1.00 31.32 29.54
N GLY A 490 2.06 30.82 30.17
CA GLY A 490 1.94 29.57 30.92
C GLY A 490 1.00 29.70 32.10
N VAL A 491 1.08 30.82 32.83
CA VAL A 491 0.20 31.02 33.97
C VAL A 491 -1.24 31.18 33.51
N MET A 492 -1.46 31.81 32.36
CA MET A 492 -2.79 32.15 31.88
C MET A 492 -3.31 31.19 30.82
N VAL A 493 -2.84 29.95 30.82
CA VAL A 493 -3.24 29.00 29.77
C VAL A 493 -4.00 27.84 30.40
N GLN A 494 -4.42 26.89 29.57
CA GLN A 494 -5.08 25.66 30.03
C GLN A 494 -6.45 25.96 30.63
N ALA A 495 -7.20 26.84 29.98
CA ALA A 495 -8.53 27.18 30.46
C ALA A 495 -9.53 27.31 29.31
N SER B 1 -1.76 3.82 25.67
CA SER B 1 -3.08 4.35 25.99
C SER B 1 -3.27 5.74 25.39
N VAL B 2 -4.52 6.06 25.06
CA VAL B 2 -4.82 7.40 24.60
C VAL B 2 -4.61 8.42 25.71
N ALA B 3 -4.75 7.99 26.97
CA ALA B 3 -4.60 8.91 28.10
C ALA B 3 -3.19 9.48 28.18
N LEU B 4 -2.21 8.85 27.54
CA LEU B 4 -0.84 9.34 27.58
C LEU B 4 -0.56 10.39 26.53
N VAL B 5 -1.54 10.71 25.70
CA VAL B 5 -1.41 11.79 24.70
C VAL B 5 -2.61 12.71 24.85
N PRO B 6 -2.68 13.51 25.91
CA PRO B 6 -3.83 14.38 26.10
C PRO B 6 -3.85 15.51 25.09
N HIS B 7 -5.03 16.13 24.98
CA HIS B 7 -5.26 17.20 24.02
C HIS B 7 -4.88 18.56 24.62
N VAL B 8 -3.59 18.73 24.90
CA VAL B 8 -3.15 19.85 25.73
C VAL B 8 -2.63 21.01 24.91
N GLY B 9 -1.50 20.82 24.23
CA GLY B 9 -0.84 21.95 23.58
C GLY B 9 -1.23 22.16 22.14
N MET B 10 -2.54 22.15 21.85
CA MET B 10 -3.02 22.19 20.48
C MET B 10 -3.34 23.59 19.98
N GLY B 11 -3.28 24.61 20.84
CA GLY B 11 -3.59 25.95 20.41
C GLY B 11 -5.04 26.20 20.01
N LEU B 12 -5.97 25.37 20.48
CA LEU B 12 -7.39 25.58 20.22
C LEU B 12 -8.12 26.25 21.38
N GLU B 13 -7.46 26.50 22.50
CA GLU B 13 -8.15 27.00 23.68
C GLU B 13 -8.81 28.34 23.41
N THR B 14 -9.98 28.52 24.00
CA THR B 14 -10.72 29.76 23.91
C THR B 14 -10.93 30.30 25.32
N ARG B 15 -11.83 31.26 25.50
CA ARG B 15 -12.20 31.64 26.85
C ARG B 15 -13.10 30.59 27.50
N THR B 16 -13.68 29.70 26.72
CA THR B 16 -14.55 28.66 27.28
C THR B 16 -13.74 27.70 28.14
N GLU B 17 -14.36 27.24 29.22
CA GLU B 17 -13.75 26.22 30.06
C GLU B 17 -13.55 24.93 29.27
N THR B 18 -12.35 24.37 29.36
CA THR B 18 -12.04 23.14 28.65
C THR B 18 -12.51 21.93 29.47
N TRP B 19 -12.35 20.74 28.89
CA TRP B 19 -12.96 19.53 29.42
C TRP B 19 -12.66 19.34 30.91
N MET B 20 -11.39 19.19 31.26
CA MET B 20 -11.00 18.90 32.63
C MET B 20 -9.85 19.81 33.05
N SER B 21 -10.01 21.10 32.77
CA SER B 21 -8.89 22.03 32.90
C SER B 21 -8.45 22.16 34.35
N SER B 22 -9.38 22.47 35.25
CA SER B 22 -9.02 22.63 36.66
C SER B 22 -8.50 21.32 37.24
N GLU B 23 -9.14 20.21 36.89
CA GLU B 23 -8.74 18.92 37.43
C GLU B 23 -7.37 18.51 36.93
N GLY B 24 -7.12 18.66 35.64
CA GLY B 24 -5.85 18.29 35.05
C GLY B 24 -4.74 19.29 35.15
N ALA B 25 -4.99 20.46 35.74
CA ALA B 25 -3.94 21.47 35.83
C ALA B 25 -2.77 20.99 36.67
N TRP B 26 -3.05 20.38 37.83
CA TRP B 26 -2.02 20.04 38.79
C TRP B 26 -1.83 18.54 38.96
N LYS B 27 -2.47 17.73 38.11
CA LYS B 27 -2.34 16.29 38.22
C LYS B 27 -0.90 15.84 37.99
N HIS B 28 -0.23 16.45 37.00
CA HIS B 28 1.15 16.08 36.72
C HIS B 28 2.07 16.37 37.90
N ALA B 29 1.92 17.56 38.50
CA ALA B 29 2.73 17.89 39.66
C ALA B 29 2.42 16.96 40.83
N GLN B 30 1.14 16.64 41.04
CA GLN B 30 0.79 15.74 42.13
C GLN B 30 1.40 14.36 41.92
N ARG B 31 1.33 13.84 40.69
CA ARG B 31 1.89 12.53 40.42
C ARG B 31 3.40 12.52 40.58
N ILE B 32 4.07 13.58 40.12
CA ILE B 32 5.52 13.66 40.28
C ILE B 32 5.88 13.71 41.76
N GLU B 33 5.15 14.50 42.54
CA GLU B 33 5.42 14.60 43.97
C GLU B 33 5.22 13.25 44.65
N THR B 34 4.13 12.56 44.34
CA THR B 34 3.88 11.25 44.94
C THR B 34 4.97 10.26 44.57
N TRP B 35 5.41 10.29 43.32
CA TRP B 35 6.47 9.39 42.89
C TRP B 35 7.77 9.69 43.60
N VAL B 36 8.10 10.98 43.75
CA VAL B 36 9.34 11.35 44.41
C VAL B 36 9.27 10.98 45.89
N LEU B 37 8.08 10.99 46.48
CA LEU B 37 7.94 10.54 47.85
C LEU B 37 8.11 9.03 47.97
N ARG B 38 7.47 8.28 47.08
CA ARG B 38 7.54 6.83 47.14
C ARG B 38 8.91 6.29 46.76
N HIS B 39 9.70 7.07 46.01
CA HIS B 39 10.99 6.61 45.49
C HIS B 39 12.06 7.64 45.83
N PRO B 40 12.38 7.80 47.11
CA PRO B 40 13.47 8.72 47.48
C PRO B 40 14.80 8.32 46.90
N GLY B 41 15.05 7.02 46.71
CA GLY B 41 16.38 6.59 46.28
C GLY B 41 16.77 7.13 44.93
N PHE B 42 15.83 7.16 43.98
CA PHE B 42 16.16 7.70 42.68
C PHE B 42 16.38 9.21 42.73
N THR B 43 15.66 9.91 43.61
CA THR B 43 15.85 11.36 43.70
C THR B 43 17.25 11.69 44.20
N ILE B 44 17.76 10.95 45.18
CA ILE B 44 19.12 11.18 45.67
C ILE B 44 20.13 10.90 44.57
N MET B 45 19.95 9.79 43.84
CA MET B 45 20.85 9.47 42.74
C MET B 45 20.79 10.55 41.66
N ALA B 46 19.60 11.06 41.36
CA ALA B 46 19.47 12.12 40.38
C ALA B 46 20.17 13.39 40.84
N ALA B 47 20.05 13.73 42.12
CA ALA B 47 20.76 14.90 42.64
C ALA B 47 22.27 14.72 42.52
N ILE B 48 22.77 13.53 42.86
CA ILE B 48 24.21 13.27 42.75
C ILE B 48 24.66 13.37 41.31
N LEU B 49 23.90 12.77 40.38
CA LEU B 49 24.27 12.82 38.97
C LEU B 49 24.22 14.24 38.43
N ALA B 50 23.22 15.02 38.83
CA ALA B 50 23.14 16.41 38.41
C ALA B 50 24.33 17.20 38.90
N TYR B 51 24.71 17.00 40.17
CA TYR B 51 25.89 17.69 40.69
C TYR B 51 27.14 17.26 39.95
N THR B 52 27.28 15.97 39.65
CA THR B 52 28.46 15.49 38.96
C THR B 52 28.54 16.05 37.54
N ILE B 53 27.41 16.11 36.83
CA ILE B 53 27.42 16.55 35.45
C ILE B 53 27.38 18.07 35.34
N GLY B 54 26.50 18.72 36.09
CA GLY B 54 26.36 20.17 36.00
C GLY B 54 27.56 20.92 36.51
N THR B 55 28.14 21.78 35.65
CA THR B 55 29.26 22.60 36.08
C THR B 55 28.81 23.73 36.99
N THR B 56 27.73 24.41 36.62
CA THR B 56 27.20 25.52 37.40
C THR B 56 25.91 25.10 38.09
N TYR B 57 25.53 25.87 39.11
CA TYR B 57 24.32 25.54 39.86
C TYR B 57 23.09 25.52 38.95
N PHE B 58 23.05 26.41 37.96
CA PHE B 58 21.91 26.40 37.04
C PHE B 58 21.82 25.10 36.28
N GLN B 59 22.95 24.62 35.77
CA GLN B 59 22.97 23.34 35.06
C GLN B 59 22.59 22.20 35.99
N ARG B 60 23.13 22.19 37.20
CA ARG B 60 22.82 21.13 38.14
C ARG B 60 21.34 21.09 38.45
N VAL B 61 20.74 22.24 38.74
CA VAL B 61 19.32 22.29 39.08
C VAL B 61 18.48 21.90 37.87
N LEU B 62 18.83 22.37 36.69
CA LEU B 62 18.08 22.03 35.49
C LEU B 62 18.11 20.52 35.24
N ILE B 63 19.30 19.92 35.34
CA ILE B 63 19.44 18.49 35.12
C ILE B 63 18.67 17.71 36.18
N PHE B 64 18.77 18.14 37.45
CA PHE B 64 18.06 17.43 38.52
C PHE B 64 16.57 17.47 38.30
N ILE B 65 16.03 18.65 37.95
CA ILE B 65 14.60 18.79 37.73
C ILE B 65 14.16 17.96 36.54
N LEU B 66 14.93 17.97 35.46
CA LEU B 66 14.56 17.21 34.28
C LEU B 66 14.58 15.71 34.56
N LEU B 67 15.60 15.23 35.26
CA LEU B 67 15.64 13.80 35.59
C LEU B 67 14.47 13.42 36.49
N THR B 68 14.19 14.24 37.50
CA THR B 68 13.12 13.91 38.44
C THR B 68 11.76 13.92 37.74
N ALA B 69 11.59 14.82 36.76
CA ALA B 69 10.32 14.86 36.04
C ALA B 69 10.20 13.70 35.06
N VAL B 70 11.30 13.36 34.37
CA VAL B 70 11.24 12.32 33.35
C VAL B 70 11.05 10.95 33.97
N ALA B 71 11.73 10.69 35.09
CA ALA B 71 11.70 9.37 35.70
C ALA B 71 10.28 8.84 35.82
N PRO B 72 9.40 9.53 36.53
CA PRO B 72 8.00 9.06 36.58
C PRO B 72 7.32 9.03 35.22
N SER B 73 7.64 9.99 34.35
CA SER B 73 6.93 10.11 33.07
C SER B 73 7.20 8.92 32.16
N MET B 74 8.45 8.45 32.10
CA MET B 74 8.81 7.35 31.23
C MET B 74 8.17 6.04 31.64
N THR B 75 7.57 5.98 32.83
CA THR B 75 6.93 4.77 33.32
C THR B 75 5.44 4.76 32.97
N MET C 1 36.53 -51.06 -16.04
CA MET C 1 36.12 -50.82 -14.67
C MET C 1 35.34 -49.53 -14.53
N ARG C 2 34.54 -49.43 -13.48
CA ARG C 2 33.85 -48.18 -13.20
C ARG C 2 34.77 -47.20 -12.47
N CYS C 3 35.46 -47.66 -11.42
CA CYS C 3 36.41 -46.77 -10.75
C CYS C 3 37.63 -46.51 -11.60
N ILE C 4 37.95 -47.41 -12.52
CA ILE C 4 38.93 -47.12 -13.56
C ILE C 4 38.22 -46.41 -14.70
N GLY C 5 38.70 -45.23 -15.05
CA GLY C 5 38.05 -44.41 -16.05
C GLY C 5 37.26 -43.26 -15.47
N ILE C 6 36.95 -43.30 -14.18
CA ILE C 6 36.41 -42.14 -13.48
C ILE C 6 37.57 -41.19 -13.23
N SER C 7 37.45 -39.96 -13.72
CA SER C 7 38.56 -39.02 -13.60
C SER C 7 38.86 -38.72 -12.14
N ASN C 8 37.83 -38.55 -11.32
CA ASN C 8 38.00 -38.18 -9.92
C ASN C 8 38.20 -39.44 -9.07
N ARG C 9 39.37 -40.03 -9.22
CA ARG C 9 39.74 -41.25 -8.52
C ARG C 9 40.86 -40.95 -7.54
N ASP C 10 40.76 -41.50 -6.34
CA ASP C 10 41.76 -41.29 -5.30
C ASP C 10 42.30 -42.64 -4.85
N PHE C 11 43.61 -42.70 -4.63
CA PHE C 11 44.27 -43.90 -4.13
C PHE C 11 44.63 -43.67 -2.67
N VAL C 12 44.11 -44.52 -1.79
CA VAL C 12 44.41 -44.48 -0.36
C VAL C 12 45.26 -45.69 -0.04
N GLU C 13 46.43 -45.46 0.55
CA GLU C 13 47.39 -46.53 0.81
C GLU C 13 47.50 -46.77 2.30
N GLY C 14 47.34 -48.03 2.71
CA GLY C 14 47.63 -48.45 4.05
C GLY C 14 46.49 -48.23 5.02
N VAL C 15 46.51 -49.01 6.09
CA VAL C 15 45.57 -48.88 7.19
C VAL C 15 46.35 -48.59 8.46
N SER C 16 45.63 -48.20 9.50
CA SER C 16 46.23 -47.90 10.79
C SER C 16 46.33 -49.17 11.63
N GLY C 17 47.08 -49.07 12.73
CA GLY C 17 47.08 -50.12 13.71
C GLY C 17 45.67 -50.37 14.19
N GLY C 18 45.19 -51.59 14.03
CA GLY C 18 43.77 -51.88 14.13
C GLY C 18 43.12 -52.11 12.79
N SER C 19 43.80 -51.78 11.70
CA SER C 19 43.37 -52.14 10.35
C SER C 19 42.08 -51.42 9.96
N TRP C 20 42.08 -50.10 10.13
CA TRP C 20 41.01 -49.27 9.60
C TRP C 20 41.61 -48.03 8.96
N VAL C 21 40.92 -47.53 7.94
CA VAL C 21 41.24 -46.26 7.31
C VAL C 21 39.93 -45.52 7.12
N ASP C 22 39.93 -44.23 7.42
CA ASP C 22 38.75 -43.42 7.18
C ASP C 22 38.93 -42.68 5.86
N ILE C 23 37.91 -42.77 5.01
CA ILE C 23 37.91 -42.13 3.70
C ILE C 23 36.67 -41.26 3.59
N VAL C 24 36.73 -40.29 2.68
CA VAL C 24 35.60 -39.44 2.37
C VAL C 24 35.13 -39.81 0.96
N LEU C 25 33.89 -40.28 0.88
CA LEU C 25 33.30 -40.73 -0.39
C LEU C 25 32.46 -39.61 -0.97
N GLU C 26 32.99 -38.93 -1.97
CA GLU C 26 32.25 -37.89 -2.66
C GLU C 26 31.45 -38.48 -3.81
N HIS C 27 30.39 -37.78 -4.19
CA HIS C 27 29.63 -38.14 -5.38
C HIS C 27 30.43 -37.80 -6.63
N GLY C 28 30.29 -38.63 -7.66
CA GLY C 28 31.03 -38.44 -8.89
C GLY C 28 32.50 -38.81 -8.81
N SER C 29 32.97 -39.27 -7.66
CA SER C 29 34.32 -39.77 -7.50
C SER C 29 34.28 -41.23 -7.06
N CYS C 30 35.45 -41.84 -6.98
CA CYS C 30 35.61 -43.16 -6.42
C CYS C 30 36.95 -43.23 -5.71
N VAL C 31 37.00 -44.02 -4.64
CA VAL C 31 38.21 -44.21 -3.85
C VAL C 31 38.67 -45.65 -4.05
N THR C 32 39.95 -45.82 -4.33
CA THR C 32 40.59 -47.13 -4.35
C THR C 32 41.49 -47.24 -3.13
N THR C 33 41.23 -48.23 -2.29
CA THR C 33 42.00 -48.47 -1.09
C THR C 33 42.85 -49.71 -1.28
N MET C 34 44.08 -49.66 -0.78
CA MET C 34 44.99 -50.78 -0.94
C MET C 34 46.01 -50.76 0.18
N ALA C 35 46.16 -51.90 0.85
CA ALA C 35 47.07 -52.02 1.98
C ALA C 35 47.84 -53.33 1.87
N LYS C 36 49.02 -53.35 2.47
CA LYS C 36 49.86 -54.54 2.48
C LYS C 36 49.06 -55.78 2.85
N ASN C 37 49.01 -56.75 1.93
CA ASN C 37 48.32 -58.02 2.14
C ASN C 37 46.82 -57.86 2.30
N LYS C 38 46.27 -56.74 1.88
CA LYS C 38 44.82 -56.56 1.85
C LYS C 38 44.36 -56.44 0.41
N PRO C 39 43.18 -56.95 0.08
CA PRO C 39 42.65 -56.74 -1.27
C PRO C 39 42.43 -55.26 -1.54
N THR C 40 42.61 -54.87 -2.80
CA THR C 40 42.37 -53.49 -3.22
C THR C 40 40.90 -53.34 -3.58
N LEU C 41 40.24 -52.37 -2.97
CA LEU C 41 38.80 -52.19 -3.10
C LEU C 41 38.47 -50.88 -3.81
N ASP C 42 37.32 -50.86 -4.48
CA ASP C 42 36.77 -49.66 -5.08
C ASP C 42 35.53 -49.25 -4.32
N PHE C 43 35.53 -48.04 -3.79
CA PHE C 43 34.41 -47.51 -3.04
C PHE C 43 33.84 -46.32 -3.80
N GLU C 44 32.53 -46.33 -4.02
CA GLU C 44 31.87 -45.22 -4.69
C GLU C 44 30.56 -44.90 -3.98
N LEU C 45 30.39 -43.64 -3.60
CA LEU C 45 29.08 -43.15 -3.18
C LEU C 45 28.26 -42.83 -4.41
N ILE C 46 27.17 -43.56 -4.61
CA ILE C 46 26.43 -43.46 -5.86
C ILE C 46 25.01 -42.96 -5.68
N LYS C 47 24.47 -42.93 -4.47
CA LYS C 47 23.10 -42.53 -4.26
C LYS C 47 22.94 -41.97 -2.85
N THR C 48 22.54 -40.70 -2.77
CA THR C 48 22.05 -40.11 -1.54
C THR C 48 20.55 -39.95 -1.69
N GLU C 49 19.81 -40.25 -0.63
CA GLU C 49 18.37 -40.13 -0.68
C GLU C 49 17.84 -39.54 0.61
N ALA C 50 16.88 -38.64 0.48
CA ALA C 50 16.19 -38.02 1.59
C ALA C 50 14.73 -38.48 1.57
N LYS C 51 14.23 -38.88 2.73
CA LYS C 51 12.90 -39.49 2.83
C LYS C 51 12.03 -38.69 3.78
N HIS C 52 10.72 -38.84 3.59
CA HIS C 52 9.72 -38.21 4.45
C HIS C 52 9.95 -36.71 4.57
N PRO C 53 10.01 -35.99 3.46
CA PRO C 53 10.23 -34.54 3.54
C PRO C 53 9.00 -33.82 4.06
N ALA C 54 9.24 -32.67 4.67
CA ALA C 54 8.18 -31.79 5.15
C ALA C 54 8.26 -30.48 4.40
N THR C 55 7.09 -29.94 4.04
CA THR C 55 7.03 -28.67 3.33
C THR C 55 7.33 -27.53 4.30
N LEU C 56 8.28 -26.67 3.94
CA LEU C 56 8.65 -25.53 4.76
C LEU C 56 7.98 -24.24 4.33
N ARG C 57 7.79 -24.04 3.03
CA ARG C 57 7.21 -22.82 2.50
C ARG C 57 6.95 -23.01 1.01
N LYS C 58 5.83 -22.47 0.54
CA LYS C 58 5.47 -22.52 -0.87
C LYS C 58 5.45 -21.10 -1.44
N TYR C 59 6.38 -20.81 -2.33
CA TYR C 59 6.40 -19.51 -2.98
C TYR C 59 5.52 -19.51 -4.22
N CYS C 60 5.12 -18.32 -4.63
CA CYS C 60 4.36 -18.13 -5.86
C CYS C 60 5.30 -17.55 -6.90
N ILE C 61 5.36 -18.21 -8.06
CA ILE C 61 6.17 -17.73 -9.17
C ILE C 61 5.33 -17.21 -10.33
N GLU C 62 4.04 -17.49 -10.35
CA GLU C 62 3.16 -17.01 -11.40
C GLU C 62 1.76 -16.86 -10.80
N ALA C 63 1.19 -15.67 -10.94
CA ALA C 63 -0.10 -15.36 -10.35
C ALA C 63 -1.02 -14.78 -11.41
N LYS C 64 -2.30 -14.66 -11.05
CA LYS C 64 -3.27 -13.94 -11.85
C LYS C 64 -4.08 -13.04 -10.94
N LEU C 65 -4.56 -11.94 -11.48
CA LEU C 65 -5.36 -10.96 -10.76
C LEU C 65 -6.76 -10.92 -11.34
N THR C 66 -7.76 -10.79 -10.46
CA THR C 66 -9.15 -10.74 -10.87
C THR C 66 -9.92 -9.89 -9.88
N ASN C 67 -11.17 -9.61 -10.23
CA ASN C 67 -12.08 -8.88 -9.34
C ASN C 67 -11.45 -7.56 -8.91
N THR C 68 -10.91 -6.83 -9.87
CA THR C 68 -10.33 -5.53 -9.57
C THR C 68 -11.42 -4.54 -9.23
N THR C 69 -11.26 -3.83 -8.13
CA THR C 69 -12.20 -2.82 -7.69
C THR C 69 -11.43 -1.62 -7.17
N THR C 70 -12.08 -0.46 -7.21
CA THR C 70 -11.50 0.77 -6.71
C THR C 70 -12.52 1.50 -5.87
N ALA C 71 -12.02 2.32 -4.95
CA ALA C 71 -12.83 3.23 -4.17
C ALA C 71 -12.00 4.47 -3.90
N SER C 72 -12.67 5.62 -3.83
CA SER C 72 -11.99 6.89 -3.63
C SER C 72 -12.70 7.70 -2.57
N ARG C 73 -11.96 8.59 -1.93
CA ARG C 73 -12.49 9.51 -0.96
C ARG C 73 -12.18 10.93 -1.40
N CYS C 74 -13.18 11.81 -1.30
CA CYS C 74 -12.98 13.17 -1.74
C CYS C 74 -11.96 13.87 -0.85
N PRO C 75 -11.33 14.92 -1.35
CA PRO C 75 -10.19 15.51 -0.64
C PRO C 75 -10.56 15.96 0.76
N THR C 76 -9.63 15.75 1.68
CA THR C 76 -9.73 16.10 3.11
C THR C 76 -10.63 15.16 3.89
N GLN C 77 -11.30 14.20 3.26
CA GLN C 77 -12.29 13.36 3.93
C GLN C 77 -11.74 12.00 4.31
N GLY C 78 -10.43 11.86 4.42
CA GLY C 78 -9.83 10.63 4.87
C GLY C 78 -9.70 9.58 3.79
N GLU C 79 -9.42 8.39 4.23
CA GLU C 79 -9.20 7.26 3.36
C GLU C 79 -10.51 6.69 2.84
N PRO C 80 -10.48 6.08 1.66
CA PRO C 80 -11.63 5.32 1.19
C PRO C 80 -11.57 3.89 1.69
N SER C 81 -12.65 3.16 1.46
CA SER C 81 -12.77 1.80 1.96
C SER C 81 -13.41 0.90 0.92
N LEU C 82 -12.81 -0.25 0.70
CA LEU C 82 -13.43 -1.34 -0.04
C LEU C 82 -13.74 -2.47 0.93
N ASN C 83 -14.84 -3.18 0.69
CA ASN C 83 -15.10 -4.41 1.41
C ASN C 83 -14.02 -5.44 1.15
N GLU C 84 -13.31 -5.31 0.03
CA GLU C 84 -12.32 -6.31 -0.36
C GLU C 84 -11.03 -6.19 0.45
N GLU C 85 -10.84 -5.07 1.14
CA GLU C 85 -9.67 -4.93 2.01
C GLU C 85 -9.74 -5.83 3.22
N GLN C 86 -10.93 -6.32 3.57
CA GLN C 86 -11.05 -7.28 4.66
C GLN C 86 -10.41 -8.61 4.31
N ASP C 87 -10.56 -9.05 3.06
CA ASP C 87 -10.03 -10.33 2.62
C ASP C 87 -8.56 -10.22 2.28
N LYS C 88 -7.78 -11.20 2.74
CA LYS C 88 -6.35 -11.24 2.44
C LYS C 88 -6.04 -11.79 1.05
N ARG C 89 -7.01 -12.38 0.37
CA ARG C 89 -6.80 -12.79 -1.01
C ARG C 89 -6.65 -11.60 -1.94
N PHE C 90 -6.95 -10.40 -1.48
CA PHE C 90 -6.85 -9.21 -2.30
C PHE C 90 -5.60 -8.42 -1.90
N VAL C 91 -4.78 -8.07 -2.89
CA VAL C 91 -3.66 -7.18 -2.68
C VAL C 91 -4.14 -5.77 -2.99
N CYS C 92 -4.15 -4.91 -1.97
CA CYS C 92 -4.71 -3.57 -2.08
C CYS C 92 -3.59 -2.53 -2.00
N LYS C 93 -3.89 -1.36 -2.56
CA LYS C 93 -2.96 -0.25 -2.55
C LYS C 93 -3.74 1.04 -2.36
N HIS C 94 -3.21 1.92 -1.53
CA HIS C 94 -3.77 3.25 -1.34
C HIS C 94 -2.91 4.27 -2.08
N SER C 95 -3.57 5.21 -2.75
CA SER C 95 -2.88 6.27 -3.47
C SER C 95 -3.73 7.52 -3.40
N MET C 96 -3.19 8.63 -3.90
CA MET C 96 -3.90 9.90 -4.00
C MET C 96 -4.17 10.19 -5.47
N VAL C 97 -5.36 10.71 -5.75
CA VAL C 97 -5.79 11.03 -7.10
C VAL C 97 -6.34 12.45 -7.13
N ASP C 98 -6.02 13.19 -8.18
CA ASP C 98 -6.58 14.53 -8.36
C ASP C 98 -8.10 14.46 -8.48
N ARG C 99 -8.79 15.30 -7.72
CA ARG C 99 -10.24 15.33 -7.70
C ARG C 99 -10.73 16.76 -7.78
N GLY C 100 -11.98 16.91 -8.16
CA GLY C 100 -12.59 18.22 -8.26
C GLY C 100 -13.98 18.12 -8.83
N TRP C 101 -14.51 19.28 -9.21
CA TRP C 101 -15.85 19.33 -9.79
C TRP C 101 -15.97 18.48 -11.04
N GLY C 102 -14.89 18.39 -11.82
CA GLY C 102 -14.96 17.66 -13.08
C GLY C 102 -15.22 16.18 -12.89
N ASN C 103 -14.66 15.59 -11.84
CA ASN C 103 -14.78 14.16 -11.63
C ASN C 103 -15.53 13.78 -10.35
N GLY C 104 -16.19 14.73 -9.70
CA GLY C 104 -17.23 14.38 -8.75
C GLY C 104 -17.00 14.74 -7.30
N CYS C 105 -16.08 15.66 -7.02
CA CYS C 105 -15.90 16.19 -5.68
C CYS C 105 -16.20 17.67 -5.64
N GLY C 106 -16.93 18.08 -4.60
CA GLY C 106 -17.11 19.49 -4.32
C GLY C 106 -15.83 20.16 -3.85
N LEU C 107 -14.81 19.37 -3.52
CA LEU C 107 -13.51 19.88 -3.14
C LEU C 107 -12.53 19.70 -4.30
N PHE C 108 -11.38 20.34 -4.18
CA PHE C 108 -10.42 20.46 -5.28
C PHE C 108 -9.02 20.12 -4.82
N GLY C 109 -8.84 18.95 -4.22
CA GLY C 109 -7.53 18.55 -3.78
C GLY C 109 -7.08 17.20 -4.28
N LYS C 110 -6.18 16.56 -3.53
CA LYS C 110 -5.80 15.17 -3.75
C LYS C 110 -6.77 14.29 -2.95
N GLY C 111 -7.57 13.52 -3.64
CA GLY C 111 -8.41 12.56 -2.97
C GLY C 111 -7.71 11.24 -2.78
N GLY C 112 -8.21 10.44 -1.84
CA GLY C 112 -7.67 9.12 -1.60
C GLY C 112 -8.33 8.09 -2.51
N ILE C 113 -7.52 7.16 -2.99
CA ILE C 113 -7.99 6.07 -3.84
C ILE C 113 -7.32 4.78 -3.37
N VAL C 114 -8.07 3.68 -3.42
CA VAL C 114 -7.57 2.37 -3.08
C VAL C 114 -8.01 1.39 -4.16
N THR C 115 -7.07 0.59 -4.65
CA THR C 115 -7.36 -0.44 -5.64
C THR C 115 -7.07 -1.80 -5.03
N CYS C 116 -8.02 -2.72 -5.17
CA CYS C 116 -7.88 -4.08 -4.69
C CYS C 116 -8.14 -5.05 -5.83
N ALA C 117 -7.35 -6.12 -5.86
CA ALA C 117 -7.53 -7.19 -6.82
C ALA C 117 -7.34 -8.52 -6.11
N MET C 118 -8.01 -9.55 -6.59
CA MET C 118 -7.87 -10.86 -5.98
C MET C 118 -6.63 -11.56 -6.53
N PHE C 119 -5.65 -11.76 -5.66
CA PHE C 119 -4.42 -12.46 -5.99
C PHE C 119 -4.68 -13.96 -6.01
N THR C 120 -4.24 -14.63 -7.06
CA THR C 120 -4.37 -16.08 -7.18
C THR C 120 -3.08 -16.64 -7.74
N CYS C 121 -2.57 -17.71 -7.13
CA CYS C 121 -1.35 -18.33 -7.59
C CYS C 121 -1.67 -19.32 -8.70
N LYS C 122 -0.77 -19.40 -9.68
CA LYS C 122 -0.89 -20.35 -10.77
C LYS C 122 0.24 -21.36 -10.82
N LYS C 123 1.42 -21.03 -10.28
CA LYS C 123 2.55 -21.95 -10.30
C LYS C 123 3.38 -21.73 -9.05
N ASN C 124 3.76 -22.82 -8.41
CA ASN C 124 4.39 -22.81 -7.09
C ASN C 124 5.86 -23.20 -7.18
N MET C 125 6.59 -22.83 -6.14
CA MET C 125 8.00 -23.16 -5.96
C MET C 125 8.19 -23.75 -4.56
N GLU C 126 7.45 -24.82 -4.29
CA GLU C 126 7.48 -25.46 -2.97
C GLU C 126 8.90 -25.80 -2.54
N GLY C 127 9.14 -25.72 -1.24
CA GLY C 127 10.42 -26.08 -0.67
C GLY C 127 10.21 -26.99 0.51
N LYS C 128 11.09 -27.98 0.64
CA LYS C 128 10.90 -29.07 1.58
C LYS C 128 12.15 -29.29 2.40
N ILE C 129 11.94 -29.80 3.62
CA ILE C 129 13.01 -30.02 4.58
C ILE C 129 12.96 -31.49 5.02
N VAL C 130 14.13 -32.10 5.14
CA VAL C 130 14.26 -33.48 5.58
C VAL C 130 15.07 -33.52 6.86
N GLN C 131 14.68 -34.41 7.77
CA GLN C 131 15.48 -34.62 8.97
C GLN C 131 16.67 -35.51 8.66
N PRO C 132 17.83 -35.25 9.25
CA PRO C 132 19.03 -36.03 8.92
C PRO C 132 18.87 -37.52 9.15
N GLU C 133 17.85 -37.94 9.91
CA GLU C 133 17.63 -39.36 10.15
C GLU C 133 17.16 -40.08 8.90
N ASN C 134 16.42 -39.39 8.04
CA ASN C 134 15.84 -39.99 6.84
C ASN C 134 16.73 -39.74 5.63
N LEU C 135 17.97 -40.21 5.76
CA LEU C 135 19.09 -39.75 4.93
C LEU C 135 19.90 -40.93 4.42
N GLU C 136 19.22 -41.87 3.78
CA GLU C 136 19.87 -43.09 3.30
C GLU C 136 20.98 -42.78 2.29
N TYR C 137 22.14 -43.39 2.49
CA TYR C 137 23.26 -43.34 1.55
C TYR C 137 23.48 -44.72 0.95
N THR C 138 23.78 -44.78 -0.34
CA THR C 138 24.08 -46.02 -1.03
C THR C 138 25.53 -46.01 -1.48
N ILE C 139 26.28 -47.02 -1.08
CA ILE C 139 27.69 -47.17 -1.44
C ILE C 139 27.85 -48.49 -2.16
N VAL C 140 28.75 -48.51 -3.14
CA VAL C 140 29.06 -49.72 -3.89
C VAL C 140 30.53 -50.05 -3.67
N ILE C 141 30.80 -51.28 -3.23
CA ILE C 141 32.15 -51.76 -3.01
C ILE C 141 32.46 -52.79 -4.08
N THR C 142 33.50 -52.53 -4.87
CA THR C 142 33.95 -53.46 -5.89
C THR C 142 35.42 -53.80 -5.65
N PRO C 143 35.76 -55.05 -5.38
CA PRO C 143 37.17 -55.40 -5.23
C PRO C 143 37.87 -55.39 -6.57
N HIS C 144 39.17 -55.07 -6.55
CA HIS C 144 39.99 -55.18 -7.75
C HIS C 144 40.41 -56.63 -7.96
N SER C 145 39.53 -57.38 -8.56
CA SER C 145 39.88 -58.61 -9.23
C SER C 145 39.98 -58.32 -10.72
N GLY C 146 40.22 -59.37 -11.51
CA GLY C 146 40.15 -59.27 -12.94
C GLY C 146 38.93 -59.93 -13.54
N GLU C 147 37.99 -60.43 -12.72
CA GLU C 147 36.92 -61.26 -13.24
C GLU C 147 36.06 -60.51 -14.25
N GLU C 148 35.89 -59.21 -14.04
CA GLU C 148 35.28 -58.27 -14.97
C GLU C 148 33.75 -58.35 -15.01
N ASN C 149 33.12 -59.32 -14.36
CA ASN C 149 31.66 -59.38 -14.41
C ASN C 149 31.05 -58.11 -13.83
N ALA C 150 31.56 -57.65 -12.69
CA ALA C 150 31.09 -56.43 -12.05
C ALA C 150 32.07 -55.28 -12.26
N VAL C 151 33.05 -55.44 -13.15
CA VAL C 151 34.01 -54.38 -13.42
C VAL C 151 33.28 -53.14 -13.93
N GLY C 152 32.28 -53.32 -14.79
CA GLY C 152 31.51 -52.20 -15.29
C GLY C 152 30.03 -52.24 -14.98
N ASN C 153 29.61 -53.14 -14.10
CA ASN C 153 28.21 -53.27 -13.73
C ASN C 153 27.89 -52.38 -12.55
N ASP C 154 26.61 -52.05 -12.39
CA ASP C 154 26.18 -51.16 -11.33
C ASP C 154 25.43 -51.88 -10.21
N THR C 155 24.81 -53.02 -10.52
CA THR C 155 23.95 -53.72 -9.57
C THR C 155 24.57 -55.08 -9.22
N GLY C 156 24.86 -55.27 -7.94
CA GLY C 156 25.22 -56.58 -7.41
C GLY C 156 26.39 -57.22 -8.14
N LYS C 157 26.35 -58.54 -8.20
CA LYS C 157 27.44 -59.35 -8.76
C LYS C 157 28.68 -59.08 -7.92
N HIS C 158 29.85 -58.83 -8.51
CA HIS C 158 31.04 -58.60 -7.71
C HIS C 158 30.91 -57.32 -6.88
N GLY C 159 30.28 -56.30 -7.44
CA GLY C 159 30.13 -55.04 -6.74
C GLY C 159 28.98 -55.03 -5.77
N LYS C 160 29.29 -55.15 -4.48
CA LYS C 160 28.26 -55.22 -3.45
C LYS C 160 27.89 -53.82 -3.01
N GLU C 161 26.60 -53.51 -3.04
CA GLU C 161 26.12 -52.18 -2.68
C GLU C 161 25.47 -52.22 -1.29
N ILE C 162 25.76 -51.21 -0.49
CA ILE C 162 25.31 -51.15 0.89
C ILE C 162 24.58 -49.84 1.11
N LYS C 163 23.66 -49.85 2.06
CA LYS C 163 22.86 -48.69 2.43
C LYS C 163 23.34 -48.18 3.79
N VAL C 164 23.69 -46.91 3.85
CA VAL C 164 24.17 -46.28 5.07
C VAL C 164 23.09 -45.31 5.55
N THR C 165 22.63 -45.50 6.77
CA THR C 165 21.64 -44.64 7.41
C THR C 165 22.09 -44.32 8.81
N PRO C 166 21.62 -43.22 9.38
CA PRO C 166 21.99 -42.89 10.77
C PRO C 166 21.50 -43.91 11.78
N GLN C 167 20.51 -44.73 11.42
CA GLN C 167 19.99 -45.72 12.37
C GLN C 167 21.07 -46.71 12.79
N SER C 168 21.87 -47.18 11.84
CA SER C 168 22.92 -48.16 12.10
C SER C 168 24.26 -47.56 11.75
N SER C 169 25.15 -47.48 12.73
CA SER C 169 26.47 -46.92 12.49
C SER C 169 27.36 -47.87 11.70
N ILE C 170 27.21 -49.16 11.91
CA ILE C 170 28.05 -50.18 11.28
C ILE C 170 27.32 -50.73 10.08
N THR C 171 27.98 -50.72 8.93
CA THR C 171 27.47 -51.34 7.71
C THR C 171 28.42 -52.46 7.31
N GLU C 172 27.88 -53.66 7.11
CA GLU C 172 28.67 -54.84 6.82
C GLU C 172 28.35 -55.35 5.42
N ALA C 173 29.39 -55.50 4.60
CA ALA C 173 29.27 -56.06 3.27
C ALA C 173 30.15 -57.30 3.19
N GLU C 174 29.53 -58.45 2.90
CA GLU C 174 30.26 -59.69 2.69
C GLU C 174 30.62 -59.78 1.21
N LEU C 175 31.90 -59.58 0.90
CA LEU C 175 32.40 -59.69 -0.46
C LEU C 175 32.86 -61.12 -0.71
N THR C 176 32.21 -61.80 -1.64
CA THR C 176 32.51 -63.22 -1.86
C THR C 176 33.98 -63.43 -2.17
N GLY C 177 34.59 -64.36 -1.44
CA GLY C 177 35.99 -64.66 -1.62
C GLY C 177 36.93 -63.67 -0.98
N TYR C 178 36.42 -62.62 -0.36
CA TYR C 178 37.26 -61.60 0.27
C TYR C 178 36.95 -61.35 1.72
N GLY C 179 36.05 -62.12 2.32
CA GLY C 179 35.67 -61.89 3.70
C GLY C 179 34.57 -60.87 3.84
N THR C 180 34.65 -60.04 4.87
CA THR C 180 33.64 -59.03 5.16
C THR C 180 34.30 -57.67 5.30
N VAL C 181 33.77 -56.67 4.62
CA VAL C 181 34.22 -55.30 4.75
C VAL C 181 33.28 -54.57 5.70
N THR C 182 33.84 -53.92 6.71
CA THR C 182 33.08 -53.19 7.72
C THR C 182 33.23 -51.70 7.50
N MET C 183 32.12 -50.99 7.47
CA MET C 183 32.07 -49.56 7.21
C MET C 183 31.44 -48.84 8.40
N GLU C 184 32.09 -47.77 8.85
CA GLU C 184 31.57 -46.91 9.92
C GLU C 184 31.44 -45.52 9.32
N CYS C 185 30.25 -45.20 8.82
CA CYS C 185 30.02 -43.93 8.15
C CYS C 185 29.33 -42.94 9.09
N SER C 186 29.62 -41.67 8.90
CA SER C 186 28.95 -40.62 9.65
C SER C 186 28.04 -39.84 8.71
N PRO C 187 26.86 -40.36 8.41
CA PRO C 187 25.93 -39.65 7.51
C PRO C 187 25.44 -38.34 8.07
N ARG C 188 25.53 -38.13 9.37
CA ARG C 188 25.05 -36.91 9.99
C ARG C 188 25.99 -35.73 9.76
N THR C 189 27.30 -35.99 9.67
CA THR C 189 28.29 -34.92 9.56
C THR C 189 28.66 -34.59 8.12
N GLY C 190 27.79 -34.92 7.16
CA GLY C 190 28.08 -34.69 5.76
C GLY C 190 27.43 -33.41 5.28
N LEU C 191 26.29 -33.53 4.63
CA LEU C 191 25.47 -32.37 4.33
C LEU C 191 24.64 -32.01 5.56
N ASP C 192 24.63 -30.73 5.92
CA ASP C 192 23.88 -30.27 7.09
C ASP C 192 22.44 -30.00 6.66
N PHE C 193 21.65 -31.06 6.62
CA PHE C 193 20.29 -30.96 6.13
C PHE C 193 19.39 -30.14 7.04
N ASN C 194 19.84 -29.82 8.25
CA ASN C 194 19.10 -28.92 9.11
C ASN C 194 19.18 -27.48 8.62
N GLU C 195 20.07 -27.18 7.68
CA GLU C 195 20.19 -25.85 7.11
C GLU C 195 19.98 -25.85 5.60
N MET C 196 19.24 -26.80 5.07
CA MET C 196 19.08 -26.91 3.63
C MET C 196 17.61 -27.15 3.30
N VAL C 197 17.23 -26.72 2.10
CA VAL C 197 15.87 -26.91 1.60
C VAL C 197 15.95 -27.69 0.29
N LEU C 198 15.02 -28.61 0.11
CA LEU C 198 14.87 -29.32 -1.16
C LEU C 198 13.83 -28.54 -1.98
N LEU C 199 14.32 -27.61 -2.78
CA LEU C 199 13.47 -26.68 -3.51
C LEU C 199 13.03 -27.30 -4.84
N GLN C 200 11.72 -27.46 -5.00
CA GLN C 200 11.14 -28.11 -6.18
C GLN C 200 10.32 -27.10 -6.94
N MET C 201 10.68 -26.86 -8.21
CA MET C 201 9.98 -25.91 -9.06
C MET C 201 9.79 -26.52 -10.44
N GLU C 202 8.60 -27.07 -10.70
CA GLU C 202 8.20 -27.52 -12.02
C GLU C 202 9.17 -28.59 -12.55
N ASN C 203 9.12 -29.74 -11.90
CA ASN C 203 9.93 -30.91 -12.27
C ASN C 203 11.41 -30.57 -12.36
N LYS C 204 11.88 -29.74 -11.44
CA LYS C 204 13.29 -29.53 -11.20
C LYS C 204 13.49 -29.28 -9.72
N ALA C 205 14.67 -29.59 -9.22
CA ALA C 205 14.95 -29.48 -7.80
C ALA C 205 16.34 -28.90 -7.60
N TRP C 206 16.52 -28.20 -6.48
CA TRP C 206 17.80 -27.63 -6.11
C TRP C 206 17.98 -27.79 -4.61
N LEU C 207 19.22 -27.99 -4.19
CA LEU C 207 19.56 -28.06 -2.78
C LEU C 207 20.09 -26.68 -2.39
N VAL C 208 19.26 -25.92 -1.68
CA VAL C 208 19.53 -24.52 -1.41
C VAL C 208 19.73 -24.33 0.08
N HIS C 209 20.34 -23.20 0.42
CA HIS C 209 20.45 -22.79 1.80
C HIS C 209 19.08 -22.43 2.36
N ARG C 210 18.82 -22.87 3.58
CA ARG C 210 17.53 -22.60 4.22
C ARG C 210 17.31 -21.10 4.40
N GLN C 211 18.34 -20.38 4.86
CA GLN C 211 18.19 -18.95 5.07
C GLN C 211 18.01 -18.22 3.73
N TRP C 212 18.84 -18.56 2.75
CA TRP C 212 18.68 -17.98 1.42
C TRP C 212 17.26 -18.21 0.90
N PHE C 213 16.69 -19.37 1.20
CA PHE C 213 15.37 -19.70 0.71
C PHE C 213 14.29 -18.90 1.43
N LEU C 214 14.39 -18.82 2.75
CA LEU C 214 13.41 -18.05 3.50
C LEU C 214 13.50 -16.56 3.22
N ASP C 215 14.62 -16.11 2.66
CA ASP C 215 14.80 -14.71 2.31
C ASP C 215 14.34 -14.37 0.90
N LEU C 216 13.79 -15.33 0.16
CA LEU C 216 13.40 -15.06 -1.22
C LEU C 216 12.26 -14.04 -1.25
N PRO C 217 12.33 -13.03 -2.12
CA PRO C 217 11.26 -12.02 -2.23
C PRO C 217 10.15 -12.38 -3.22
N LEU C 218 9.27 -13.28 -2.79
CA LEU C 218 8.11 -13.69 -3.55
C LEU C 218 6.93 -13.86 -2.60
N PRO C 219 5.71 -13.90 -3.11
CA PRO C 219 4.59 -14.35 -2.28
C PRO C 219 4.80 -15.78 -1.81
N TRP C 220 4.40 -16.07 -0.58
CA TRP C 220 4.59 -17.40 -0.04
C TRP C 220 3.44 -17.77 0.88
N LEU C 221 3.31 -19.08 1.10
CA LEU C 221 2.44 -19.69 2.08
C LEU C 221 3.29 -20.40 3.13
N PRO C 222 2.80 -20.52 4.37
CA PRO C 222 3.66 -21.03 5.45
C PRO C 222 4.14 -22.46 5.25
N GLY C 223 3.48 -23.26 4.42
CA GLY C 223 3.87 -24.65 4.31
C GLY C 223 2.95 -25.55 5.11
N ALA C 224 2.58 -25.09 6.30
CA ALA C 224 1.46 -25.66 7.01
C ALA C 224 0.13 -25.32 6.35
N ASP C 225 0.14 -24.40 5.38
CA ASP C 225 -1.09 -23.90 4.80
C ASP C 225 -1.89 -25.01 4.13
N THR C 226 -3.21 -24.87 4.19
CA THR C 226 -4.12 -25.83 3.57
C THR C 226 -5.03 -25.18 2.54
N GLN C 227 -5.63 -24.04 2.87
CA GLN C 227 -6.52 -23.36 1.93
C GLN C 227 -5.75 -22.85 0.70
N GLY C 228 -4.46 -22.58 0.86
CA GLY C 228 -3.64 -22.16 -0.26
C GLY C 228 -4.07 -20.86 -0.90
N SER C 229 -4.54 -19.90 -0.10
CA SER C 229 -4.99 -18.62 -0.63
C SER C 229 -4.53 -17.41 0.16
N ASN C 230 -3.91 -17.57 1.32
CA ASN C 230 -3.46 -16.43 2.11
C ASN C 230 -1.96 -16.20 1.87
N TRP C 231 -1.65 -15.76 0.66
CA TRP C 231 -0.28 -15.47 0.31
C TRP C 231 0.22 -14.25 1.06
N ILE C 232 1.47 -14.29 1.50
CA ILE C 232 1.98 -13.27 2.40
C ILE C 232 2.49 -12.07 1.62
N GLN C 233 3.53 -12.25 0.82
CA GLN C 233 4.17 -11.14 0.14
C GLN C 233 3.61 -10.92 -1.25
N LYS C 234 2.28 -10.77 -1.34
CA LYS C 234 1.65 -10.60 -2.64
C LYS C 234 2.09 -9.32 -3.35
N GLU C 235 2.68 -8.38 -2.63
CA GLU C 235 3.12 -7.13 -3.24
C GLU C 235 4.40 -7.29 -4.06
N THR C 236 5.11 -8.41 -3.93
CA THR C 236 6.31 -8.63 -4.71
C THR C 236 6.01 -9.16 -6.11
N LEU C 237 4.75 -9.46 -6.41
CA LEU C 237 4.37 -10.07 -7.68
C LEU C 237 3.21 -9.34 -8.31
N VAL C 238 2.93 -8.12 -7.85
CA VAL C 238 1.88 -7.27 -8.38
C VAL C 238 2.43 -5.85 -8.45
N THR C 239 1.98 -5.08 -9.44
CA THR C 239 2.39 -3.69 -9.61
C THR C 239 1.17 -2.80 -9.60
N PHE C 240 1.28 -1.66 -8.95
CA PHE C 240 0.24 -0.64 -8.93
C PHE C 240 0.74 0.59 -9.68
N LYS C 241 -0.04 1.04 -10.66
CA LYS C 241 0.34 2.16 -11.50
C LYS C 241 -0.63 3.32 -11.31
N ASN C 242 -0.09 4.50 -11.01
CA ASN C 242 -0.86 5.74 -10.99
C ASN C 242 -0.07 6.77 -11.78
N PRO C 243 -0.06 6.66 -13.11
CA PRO C 243 0.90 7.43 -13.93
C PRO C 243 0.82 8.93 -13.73
N HIS C 244 -0.35 9.52 -13.94
CA HIS C 244 -0.50 10.96 -13.90
C HIS C 244 -1.29 11.44 -12.67
N ALA C 245 -1.56 10.56 -11.71
CA ALA C 245 -2.37 10.87 -10.54
C ALA C 245 -3.83 11.05 -10.87
N LYS C 246 -4.29 10.49 -11.99
CA LYS C 246 -5.68 10.53 -12.39
C LYS C 246 -6.41 9.23 -12.17
N LYS C 247 -5.69 8.11 -12.20
CA LYS C 247 -6.29 6.79 -12.21
C LYS C 247 -5.28 5.80 -11.65
N GLN C 248 -5.79 4.79 -10.94
CA GLN C 248 -4.97 3.75 -10.34
C GLN C 248 -5.39 2.40 -10.86
N ASP C 249 -4.41 1.54 -11.16
CA ASP C 249 -4.69 0.21 -11.71
C ASP C 249 -3.65 -0.77 -11.20
N VAL C 250 -3.88 -2.06 -11.47
CA VAL C 250 -3.10 -3.14 -10.91
C VAL C 250 -2.78 -4.15 -12.00
N VAL C 251 -1.53 -4.62 -12.04
CA VAL C 251 -1.13 -5.68 -12.95
C VAL C 251 -0.37 -6.75 -12.17
N VAL C 252 -0.37 -7.97 -12.71
CA VAL C 252 0.10 -9.14 -11.98
C VAL C 252 1.58 -9.43 -12.17
N LEU C 253 2.28 -8.64 -12.97
CA LEU C 253 3.74 -8.60 -12.92
C LEU C 253 4.41 -9.93 -13.28
N GLY C 254 3.91 -10.58 -14.34
CA GLY C 254 4.69 -11.61 -15.04
C GLY C 254 4.84 -12.94 -14.33
N SER C 255 5.77 -13.74 -14.84
CA SER C 255 6.07 -15.08 -14.33
C SER C 255 7.55 -15.18 -13.99
N GLN C 256 7.85 -15.70 -12.80
CA GLN C 256 9.19 -15.64 -12.24
C GLN C 256 9.94 -16.95 -12.34
N GLU C 257 9.55 -17.85 -13.23
CA GLU C 257 10.29 -19.10 -13.36
C GLU C 257 11.71 -18.86 -13.85
N GLY C 258 11.87 -18.05 -14.89
CA GLY C 258 13.21 -17.75 -15.38
C GLY C 258 14.04 -16.95 -14.40
N ALA C 259 13.39 -16.01 -13.70
CA ALA C 259 14.10 -15.26 -12.66
C ALA C 259 14.56 -16.17 -11.55
N MET C 260 13.72 -17.14 -11.14
CA MET C 260 14.16 -18.11 -10.16
C MET C 260 15.31 -18.93 -10.67
N HIS C 261 15.25 -19.36 -11.93
CA HIS C 261 16.36 -20.11 -12.51
C HIS C 261 17.65 -19.32 -12.42
N THR C 262 17.58 -18.02 -12.67
CA THR C 262 18.76 -17.17 -12.53
C THR C 262 19.20 -17.09 -11.07
N ALA C 263 18.25 -17.01 -10.14
CA ALA C 263 18.57 -16.88 -8.73
C ALA C 263 19.18 -18.16 -8.17
N LEU C 264 18.88 -19.30 -8.77
CA LEU C 264 19.41 -20.58 -8.33
C LEU C 264 20.82 -20.83 -8.85
N THR C 265 21.43 -19.87 -9.52
CA THR C 265 22.83 -20.00 -9.91
C THR C 265 23.69 -20.18 -8.68
N GLY C 266 24.52 -21.22 -8.68
CA GLY C 266 25.33 -21.55 -7.54
C GLY C 266 24.78 -22.67 -6.68
N ALA C 267 23.57 -23.12 -6.95
CA ALA C 267 22.97 -24.25 -6.26
C ALA C 267 23.10 -25.51 -7.11
N THR C 268 23.20 -26.65 -6.45
CA THR C 268 23.32 -27.92 -7.15
C THR C 268 21.94 -28.51 -7.40
N GLU C 269 21.67 -28.80 -8.66
CA GLU C 269 20.44 -29.48 -9.03
C GLU C 269 20.37 -30.85 -8.37
N ILE C 270 19.16 -31.25 -8.00
CA ILE C 270 18.90 -32.56 -7.43
C ILE C 270 17.65 -33.11 -8.11
N GLN C 271 17.32 -34.36 -7.79
CA GLN C 271 16.15 -35.03 -8.31
C GLN C 271 15.11 -35.14 -7.22
N MET C 272 13.88 -34.72 -7.53
CA MET C 272 12.79 -34.76 -6.57
C MET C 272 11.49 -35.22 -7.19
N SER C 273 11.50 -35.66 -8.45
CA SER C 273 10.27 -36.14 -9.07
C SER C 273 9.78 -37.42 -8.40
N SER C 274 10.71 -38.28 -7.99
CA SER C 274 10.37 -39.55 -7.32
C SER C 274 11.43 -39.84 -6.26
N GLY C 275 11.17 -39.39 -5.03
CA GLY C 275 11.91 -39.84 -3.88
C GLY C 275 13.00 -38.94 -3.35
N ASN C 276 13.22 -37.78 -3.95
CA ASN C 276 14.22 -36.83 -3.46
C ASN C 276 15.61 -37.45 -3.44
N LEU C 277 16.12 -37.73 -4.63
CA LEU C 277 17.46 -38.26 -4.78
C LEU C 277 18.47 -37.12 -4.88
N LEU C 278 19.59 -37.28 -4.19
CA LEU C 278 20.70 -36.35 -4.29
C LEU C 278 21.91 -37.09 -4.84
N PHE C 279 22.64 -36.41 -5.71
CA PHE C 279 23.86 -36.94 -6.31
C PHE C 279 24.98 -35.93 -6.15
N THR C 280 25.01 -35.28 -4.99
CA THR C 280 26.07 -34.35 -4.65
C THR C 280 26.37 -34.50 -3.17
N GLY C 281 27.57 -34.11 -2.77
CA GLY C 281 28.00 -34.19 -1.39
C GLY C 281 28.88 -35.39 -1.13
N HIS C 282 29.39 -35.44 0.10
CA HIS C 282 30.36 -36.45 0.49
C HIS C 282 29.82 -37.28 1.65
N LEU C 283 30.59 -38.30 2.02
CA LEU C 283 30.27 -39.16 3.15
C LEU C 283 31.58 -39.69 3.71
N LYS C 284 31.86 -39.33 4.95
CA LYS C 284 33.07 -39.78 5.63
C LYS C 284 32.78 -41.14 6.27
N CYS C 285 33.62 -42.12 5.95
CA CYS C 285 33.45 -43.48 6.45
C CYS C 285 34.77 -44.01 6.96
N ARG C 286 34.69 -44.80 8.02
CA ARG C 286 35.82 -45.58 8.49
C ARG C 286 35.72 -46.97 7.86
N LEU C 287 36.80 -47.40 7.22
CA LEU C 287 36.83 -48.69 6.55
C LEU C 287 37.63 -49.67 7.39
N ARG C 288 37.03 -50.82 7.68
CA ARG C 288 37.62 -51.82 8.56
C ARG C 288 38.01 -53.04 7.74
N MET C 289 39.31 -53.25 7.59
CA MET C 289 39.85 -54.33 6.78
C MET C 289 40.20 -55.56 7.61
N ASP C 290 39.77 -55.60 8.87
CA ASP C 290 40.14 -56.70 9.75
C ASP C 290 39.72 -58.05 9.17
N LYS C 291 38.51 -58.13 8.61
CA LYS C 291 37.96 -59.37 8.11
C LYS C 291 38.10 -59.49 6.59
N LEU C 292 39.02 -58.76 6.00
CA LEU C 292 39.22 -58.74 4.55
C LEU C 292 40.44 -59.58 4.22
N GLN C 293 40.27 -60.50 3.27
CA GLN C 293 41.32 -61.42 2.87
C GLN C 293 41.40 -61.47 1.35
N LEU C 294 42.62 -61.61 0.84
CA LEU C 294 42.80 -61.77 -0.60
C LEU C 294 42.09 -63.02 -1.08
N LYS C 295 41.45 -62.92 -2.25
CA LYS C 295 40.66 -64.04 -2.74
C LYS C 295 41.53 -65.19 -3.22
N GLY C 296 42.61 -64.88 -3.93
CA GLY C 296 43.44 -65.91 -4.51
C GLY C 296 44.52 -66.47 -3.62
N MET C 297 44.67 -65.93 -2.42
CA MET C 297 45.69 -66.44 -1.50
C MET C 297 45.45 -67.92 -1.26
N SER C 298 46.54 -68.68 -1.17
CA SER C 298 46.50 -70.12 -1.05
C SER C 298 46.24 -70.81 -2.39
N TYR C 299 46.52 -70.11 -3.49
CA TYR C 299 46.72 -70.70 -4.79
C TYR C 299 48.19 -70.91 -5.08
N SER C 300 48.46 -71.82 -6.01
CA SER C 300 49.79 -71.96 -6.57
C SER C 300 50.00 -70.94 -7.68
N MET C 301 51.26 -70.62 -7.92
CA MET C 301 51.57 -69.72 -9.02
C MET C 301 51.23 -70.39 -10.35
N CYS C 302 50.86 -69.55 -11.33
CA CYS C 302 50.58 -70.04 -12.68
C CYS C 302 51.90 -70.26 -13.40
N THR C 303 52.15 -71.51 -13.82
CA THR C 303 53.40 -71.86 -14.47
C THR C 303 53.31 -71.88 -15.99
N GLY C 304 52.12 -71.70 -16.56
CA GLY C 304 51.93 -71.76 -18.00
C GLY C 304 52.10 -70.41 -18.67
N LYS C 305 51.80 -70.39 -19.96
CA LYS C 305 51.97 -69.20 -20.78
C LYS C 305 50.75 -68.30 -20.70
N PHE C 306 50.98 -67.00 -20.68
CA PHE C 306 49.95 -65.99 -20.73
C PHE C 306 49.94 -65.32 -22.09
N LYS C 307 48.88 -64.56 -22.36
CA LYS C 307 48.82 -63.73 -23.55
C LYS C 307 48.05 -62.46 -23.23
N VAL C 308 48.54 -61.35 -23.78
CA VAL C 308 47.91 -60.04 -23.63
C VAL C 308 46.86 -59.93 -24.72
N VAL C 309 45.60 -60.20 -24.36
CA VAL C 309 44.52 -60.22 -25.35
C VAL C 309 44.01 -58.84 -25.71
N LYS C 310 44.43 -57.79 -24.99
CA LYS C 310 44.01 -56.43 -25.29
C LYS C 310 45.18 -55.51 -24.99
N GLU C 311 45.51 -54.63 -25.95
CA GLU C 311 46.69 -53.80 -25.82
C GLU C 311 46.66 -52.97 -24.55
N ILE C 312 47.81 -52.88 -23.89
CA ILE C 312 47.91 -52.17 -22.62
C ILE C 312 47.34 -50.77 -22.76
N ALA C 313 46.45 -50.41 -21.85
CA ALA C 313 45.80 -49.11 -21.86
C ALA C 313 46.24 -48.32 -20.64
N GLU C 314 46.72 -47.10 -20.86
CA GLU C 314 47.05 -46.22 -19.75
C GLU C 314 45.84 -45.38 -19.39
N THR C 315 45.56 -45.29 -18.10
CA THR C 315 44.42 -44.56 -17.58
C THR C 315 44.82 -43.15 -17.17
N GLN C 316 43.81 -42.35 -16.82
CA GLN C 316 44.08 -40.97 -16.40
C GLN C 316 45.03 -40.92 -15.20
N HIS C 317 45.03 -41.97 -14.39
CA HIS C 317 45.57 -41.90 -13.03
C HIS C 317 47.01 -42.37 -12.94
N GLY C 318 47.72 -42.46 -14.05
CA GLY C 318 49.09 -42.89 -14.04
C GLY C 318 49.30 -44.38 -13.91
N THR C 319 48.26 -45.18 -14.11
CA THR C 319 48.36 -46.63 -14.09
C THR C 319 48.11 -47.18 -15.49
N ILE C 320 48.17 -48.51 -15.59
CA ILE C 320 47.96 -49.21 -16.84
C ILE C 320 47.08 -50.42 -16.56
N VAL C 321 46.23 -50.76 -17.51
CA VAL C 321 45.39 -51.95 -17.40
C VAL C 321 45.87 -52.93 -18.46
N ILE C 322 46.19 -54.14 -18.02
CA ILE C 322 46.66 -55.19 -18.89
C ILE C 322 45.64 -56.32 -18.84
N ARG C 323 44.99 -56.58 -19.95
CA ARG C 323 44.05 -57.69 -20.04
C ARG C 323 44.82 -58.91 -20.55
N VAL C 324 45.03 -59.87 -19.65
CA VAL C 324 45.77 -61.08 -19.96
C VAL C 324 44.81 -62.25 -19.96
N GLN C 325 45.21 -63.31 -20.65
CA GLN C 325 44.48 -64.56 -20.62
C GLN C 325 45.48 -65.69 -20.42
N TYR C 326 45.04 -66.73 -19.74
CA TYR C 326 45.91 -67.83 -19.35
C TYR C 326 45.64 -69.04 -20.24
N GLU C 327 46.68 -69.56 -20.87
CA GLU C 327 46.61 -70.79 -21.65
C GLU C 327 47.55 -71.77 -20.99
N GLY C 328 47.06 -72.47 -19.99
CA GLY C 328 47.88 -73.39 -19.23
C GLY C 328 47.03 -74.15 -18.24
N ASP C 329 47.65 -75.14 -17.61
CA ASP C 329 46.96 -76.00 -16.67
C ASP C 329 47.07 -75.46 -15.26
N GLY C 330 46.30 -76.04 -14.35
CA GLY C 330 46.21 -75.52 -13.00
C GLY C 330 45.57 -74.16 -12.99
N SER C 331 44.43 -74.05 -13.67
CA SER C 331 43.82 -72.74 -13.94
C SER C 331 43.62 -71.89 -12.70
N PRO C 332 43.07 -72.41 -11.60
CA PRO C 332 42.97 -71.58 -10.39
C PRO C 332 44.33 -71.35 -9.76
N CYS C 333 45.10 -70.41 -10.31
CA CYS C 333 46.46 -70.16 -9.89
C CYS C 333 46.70 -68.66 -9.87
N LYS C 334 47.86 -68.27 -9.35
CA LYS C 334 48.23 -66.86 -9.27
C LYS C 334 49.06 -66.48 -10.47
N ILE C 335 48.81 -65.29 -11.00
CA ILE C 335 49.55 -64.81 -12.16
C ILE C 335 50.91 -64.28 -11.70
N PRO C 336 52.02 -64.78 -12.23
CA PRO C 336 53.30 -64.12 -11.98
C PRO C 336 53.39 -62.80 -12.70
N PHE C 337 53.42 -61.71 -11.97
CA PHE C 337 53.41 -60.38 -12.55
C PHE C 337 54.41 -59.51 -11.84
N GLU C 338 55.27 -58.82 -12.59
CA GLU C 338 56.09 -57.78 -11.98
C GLU C 338 56.49 -56.76 -13.03
N ILE C 339 56.87 -55.59 -12.57
CA ILE C 339 57.35 -54.50 -13.40
C ILE C 339 58.81 -54.28 -13.03
N MET C 340 59.72 -54.75 -13.87
CA MET C 340 61.14 -54.62 -13.63
C MET C 340 61.65 -53.36 -14.30
N ASP C 341 62.95 -53.10 -14.16
CA ASP C 341 63.60 -52.05 -14.93
C ASP C 341 64.11 -52.64 -16.26
N LEU C 342 64.76 -51.81 -17.07
CA LEU C 342 65.27 -52.29 -18.35
C LEU C 342 66.31 -53.38 -18.16
N GLU C 343 67.08 -53.32 -17.08
CA GLU C 343 68.07 -54.35 -16.79
C GLU C 343 67.48 -55.55 -16.06
N LYS C 344 66.19 -55.53 -15.74
CA LYS C 344 65.51 -56.62 -15.05
C LYS C 344 66.20 -56.98 -13.74
N ARG C 345 66.65 -55.96 -13.02
CA ARG C 345 67.26 -56.13 -11.70
C ARG C 345 66.34 -55.73 -10.57
N HIS C 346 65.82 -54.51 -10.61
CA HIS C 346 65.00 -53.95 -9.55
C HIS C 346 63.53 -53.98 -9.95
N VAL C 347 62.67 -54.32 -9.00
CA VAL C 347 61.24 -54.20 -9.19
C VAL C 347 60.87 -52.73 -9.02
N LEU C 348 60.24 -52.15 -10.05
CA LEU C 348 59.97 -50.73 -10.10
C LEU C 348 58.50 -50.39 -9.97
N GLY C 349 57.65 -51.07 -10.72
CA GLY C 349 56.25 -50.76 -10.68
C GLY C 349 55.60 -51.24 -9.41
N ARG C 350 54.36 -50.80 -9.23
CA ARG C 350 53.53 -51.23 -8.12
C ARG C 350 52.25 -51.83 -8.69
N LEU C 351 51.86 -52.99 -8.17
CA LEU C 351 50.65 -53.66 -8.64
C LEU C 351 49.45 -53.11 -7.89
N ILE C 352 48.54 -52.47 -8.62
CA ILE C 352 47.31 -51.97 -8.01
C ILE C 352 46.32 -53.10 -7.81
N THR C 353 46.07 -53.89 -8.85
CA THR C 353 45.28 -55.12 -8.74
C THR C 353 46.16 -56.16 -8.07
N VAL C 354 46.25 -56.07 -6.74
CA VAL C 354 47.16 -56.92 -5.99
C VAL C 354 46.68 -58.36 -6.04
N ASN C 355 47.63 -59.29 -6.10
CA ASN C 355 47.35 -60.72 -6.14
C ASN C 355 46.41 -61.04 -7.29
N PRO C 356 46.80 -60.75 -8.54
CA PRO C 356 45.98 -61.20 -9.67
C PRO C 356 45.95 -62.72 -9.71
N ILE C 357 44.79 -63.27 -10.08
CA ILE C 357 44.62 -64.71 -10.14
C ILE C 357 43.84 -65.08 -11.39
N VAL C 358 43.99 -66.33 -11.79
CA VAL C 358 43.24 -66.92 -12.89
C VAL C 358 42.18 -67.82 -12.27
N THR C 359 40.92 -67.46 -12.42
CA THR C 359 39.85 -68.31 -11.90
C THR C 359 39.46 -69.38 -12.90
N GLU C 360 39.50 -69.04 -14.18
CA GLU C 360 39.24 -69.97 -15.26
C GLU C 360 40.31 -69.80 -16.32
N LYS C 361 40.56 -70.86 -17.08
CA LYS C 361 41.59 -70.81 -18.11
C LYS C 361 41.23 -69.80 -19.19
N ASP C 362 40.03 -69.89 -19.75
CA ASP C 362 39.62 -69.03 -20.85
C ASP C 362 38.84 -67.82 -20.32
N SER C 363 39.48 -67.07 -19.43
CA SER C 363 38.85 -65.90 -18.85
C SER C 363 39.90 -64.80 -18.68
N PRO C 364 39.68 -63.63 -19.27
CA PRO C 364 40.67 -62.55 -19.26
C PRO C 364 40.68 -61.68 -18.00
N VAL C 365 41.46 -62.12 -17.02
CA VAL C 365 41.71 -61.29 -15.85
C VAL C 365 42.27 -59.94 -16.27
N ASN C 366 41.67 -58.87 -15.75
CA ASN C 366 42.19 -57.52 -15.94
C ASN C 366 43.11 -57.18 -14.78
N ILE C 367 44.32 -56.73 -15.09
CA ILE C 367 45.31 -56.36 -14.09
C ILE C 367 45.60 -54.88 -14.23
N GLU C 368 45.47 -54.14 -13.14
CA GLU C 368 45.87 -52.75 -13.09
C GLU C 368 47.17 -52.64 -12.33
N ALA C 369 48.19 -52.09 -12.96
CA ALA C 369 49.48 -51.86 -12.35
C ALA C 369 49.81 -50.39 -12.41
N GLU C 370 50.80 -49.97 -11.62
CA GLU C 370 51.32 -48.61 -11.63
C GLU C 370 52.80 -48.68 -11.99
N PRO C 371 53.16 -48.42 -13.24
CA PRO C 371 54.56 -48.48 -13.64
C PRO C 371 55.33 -47.27 -13.14
N PRO C 372 56.64 -47.33 -13.12
CA PRO C 372 57.44 -46.14 -12.82
C PRO C 372 57.52 -45.20 -14.01
N PHE C 373 57.89 -43.97 -13.71
CA PHE C 373 58.13 -43.00 -14.78
C PHE C 373 59.34 -43.42 -15.59
N GLY C 374 59.22 -43.31 -16.91
CA GLY C 374 60.30 -43.72 -17.80
C GLY C 374 60.03 -45.06 -18.41
N ASP C 375 61.08 -45.84 -18.65
CA ASP C 375 60.97 -47.12 -19.32
C ASP C 375 61.00 -48.25 -18.31
N SER C 376 60.16 -49.26 -18.51
CA SER C 376 60.12 -50.42 -17.65
C SER C 376 59.63 -51.60 -18.48
N TYR C 377 59.81 -52.80 -17.93
CA TYR C 377 59.27 -54.01 -18.51
C TYR C 377 58.13 -54.52 -17.65
N ILE C 378 57.04 -54.91 -18.31
CA ILE C 378 55.98 -55.68 -17.68
C ILE C 378 56.25 -57.15 -17.97
N ILE C 379 56.65 -57.87 -16.93
CA ILE C 379 56.92 -59.31 -17.03
C ILE C 379 55.71 -60.05 -16.48
N ILE C 380 55.09 -60.86 -17.33
CA ILE C 380 53.94 -61.68 -16.94
C ILE C 380 54.27 -63.13 -17.23
N GLY C 381 54.15 -63.98 -16.22
CA GLY C 381 54.42 -65.39 -16.37
C GLY C 381 55.82 -65.78 -15.96
N VAL C 382 56.04 -67.09 -15.89
CA VAL C 382 57.34 -67.66 -15.55
C VAL C 382 58.19 -67.81 -16.81
N GLU C 383 59.47 -68.08 -16.62
CA GLU C 383 60.45 -67.96 -17.69
C GLU C 383 60.13 -68.72 -18.97
N PRO C 384 59.67 -69.96 -18.94
CA PRO C 384 59.54 -70.72 -20.20
C PRO C 384 58.73 -70.01 -21.27
N GLY C 385 57.68 -69.28 -20.89
CA GLY C 385 56.89 -68.54 -21.85
C GLY C 385 56.57 -67.13 -21.40
N GLN C 386 57.48 -66.56 -20.63
CA GLN C 386 57.27 -65.26 -20.01
C GLN C 386 57.04 -64.18 -21.05
N LEU C 387 56.16 -63.24 -20.73
CA LEU C 387 55.91 -62.06 -21.57
C LEU C 387 56.68 -60.88 -20.98
N LYS C 388 57.51 -60.26 -21.82
CA LYS C 388 58.24 -59.06 -21.41
C LYS C 388 57.77 -57.91 -22.30
N LEU C 389 56.88 -57.09 -21.76
CA LEU C 389 56.28 -55.98 -22.49
C LEU C 389 56.96 -54.69 -22.05
N SER C 390 57.60 -54.02 -22.98
CA SER C 390 58.22 -52.73 -22.70
C SER C 390 57.15 -51.66 -22.56
N TRP C 391 57.30 -50.82 -21.55
CA TRP C 391 56.37 -49.72 -21.33
C TRP C 391 57.14 -48.43 -21.11
N PHE C 392 56.52 -47.32 -21.52
CA PHE C 392 57.04 -45.99 -21.23
C PHE C 392 55.92 -45.18 -20.59
N LYS C 393 56.24 -44.55 -19.47
CA LYS C 393 55.30 -43.71 -18.73
C LYS C 393 55.80 -42.27 -18.81
N LYS C 394 55.10 -41.44 -19.56
CA LYS C 394 55.45 -40.03 -19.68
C LYS C 394 55.21 -39.30 -18.36
N GLY C 395 56.08 -38.36 -18.06
CA GLY C 395 55.99 -37.56 -16.86
C GLY C 395 57.21 -37.71 -15.99
N SER C 396 57.16 -37.04 -14.84
CA SER C 396 58.23 -37.11 -13.86
C SER C 396 57.62 -37.21 -12.47
N SER C 397 58.47 -37.45 -11.47
CA SER C 397 58.00 -37.48 -10.09
C SER C 397 57.72 -36.08 -9.56
N ILE C 398 58.41 -35.07 -10.08
CA ILE C 398 58.12 -33.70 -9.67
C ILE C 398 56.73 -33.28 -10.16
N GLY C 399 56.39 -33.65 -11.39
CA GLY C 399 55.04 -33.40 -11.88
C GLY C 399 53.99 -34.11 -11.06
N GLN C 400 54.26 -35.36 -10.67
CA GLN C 400 53.32 -36.09 -9.83
C GLN C 400 53.20 -35.44 -8.45
N MET C 401 54.30 -34.94 -7.91
CA MET C 401 54.26 -34.25 -6.62
C MET C 401 53.40 -33.00 -6.72
N PHE C 402 53.59 -32.21 -7.77
CA PHE C 402 52.78 -31.01 -7.96
C PHE C 402 51.30 -31.37 -8.13
N GLU C 403 51.02 -32.41 -8.92
CA GLU C 403 49.64 -32.80 -9.15
C GLU C 403 48.98 -33.30 -7.87
N THR C 404 49.73 -34.07 -7.06
CA THR C 404 49.19 -34.53 -5.78
C THR C 404 48.93 -33.37 -4.84
N THR C 405 49.84 -32.40 -4.79
CA THR C 405 49.61 -31.24 -3.95
C THR C 405 48.39 -30.46 -4.41
N MET C 406 48.21 -30.32 -5.72
CA MET C 406 47.07 -29.56 -6.23
C MET C 406 45.76 -30.31 -5.98
N ARG C 407 45.77 -31.64 -6.10
CA ARG C 407 44.58 -32.42 -5.77
C ARG C 407 44.25 -32.32 -4.29
N GLY C 408 45.26 -32.35 -3.42
CA GLY C 408 45.01 -32.19 -2.01
C GLY C 408 44.46 -30.82 -1.66
N ALA C 409 45.00 -29.78 -2.31
CA ALA C 409 44.47 -28.44 -2.11
C ALA C 409 43.04 -28.32 -2.60
N LYS C 410 42.73 -28.94 -3.75
CA LYS C 410 41.37 -28.88 -4.25
C LYS C 410 40.41 -29.60 -3.31
N ARG C 411 40.85 -30.70 -2.72
CA ARG C 411 40.01 -31.37 -1.73
C ARG C 411 39.84 -30.52 -0.48
N MET C 412 40.89 -29.84 -0.04
CA MET C 412 40.77 -28.92 1.08
C MET C 412 39.86 -27.75 0.75
N ALA C 413 39.68 -27.44 -0.53
CA ALA C 413 38.76 -26.40 -0.95
C ALA C 413 37.33 -26.90 -1.11
N ILE C 414 37.15 -28.11 -1.65
CA ILE C 414 35.81 -28.69 -1.72
C ILE C 414 35.32 -29.05 -0.32
N LEU C 415 36.13 -29.79 0.42
CA LEU C 415 35.81 -30.17 1.79
C LEU C 415 36.48 -29.18 2.73
N GLY C 416 35.99 -29.15 3.96
CA GLY C 416 36.56 -28.22 4.91
C GLY C 416 37.66 -28.88 5.72
N ASP C 417 37.43 -29.00 7.03
CA ASP C 417 38.27 -29.85 7.84
C ASP C 417 38.14 -31.32 7.46
N THR C 418 37.06 -31.68 6.74
CA THR C 418 36.84 -33.07 6.38
C THR C 418 37.94 -33.61 5.47
N ALA C 419 38.68 -32.73 4.81
CA ALA C 419 39.77 -33.20 3.95
C ALA C 419 40.87 -33.86 4.77
N TRP C 420 41.05 -33.44 6.01
CA TRP C 420 42.02 -34.07 6.90
C TRP C 420 41.61 -35.47 7.29
N ASP C 421 40.37 -35.86 7.03
CA ASP C 421 39.89 -37.19 7.33
C ASP C 421 40.00 -38.14 6.15
N PHE C 422 40.38 -37.66 4.98
CA PHE C 422 40.50 -38.50 3.81
C PHE C 422 41.80 -39.30 3.88
N GLY C 423 41.69 -40.62 3.82
CA GLY C 423 42.87 -41.46 3.93
C GLY C 423 43.61 -41.27 5.23
N SER C 424 42.89 -41.05 6.32
CA SER C 424 43.49 -40.79 7.62
C SER C 424 43.53 -42.08 8.43
N LEU C 425 44.58 -42.19 9.25
CA LEU C 425 44.80 -43.36 10.10
C LEU C 425 45.01 -42.91 11.54
N GLY C 426 44.21 -41.94 11.98
CA GLY C 426 44.49 -41.29 13.23
C GLY C 426 45.73 -40.42 13.11
N GLY C 427 46.39 -40.19 14.23
CA GLY C 427 47.62 -39.43 14.20
C GLY C 427 47.51 -38.06 14.84
N VAL C 428 48.55 -37.69 15.59
CA VAL C 428 48.55 -36.38 16.24
C VAL C 428 48.58 -35.27 15.19
N PHE C 429 49.40 -35.42 14.16
CA PHE C 429 49.49 -34.37 13.14
C PHE C 429 48.17 -34.18 12.43
N THR C 430 47.49 -35.27 12.08
CA THR C 430 46.21 -35.16 11.40
C THR C 430 45.18 -34.44 12.26
N SER C 431 45.11 -34.79 13.54
CA SER C 431 44.13 -34.17 14.43
C SER C 431 44.45 -32.70 14.66
N ILE C 432 45.74 -32.37 14.84
CA ILE C 432 46.13 -30.98 15.04
C ILE C 432 45.79 -30.16 13.80
N GLY C 433 46.11 -30.70 12.61
CA GLY C 433 45.77 -30.01 11.39
C GLY C 433 44.28 -29.83 11.23
N LYS C 434 43.51 -30.86 11.57
CA LYS C 434 42.05 -30.73 11.44
C LYS C 434 41.50 -29.68 12.38
N ALA C 435 42.02 -29.61 13.61
CA ALA C 435 41.53 -28.59 14.54
C ALA C 435 41.89 -27.19 14.08
N LEU C 436 43.13 -26.98 13.66
CA LEU C 436 43.52 -25.67 13.13
C LEU C 436 42.69 -25.32 11.92
N HIS C 437 42.44 -26.29 11.04
CA HIS C 437 41.61 -26.06 9.87
C HIS C 437 40.19 -25.70 10.29
N GLN C 438 39.66 -26.34 11.32
CA GLN C 438 38.31 -26.03 11.77
C GLN C 438 38.21 -24.59 12.25
N VAL C 439 39.15 -24.16 13.09
CA VAL C 439 39.09 -22.80 13.61
C VAL C 439 39.23 -21.79 12.47
N PHE C 440 40.24 -21.99 11.62
CA PHE C 440 40.48 -21.04 10.54
C PHE C 440 39.37 -21.04 9.52
N GLY C 441 38.78 -22.21 9.25
CA GLY C 441 37.67 -22.29 8.32
C GLY C 441 36.41 -21.66 8.86
N ALA C 442 36.19 -21.76 10.17
CA ALA C 442 35.08 -21.02 10.77
C ALA C 442 35.27 -19.52 10.58
N ILE C 443 36.49 -19.03 10.87
CA ILE C 443 36.75 -17.61 10.68
C ILE C 443 36.58 -17.21 9.21
N TYR C 444 37.09 -18.02 8.29
CA TYR C 444 37.02 -17.70 6.88
C TYR C 444 35.59 -17.71 6.37
N GLY C 445 34.80 -18.72 6.77
CA GLY C 445 33.41 -18.75 6.36
C GLY C 445 32.62 -17.57 6.91
N ALA C 446 32.95 -17.14 8.13
CA ALA C 446 32.34 -15.93 8.65
C ALA C 446 32.72 -14.73 7.80
N ALA C 447 33.99 -14.63 7.41
CA ALA C 447 34.47 -13.44 6.72
C ALA C 447 34.02 -13.36 5.26
N PHE C 448 33.80 -14.51 4.60
CA PHE C 448 33.55 -14.53 3.16
C PHE C 448 32.19 -15.13 2.81
N SER C 449 31.27 -15.23 3.77
CA SER C 449 29.96 -15.79 3.49
C SER C 449 29.17 -14.82 2.61
N GLY C 450 28.52 -15.37 1.58
CA GLY C 450 27.68 -14.58 0.70
C GLY C 450 28.40 -13.82 -0.39
N VAL C 451 29.72 -13.90 -0.44
CA VAL C 451 30.54 -13.18 -1.42
C VAL C 451 30.78 -14.06 -2.63
N SER C 452 30.88 -13.43 -3.80
CA SER C 452 31.13 -14.15 -5.05
C SER C 452 32.63 -14.32 -5.28
N TRP C 453 32.97 -15.13 -6.29
CA TRP C 453 34.38 -15.41 -6.56
C TRP C 453 35.12 -14.17 -7.00
N THR C 454 34.47 -13.28 -7.74
CA THR C 454 35.14 -12.04 -8.14
C THR C 454 35.47 -11.18 -6.93
N MET C 455 34.55 -11.09 -5.98
CA MET C 455 34.82 -10.34 -4.75
C MET C 455 35.89 -11.03 -3.92
N LYS C 456 35.91 -12.36 -3.92
CA LYS C 456 36.99 -13.07 -3.22
C LYS C 456 38.34 -12.77 -3.84
N ILE C 457 38.41 -12.73 -5.17
CA ILE C 457 39.66 -12.40 -5.84
C ILE C 457 40.07 -10.97 -5.52
N LEU C 458 39.11 -10.03 -5.55
CA LEU C 458 39.41 -8.66 -5.20
C LEU C 458 39.96 -8.56 -3.77
N ILE C 459 39.27 -9.17 -2.81
CA ILE C 459 39.69 -9.09 -1.42
C ILE C 459 41.02 -9.79 -1.22
N GLY C 460 41.25 -10.90 -1.92
CA GLY C 460 42.54 -11.56 -1.81
C GLY C 460 43.67 -10.69 -2.33
N VAL C 461 43.47 -10.02 -3.46
CA VAL C 461 44.47 -9.10 -3.98
C VAL C 461 44.72 -7.97 -2.98
N VAL C 462 43.66 -7.43 -2.41
CA VAL C 462 43.80 -6.32 -1.48
C VAL C 462 44.57 -6.75 -0.24
N ILE C 463 44.22 -7.92 0.32
CA ILE C 463 44.91 -8.41 1.51
C ILE C 463 46.36 -8.72 1.20
N THR C 464 46.63 -9.31 0.04
CA THR C 464 48.01 -9.59 -0.34
C THR C 464 48.82 -8.32 -0.43
N TRP C 465 48.25 -7.27 -1.02
CA TRP C 465 48.96 -6.00 -1.13
C TRP C 465 49.19 -5.38 0.25
N ILE C 466 48.17 -5.43 1.11
CA ILE C 466 48.33 -4.89 2.46
C ILE C 466 49.44 -5.60 3.19
N GLY C 467 49.50 -6.93 3.06
CA GLY C 467 50.58 -7.68 3.68
C GLY C 467 51.94 -7.34 3.09
N MET C 468 52.01 -7.22 1.76
CA MET C 468 53.28 -6.90 1.12
C MET C 468 53.80 -5.54 1.55
N ASN C 469 52.91 -4.59 1.86
CA ASN C 469 53.31 -3.24 2.23
C ASN C 469 53.33 -3.03 3.75
N SER C 470 53.49 -4.11 4.52
CA SER C 470 53.47 -4.04 5.97
C SER C 470 54.90 -3.97 6.49
N ARG C 471 55.14 -3.07 7.46
CA ARG C 471 56.46 -2.98 8.06
C ARG C 471 56.79 -4.22 8.85
N SER C 472 55.81 -4.80 9.54
CA SER C 472 56.04 -6.00 10.32
C SER C 472 56.13 -7.22 9.39
N THR C 473 57.18 -8.03 9.56
CA THR C 473 57.32 -9.23 8.77
C THR C 473 56.31 -10.30 9.19
N SER C 474 56.04 -10.40 10.49
CA SER C 474 55.03 -11.34 10.96
C SER C 474 53.67 -11.02 10.35
N LEU C 475 53.23 -9.77 10.48
CA LEU C 475 51.97 -9.36 9.87
C LEU C 475 52.04 -9.47 8.35
N SER C 476 53.17 -9.10 7.76
CA SER C 476 53.29 -9.16 6.31
C SER C 476 53.17 -10.59 5.81
N VAL C 477 53.87 -11.52 6.45
CA VAL C 477 53.79 -12.92 6.04
C VAL C 477 52.38 -13.47 6.23
N SER C 478 51.78 -13.17 7.39
CA SER C 478 50.42 -13.64 7.63
C SER C 478 49.44 -13.11 6.58
N LEU C 479 49.55 -11.82 6.25
CA LEU C 479 48.62 -11.23 5.29
C LEU C 479 48.86 -11.77 3.88
N VAL C 480 50.12 -11.96 3.50
CA VAL C 480 50.38 -12.54 2.18
C VAL C 480 49.86 -13.96 2.09
N LEU C 481 50.01 -14.73 3.16
CA LEU C 481 49.48 -16.09 3.18
C LEU C 481 47.96 -16.09 3.06
N VAL C 482 47.30 -15.20 3.81
CA VAL C 482 45.85 -15.11 3.74
C VAL C 482 45.40 -14.70 2.34
N GLY C 483 46.11 -13.72 1.75
CA GLY C 483 45.75 -13.30 0.41
C GLY C 483 45.93 -14.37 -0.63
N VAL C 484 47.03 -15.14 -0.53
CA VAL C 484 47.24 -16.23 -1.47
C VAL C 484 46.14 -17.28 -1.33
N VAL C 485 45.81 -17.64 -0.09
CA VAL C 485 44.75 -18.63 0.10
C VAL C 485 43.43 -18.11 -0.45
N THR C 486 43.14 -16.83 -0.23
CA THR C 486 41.88 -16.27 -0.72
C THR C 486 41.84 -16.21 -2.24
N LEU C 487 42.95 -15.84 -2.88
CA LEU C 487 43.02 -15.86 -4.33
C LEU C 487 42.81 -17.27 -4.87
N TYR C 488 43.44 -18.27 -4.24
CA TYR C 488 43.23 -19.65 -4.66
C TYR C 488 41.77 -20.05 -4.52
N LEU C 489 41.15 -19.69 -3.40
CA LEU C 489 39.77 -20.09 -3.16
C LEU C 489 38.82 -19.41 -4.13
N GLY C 490 39.07 -18.14 -4.44
CA GLY C 490 38.24 -17.45 -5.41
C GLY C 490 38.47 -17.91 -6.83
N VAL C 491 39.65 -18.48 -7.10
CA VAL C 491 39.88 -19.09 -8.41
C VAL C 491 39.16 -20.43 -8.51
N MET C 492 39.15 -21.21 -7.43
CA MET C 492 38.63 -22.56 -7.45
C MET C 492 37.13 -22.66 -7.18
N VAL C 493 36.49 -21.57 -6.76
CA VAL C 493 35.11 -21.62 -6.30
C VAL C 493 34.13 -21.57 -7.47
N GLN C 494 32.86 -21.83 -7.20
CA GLN C 494 31.79 -21.78 -8.18
C GLN C 494 31.81 -23.00 -9.08
N ALA C 495 32.23 -24.14 -8.54
CA ALA C 495 32.19 -25.39 -9.26
C ALA C 495 30.91 -26.15 -8.96
N SER D 1 13.99 -8.21 -7.83
CA SER D 1 13.76 -9.51 -8.45
C SER D 1 14.44 -10.60 -7.63
N VAL D 2 13.99 -11.84 -7.80
CA VAL D 2 14.73 -12.96 -7.22
C VAL D 2 16.07 -13.12 -7.91
N ALA D 3 16.15 -12.72 -9.18
CA ALA D 3 17.40 -12.84 -9.92
C ALA D 3 18.51 -12.00 -9.32
N LEU D 4 18.17 -11.02 -8.48
CA LEU D 4 19.16 -10.15 -7.87
C LEU D 4 19.79 -10.77 -6.62
N VAL D 5 19.30 -11.91 -6.17
CA VAL D 5 19.85 -12.58 -4.99
C VAL D 5 20.19 -14.02 -5.35
N PRO D 6 21.24 -14.24 -6.13
CA PRO D 6 21.61 -15.61 -6.50
C PRO D 6 22.17 -16.39 -5.31
N HIS D 7 22.19 -17.70 -5.48
CA HIS D 7 22.63 -18.64 -4.44
C HIS D 7 24.14 -18.85 -4.48
N VAL D 8 24.89 -17.75 -4.48
CA VAL D 8 26.34 -17.78 -4.58
C VAL D 8 26.93 -17.33 -3.25
N GLY D 9 27.99 -18.01 -2.82
CA GLY D 9 28.61 -17.72 -1.55
C GLY D 9 27.94 -18.34 -0.35
N MET D 10 27.04 -19.31 -0.56
CA MET D 10 26.30 -19.91 0.54
C MET D 10 27.05 -21.04 1.22
N GLY D 11 28.19 -21.48 0.68
CA GLY D 11 28.97 -22.51 1.33
C GLY D 11 28.41 -23.91 1.26
N LEU D 12 27.59 -24.21 0.25
CA LEU D 12 27.06 -25.55 0.06
C LEU D 12 27.66 -26.26 -1.15
N GLU D 13 28.71 -25.70 -1.75
CA GLU D 13 29.23 -26.27 -2.98
C GLU D 13 30.01 -27.55 -2.71
N THR D 14 29.81 -28.51 -3.58
CA THR D 14 30.51 -29.78 -3.60
C THR D 14 31.33 -29.84 -4.87
N ARG D 15 31.90 -31.02 -5.17
CA ARG D 15 32.58 -31.18 -6.43
C ARG D 15 31.61 -31.13 -7.60
N THR D 16 30.37 -31.56 -7.39
CA THR D 16 29.36 -31.51 -8.44
C THR D 16 29.20 -30.09 -8.97
N GLU D 17 29.05 -29.96 -10.28
CA GLU D 17 28.87 -28.64 -10.87
C GLU D 17 27.48 -28.10 -10.53
N THR D 18 27.39 -26.78 -10.44
CA THR D 18 26.20 -26.11 -9.96
C THR D 18 25.23 -25.84 -11.11
N TRP D 19 24.16 -25.12 -10.81
CA TRP D 19 23.06 -24.95 -11.77
C TRP D 19 23.51 -24.29 -13.05
N MET D 20 24.18 -23.15 -12.93
CA MET D 20 24.62 -22.39 -14.11
C MET D 20 26.03 -21.88 -13.89
N SER D 21 26.91 -22.78 -13.41
CA SER D 21 28.26 -22.38 -13.07
C SER D 21 29.00 -21.82 -14.28
N SER D 22 28.99 -22.55 -15.40
CA SER D 22 29.67 -22.07 -16.60
C SER D 22 29.06 -20.76 -17.07
N GLU D 23 27.73 -20.69 -17.14
CA GLU D 23 27.07 -19.45 -17.54
C GLU D 23 27.41 -18.32 -16.59
N GLY D 24 27.00 -18.46 -15.34
CA GLY D 24 27.10 -17.38 -14.37
C GLY D 24 28.49 -17.08 -13.86
N ALA D 25 29.51 -17.81 -14.32
CA ALA D 25 30.86 -17.55 -13.85
C ALA D 25 31.32 -16.14 -14.22
N TRP D 26 31.10 -15.74 -15.47
CA TRP D 26 31.65 -14.50 -15.99
C TRP D 26 30.59 -13.49 -16.39
N LYS D 27 29.32 -13.75 -16.05
CA LYS D 27 28.25 -12.88 -16.52
C LYS D 27 28.33 -11.50 -15.87
N HIS D 28 28.71 -11.43 -14.60
CA HIS D 28 28.86 -10.14 -13.94
C HIS D 28 29.98 -9.32 -14.58
N ALA D 29 31.11 -9.95 -14.87
CA ALA D 29 32.21 -9.24 -15.52
C ALA D 29 31.82 -8.78 -16.92
N GLN D 30 31.12 -9.63 -17.67
CA GLN D 30 30.66 -9.23 -18.98
C GLN D 30 29.69 -8.06 -18.89
N ARG D 31 28.82 -8.07 -17.89
CA ARG D 31 27.89 -6.96 -17.71
C ARG D 31 28.62 -5.66 -17.41
N ILE D 32 29.59 -5.71 -16.50
CA ILE D 32 30.34 -4.50 -16.18
C ILE D 32 31.11 -4.00 -17.40
N GLU D 33 31.64 -4.93 -18.20
CA GLU D 33 32.35 -4.53 -19.42
C GLU D 33 31.41 -3.87 -20.42
N THR D 34 30.24 -4.46 -20.63
CA THR D 34 29.27 -3.86 -21.56
C THR D 34 28.84 -2.48 -21.07
N TRP D 35 28.61 -2.34 -19.76
CA TRP D 35 28.19 -1.06 -19.22
C TRP D 35 29.28 0.00 -19.38
N VAL D 36 30.54 -0.38 -19.12
CA VAL D 36 31.63 0.57 -19.27
C VAL D 36 31.79 0.98 -20.72
N LEU D 37 31.56 0.04 -21.64
CA LEU D 37 31.58 0.38 -23.06
C LEU D 37 30.45 1.33 -23.43
N ARG D 38 29.25 1.11 -22.88
CA ARG D 38 28.11 1.93 -23.25
C ARG D 38 28.15 3.31 -22.60
N HIS D 39 28.84 3.45 -21.48
CA HIS D 39 28.86 4.70 -20.72
C HIS D 39 30.30 5.09 -20.41
N PRO D 40 31.08 5.45 -21.43
CA PRO D 40 32.43 5.96 -21.18
C PRO D 40 32.44 7.24 -20.38
N GLY D 41 31.33 7.97 -20.36
CA GLY D 41 31.30 9.23 -19.61
C GLY D 41 31.43 9.01 -18.12
N PHE D 42 30.70 8.03 -17.58
CA PHE D 42 30.80 7.79 -16.15
C PHE D 42 32.13 7.18 -15.76
N THR D 43 32.73 6.39 -16.65
CA THR D 43 34.03 5.83 -16.35
C THR D 43 35.09 6.91 -16.23
N ILE D 44 35.06 7.91 -17.13
CA ILE D 44 36.01 9.00 -17.05
C ILE D 44 35.80 9.82 -15.78
N MET D 45 34.55 10.12 -15.46
CA MET D 45 34.27 10.87 -14.24
C MET D 45 34.71 10.09 -13.01
N ALA D 46 34.48 8.78 -13.02
CA ALA D 46 34.92 7.94 -11.91
C ALA D 46 36.43 7.94 -11.81
N ALA D 47 37.14 7.91 -12.94
CA ALA D 47 38.59 7.96 -12.90
C ALA D 47 39.07 9.27 -12.29
N ILE D 48 38.44 10.39 -12.68
CA ILE D 48 38.83 11.68 -12.12
C ILE D 48 38.56 11.72 -10.63
N LEU D 49 37.39 11.23 -10.21
CA LEU D 49 37.04 11.25 -8.79
C LEU D 49 37.96 10.34 -7.98
N ALA D 50 38.31 9.17 -8.54
CA ALA D 50 39.20 8.26 -7.83
C ALA D 50 40.59 8.84 -7.71
N TYR D 51 41.09 9.47 -8.77
CA TYR D 51 42.38 10.14 -8.68
C TYR D 51 42.36 11.24 -7.64
N THR D 52 41.28 12.01 -7.59
CA THR D 52 41.21 13.12 -6.65
C THR D 52 41.13 12.63 -5.21
N ILE D 53 40.22 11.68 -4.93
CA ILE D 53 40.01 11.25 -3.55
C ILE D 53 41.24 10.53 -3.01
N GLY D 54 41.83 9.63 -3.80
CA GLY D 54 42.88 8.77 -3.29
C GLY D 54 44.24 9.45 -3.35
N THR D 55 44.96 9.39 -2.22
CA THR D 55 46.32 9.91 -2.18
C THR D 55 47.33 8.96 -2.83
N THR D 56 47.09 7.66 -2.74
CA THR D 56 48.03 6.66 -3.23
C THR D 56 47.42 5.91 -4.41
N TYR D 57 48.28 5.48 -5.33
CA TYR D 57 47.80 4.79 -6.53
C TYR D 57 46.94 3.59 -6.18
N PHE D 58 47.18 2.96 -5.04
CA PHE D 58 46.36 1.82 -4.63
C PHE D 58 44.97 2.27 -4.23
N GLN D 59 44.87 3.34 -3.43
CA GLN D 59 43.56 3.86 -3.06
C GLN D 59 42.80 4.35 -4.29
N ARG D 60 43.51 5.04 -5.20
CA ARG D 60 42.85 5.56 -6.40
C ARG D 60 42.33 4.43 -7.27
N VAL D 61 43.16 3.42 -7.52
CA VAL D 61 42.74 2.31 -8.37
C VAL D 61 41.61 1.54 -7.71
N LEU D 62 41.69 1.32 -6.40
CA LEU D 62 40.62 0.62 -5.71
C LEU D 62 39.31 1.39 -5.79
N ILE D 63 39.35 2.70 -5.56
CA ILE D 63 38.15 3.51 -5.63
C ILE D 63 37.56 3.50 -7.03
N PHE D 64 38.41 3.63 -8.05
CA PHE D 64 37.92 3.59 -9.42
C PHE D 64 37.27 2.25 -9.73
N ILE D 65 37.92 1.15 -9.35
CA ILE D 65 37.39 -0.18 -9.64
C ILE D 65 36.05 -0.38 -8.94
N LEU D 66 35.98 -0.01 -7.67
CA LEU D 66 34.73 -0.18 -6.92
C LEU D 66 33.62 0.70 -7.48
N LEU D 67 33.95 1.93 -7.86
CA LEU D 67 32.95 2.82 -8.45
C LEU D 67 32.40 2.23 -9.74
N THR D 68 33.30 1.74 -10.60
CA THR D 68 32.87 1.16 -11.87
C THR D 68 32.03 -0.09 -11.65
N ALA D 69 32.41 -0.92 -10.67
CA ALA D 69 31.67 -2.15 -10.43
C ALA D 69 30.34 -1.91 -9.75
N VAL D 70 30.21 -0.82 -9.00
CA VAL D 70 28.96 -0.56 -8.29
C VAL D 70 27.98 0.28 -9.10
N ALA D 71 28.47 1.10 -10.04
CA ALA D 71 27.56 1.93 -10.82
C ALA D 71 26.55 1.09 -11.59
N PRO D 72 26.94 0.10 -12.39
CA PRO D 72 25.93 -0.80 -12.98
C PRO D 72 25.16 -1.60 -11.94
N SER D 73 25.78 -1.96 -10.82
CA SER D 73 25.14 -2.85 -9.86
C SER D 73 23.90 -2.21 -9.25
N MET D 74 24.03 -0.98 -8.73
CA MET D 74 22.86 -0.26 -8.25
C MET D 74 21.90 0.01 -9.39
N THR D 75 22.43 0.38 -10.55
CA THR D 75 21.65 0.53 -11.77
C THR D 75 20.71 -0.65 -11.97
N MET E 1 -11.46 25.86 -19.11
CA MET E 1 -11.56 25.54 -17.68
C MET E 1 -11.16 24.11 -17.41
N ARG E 2 -10.43 23.52 -18.35
CA ARG E 2 -10.04 22.11 -18.26
C ARG E 2 -8.94 21.90 -17.21
N CYS E 3 -8.01 22.86 -17.08
CA CYS E 3 -6.90 22.71 -16.16
C CYS E 3 -7.31 22.81 -14.70
N ILE E 4 -8.55 23.17 -14.41
CA ILE E 4 -9.03 23.26 -13.03
C ILE E 4 -9.29 21.85 -12.53
N GLY E 5 -8.55 21.44 -11.50
CA GLY E 5 -8.63 20.08 -11.00
C GLY E 5 -7.46 19.20 -11.34
N ILE E 6 -6.45 19.72 -12.04
CA ILE E 6 -5.24 18.99 -12.36
C ILE E 6 -4.11 19.57 -11.52
N SER E 7 -3.41 18.71 -10.79
CA SER E 7 -2.37 19.18 -9.88
C SER E 7 -1.20 19.80 -10.62
N ASN E 8 -0.93 19.36 -11.84
CA ASN E 8 0.24 19.82 -12.60
C ASN E 8 -0.11 20.96 -13.54
N ARG E 9 -1.13 21.74 -13.22
CA ARG E 9 -1.48 22.90 -14.02
C ARG E 9 -0.39 23.95 -13.97
N ASP E 10 -0.22 24.68 -15.07
CA ASP E 10 0.75 25.77 -15.16
C ASP E 10 0.05 27.03 -15.64
N PHE E 11 0.46 28.16 -15.09
CA PHE E 11 -0.05 29.46 -15.49
C PHE E 11 1.02 30.20 -16.29
N VAL E 12 0.70 30.51 -17.54
CA VAL E 12 1.60 31.25 -18.42
C VAL E 12 0.96 32.61 -18.69
N GLU E 13 1.63 33.68 -18.26
CA GLU E 13 1.12 35.03 -18.40
C GLU E 13 2.02 35.82 -19.34
N GLY E 14 1.41 36.48 -20.32
CA GLY E 14 2.11 37.42 -21.16
C GLY E 14 2.58 36.81 -22.47
N VAL E 15 2.65 37.67 -23.49
CA VAL E 15 3.17 37.31 -24.80
C VAL E 15 4.25 38.30 -25.17
N SER E 16 4.90 38.05 -26.31
CA SER E 16 5.97 38.91 -26.77
C SER E 16 5.38 40.03 -27.62
N GLY E 17 6.25 40.81 -28.27
CA GLY E 17 5.77 41.84 -29.17
C GLY E 17 4.92 41.28 -30.29
N GLY E 18 5.20 40.04 -30.69
CA GLY E 18 4.48 39.37 -31.74
C GLY E 18 3.20 38.67 -31.33
N SER E 19 2.82 38.74 -30.06
CA SER E 19 1.60 38.10 -29.57
C SER E 19 1.72 36.58 -29.58
N TRP E 20 2.94 36.09 -29.33
CA TRP E 20 3.18 34.66 -29.23
C TRP E 20 3.92 34.37 -27.94
N VAL E 21 3.89 33.10 -27.57
CA VAL E 21 4.52 32.62 -26.34
C VAL E 21 4.97 31.19 -26.58
N ASP E 22 6.03 30.80 -25.89
CA ASP E 22 6.56 29.45 -25.98
C ASP E 22 6.03 28.64 -24.80
N ILE E 23 5.36 27.52 -25.09
CA ILE E 23 4.83 26.64 -24.07
C ILE E 23 5.20 25.21 -24.39
N VAL E 24 5.65 24.48 -23.39
CA VAL E 24 5.89 23.05 -23.50
C VAL E 24 4.71 22.33 -22.87
N LEU E 25 4.04 21.48 -23.64
CA LEU E 25 2.87 20.74 -23.19
C LEU E 25 3.29 19.32 -22.84
N GLU E 26 3.04 18.91 -21.60
CA GLU E 26 3.27 17.54 -21.16
C GLU E 26 1.94 16.82 -20.99
N HIS E 27 1.99 15.50 -21.05
CA HIS E 27 0.77 14.72 -21.07
C HIS E 27 -0.01 14.83 -19.76
N GLY E 28 0.66 14.70 -18.64
CA GLY E 28 -0.05 14.79 -17.39
C GLY E 28 -0.33 16.18 -16.91
N SER E 29 0.15 17.19 -17.63
CA SER E 29 0.08 18.58 -17.23
C SER E 29 -0.90 19.34 -18.09
N CYS E 30 -1.37 20.47 -17.57
CA CYS E 30 -2.22 21.41 -18.29
C CYS E 30 -1.58 22.78 -18.18
N VAL E 31 -1.64 23.54 -19.28
CA VAL E 31 -1.13 24.91 -19.29
C VAL E 31 -2.30 25.86 -19.54
N THR E 32 -2.40 26.88 -18.70
CA THR E 32 -3.35 27.97 -18.88
C THR E 32 -2.57 29.24 -19.17
N THR E 33 -2.85 29.87 -20.30
CA THR E 33 -2.11 31.03 -20.78
C THR E 33 -2.98 32.28 -20.65
N MET E 34 -2.36 33.38 -20.23
CA MET E 34 -3.05 34.64 -20.05
C MET E 34 -2.21 35.77 -20.61
N ALA E 35 -2.86 36.65 -21.37
CA ALA E 35 -2.24 37.89 -21.85
C ALA E 35 -3.13 39.07 -21.47
N LYS E 36 -2.59 40.27 -21.66
CA LYS E 36 -3.25 41.46 -21.14
C LYS E 36 -4.64 41.66 -21.73
N ASN E 37 -4.82 41.33 -23.01
CA ASN E 37 -6.09 41.61 -23.69
C ASN E 37 -6.66 40.38 -24.39
N LYS E 38 -6.24 39.18 -24.00
CA LYS E 38 -6.66 37.97 -24.67
C LYS E 38 -7.50 37.11 -23.73
N PRO E 39 -8.38 36.28 -24.26
CA PRO E 39 -9.10 35.33 -23.41
C PRO E 39 -8.13 34.34 -22.79
N THR E 40 -8.47 33.88 -21.59
CA THR E 40 -7.68 32.83 -20.96
C THR E 40 -7.95 31.50 -21.63
N LEU E 41 -6.89 30.75 -21.91
CA LEU E 41 -7.01 29.47 -22.59
C LEU E 41 -6.32 28.38 -21.80
N ASP E 42 -6.83 27.17 -21.94
CA ASP E 42 -6.25 25.97 -21.33
C ASP E 42 -5.76 25.06 -22.45
N PHE E 43 -4.55 24.54 -22.31
CA PHE E 43 -3.93 23.69 -23.32
C PHE E 43 -3.60 22.34 -22.72
N GLU E 44 -4.04 21.27 -23.37
CA GLU E 44 -3.77 19.92 -22.91
C GLU E 44 -3.32 19.05 -24.06
N LEU E 45 -2.21 18.35 -23.87
CA LEU E 45 -1.73 17.35 -24.82
C LEU E 45 -2.32 16.01 -24.40
N ILE E 46 -3.35 15.56 -25.14
CA ILE E 46 -4.14 14.42 -24.70
C ILE E 46 -3.82 13.14 -25.46
N LYS E 47 -2.90 13.18 -26.42
CA LYS E 47 -2.57 11.96 -27.13
C LYS E 47 -1.22 12.14 -27.82
N THR E 48 -0.60 11.00 -28.15
CA THR E 48 0.59 10.96 -28.98
C THR E 48 0.59 9.61 -29.66
N GLU E 49 0.15 9.56 -30.90
CA GLU E 49 0.02 8.31 -31.63
C GLU E 49 1.25 8.09 -32.49
N ALA E 50 1.85 6.92 -32.37
CA ALA E 50 2.86 6.45 -33.30
C ALA E 50 2.17 5.55 -34.32
N LYS E 51 2.37 5.84 -35.59
CA LYS E 51 1.69 5.13 -36.66
C LYS E 51 2.70 4.39 -37.51
N HIS E 52 2.25 3.28 -38.09
CA HIS E 52 3.07 2.45 -38.97
C HIS E 52 4.39 2.03 -38.32
N PRO E 53 4.35 1.30 -37.21
CA PRO E 53 5.58 0.84 -36.57
C PRO E 53 6.14 -0.38 -37.28
N ALA E 54 7.46 -0.41 -37.39
CA ALA E 54 8.18 -1.53 -37.98
C ALA E 54 8.96 -2.25 -36.90
N THR E 55 8.86 -3.57 -36.88
CA THR E 55 9.65 -4.37 -35.96
C THR E 55 11.12 -4.33 -36.35
N LEU E 56 12.00 -4.27 -35.36
CA LEU E 56 13.41 -4.48 -35.63
C LEU E 56 14.00 -5.69 -34.92
N ARG E 57 13.29 -6.28 -33.96
CA ARG E 57 13.83 -7.46 -33.29
C ARG E 57 12.74 -8.06 -32.43
N LYS E 58 12.63 -9.39 -32.46
CA LYS E 58 11.73 -10.14 -31.60
C LYS E 58 12.60 -10.96 -30.66
N TYR E 59 12.50 -10.69 -29.37
CA TYR E 59 13.22 -11.47 -28.37
C TYR E 59 12.34 -12.61 -27.87
N CYS E 60 12.97 -13.73 -27.55
CA CYS E 60 12.28 -14.88 -27.00
C CYS E 60 12.37 -14.81 -25.48
N ILE E 61 11.20 -14.75 -24.83
CA ILE E 61 11.15 -14.76 -23.38
C ILE E 61 10.79 -16.12 -22.81
N GLU E 62 10.32 -17.05 -23.63
CA GLU E 62 10.03 -18.41 -23.18
C GLU E 62 10.18 -19.35 -24.36
N ALA E 63 11.03 -20.36 -24.21
CA ALA E 63 11.30 -21.32 -25.26
C ALA E 63 11.05 -22.73 -24.75
N LYS E 64 11.22 -23.70 -25.64
CA LYS E 64 11.23 -25.11 -25.28
C LYS E 64 12.30 -25.79 -26.09
N LEU E 65 12.68 -26.99 -25.65
CA LEU E 65 13.72 -27.78 -26.30
C LEU E 65 13.13 -29.11 -26.74
N THR E 66 13.57 -29.59 -27.89
CA THR E 66 13.16 -30.88 -28.40
C THR E 66 14.31 -31.47 -29.20
N ASN E 67 14.12 -32.68 -29.69
CA ASN E 67 15.05 -33.32 -30.62
C ASN E 67 16.48 -33.27 -30.10
N THR E 68 16.64 -33.62 -28.83
CA THR E 68 17.97 -33.65 -28.23
C THR E 68 18.77 -34.84 -28.77
N THR E 69 19.98 -34.57 -29.23
CA THR E 69 20.87 -35.60 -29.72
C THR E 69 22.27 -35.35 -29.19
N THR E 70 23.04 -36.41 -29.06
CA THR E 70 24.40 -36.33 -28.55
C THR E 70 25.35 -37.09 -29.48
N ALA E 71 26.56 -36.58 -29.59
CA ALA E 71 27.66 -37.28 -30.24
C ALA E 71 28.87 -37.23 -29.33
N SER E 72 29.77 -38.18 -29.50
CA SER E 72 30.98 -38.24 -28.69
C SER E 72 32.07 -38.94 -29.47
N ARG E 73 33.32 -38.59 -29.15
CA ARG E 73 34.50 -39.24 -29.70
C ARG E 73 35.29 -39.85 -28.55
N CYS E 74 35.78 -41.05 -28.76
CA CYS E 74 36.61 -41.66 -27.73
C CYS E 74 37.91 -40.87 -27.59
N PRO E 75 38.57 -40.97 -26.44
CA PRO E 75 39.63 -40.01 -26.12
C PRO E 75 40.72 -40.01 -27.17
N THR E 76 41.31 -38.82 -27.37
CA THR E 76 42.41 -38.55 -28.28
C THR E 76 42.00 -38.60 -29.76
N GLN E 77 40.71 -38.68 -30.05
CA GLN E 77 40.22 -38.70 -31.43
C GLN E 77 39.62 -37.37 -31.87
N GLY E 78 39.87 -36.30 -31.14
CA GLY E 78 39.32 -35.01 -31.49
C GLY E 78 37.89 -34.83 -31.04
N GLU E 79 37.34 -33.67 -31.38
CA GLU E 79 35.97 -33.34 -31.02
C GLU E 79 34.97 -34.02 -31.96
N PRO E 80 33.81 -34.40 -31.45
CA PRO E 80 32.79 -35.01 -32.29
C PRO E 80 32.06 -33.96 -33.13
N SER E 81 31.27 -34.46 -34.07
CA SER E 81 30.46 -33.60 -34.92
C SER E 81 29.03 -34.11 -34.93
N LEU E 82 28.09 -33.17 -34.96
CA LEU E 82 26.68 -33.48 -35.18
C LEU E 82 26.20 -32.71 -36.39
N ASN E 83 25.34 -33.34 -37.19
CA ASN E 83 24.71 -32.63 -38.31
C ASN E 83 24.02 -31.37 -37.85
N GLU E 84 23.48 -31.37 -36.62
CA GLU E 84 22.72 -30.25 -36.10
C GLU E 84 23.58 -29.07 -35.68
N GLU E 85 24.91 -29.23 -35.60
CA GLU E 85 25.75 -28.09 -35.27
C GLU E 85 25.69 -27.00 -36.34
N GLN E 86 25.33 -27.36 -37.57
CA GLN E 86 25.14 -26.38 -38.62
C GLN E 86 23.70 -25.93 -38.76
N ASP E 87 22.78 -26.54 -38.03
CA ASP E 87 21.39 -26.16 -38.10
C ASP E 87 21.13 -25.02 -37.12
N LYS E 88 20.58 -23.92 -37.64
CA LYS E 88 20.43 -22.73 -36.82
C LYS E 88 19.27 -22.81 -35.84
N ARG E 89 18.32 -23.72 -36.08
CA ARG E 89 17.24 -23.95 -35.14
C ARG E 89 17.63 -24.95 -34.05
N PHE E 90 18.94 -25.15 -33.83
CA PHE E 90 19.47 -26.04 -32.82
C PHE E 90 20.50 -25.30 -31.99
N VAL E 91 20.52 -25.57 -30.70
CA VAL E 91 21.54 -25.04 -29.79
C VAL E 91 22.42 -26.19 -29.34
N CYS E 92 23.72 -26.04 -29.50
CA CYS E 92 24.69 -27.12 -29.30
C CYS E 92 25.71 -26.73 -28.24
N LYS E 93 26.36 -27.73 -27.65
CA LYS E 93 27.41 -27.49 -26.68
C LYS E 93 28.45 -28.61 -26.75
N HIS E 94 29.71 -28.25 -26.52
CA HIS E 94 30.82 -29.18 -26.55
C HIS E 94 31.39 -29.34 -25.15
N SER E 95 31.57 -30.59 -24.72
CA SER E 95 32.07 -30.87 -23.39
C SER E 95 32.97 -32.11 -23.44
N MET E 96 33.43 -32.54 -22.27
CA MET E 96 34.22 -33.75 -22.14
C MET E 96 33.57 -34.65 -21.10
N VAL E 97 33.30 -35.89 -21.48
CA VAL E 97 32.88 -36.92 -20.54
C VAL E 97 34.06 -37.86 -20.31
N ASP E 98 33.92 -38.72 -19.31
CA ASP E 98 34.95 -39.71 -19.00
C ASP E 98 34.64 -41.01 -19.71
N ARG E 99 35.61 -41.52 -20.46
CA ARG E 99 35.44 -42.74 -21.23
C ARG E 99 36.45 -43.78 -20.79
N GLY E 100 36.17 -45.02 -21.16
CA GLY E 100 37.01 -46.14 -20.78
C GLY E 100 36.40 -47.42 -21.31
N TRP E 101 36.96 -48.54 -20.84
CA TRP E 101 36.47 -49.84 -21.31
C TRP E 101 35.03 -50.08 -20.90
N GLY E 102 34.64 -49.60 -19.73
CA GLY E 102 33.25 -49.75 -19.31
C GLY E 102 32.29 -48.97 -20.18
N ASN E 103 32.65 -47.73 -20.52
CA ASN E 103 31.81 -46.91 -21.39
C ASN E 103 31.81 -47.41 -22.82
N GLY E 104 32.87 -48.09 -23.25
CA GLY E 104 32.91 -48.63 -24.59
C GLY E 104 33.88 -47.97 -25.54
N CYS E 105 35.03 -47.52 -25.04
CA CYS E 105 36.05 -46.91 -25.88
C CYS E 105 37.24 -47.80 -26.18
N GLY E 106 37.94 -48.30 -25.17
CA GLY E 106 39.21 -48.94 -25.38
C GLY E 106 40.41 -48.04 -25.10
N LEU E 107 40.17 -46.76 -24.86
CA LEU E 107 41.17 -45.85 -24.33
C LEU E 107 40.56 -45.10 -23.15
N PHE E 108 41.39 -44.79 -22.17
CA PHE E 108 40.95 -44.13 -20.95
C PHE E 108 41.32 -42.65 -21.03
N GLY E 109 40.33 -41.78 -20.87
CA GLY E 109 40.61 -40.36 -20.88
C GLY E 109 39.32 -39.56 -21.00
N LYS E 110 39.50 -38.28 -21.28
CA LYS E 110 38.40 -37.36 -21.51
C LYS E 110 38.07 -37.37 -23.00
N GLY E 111 36.93 -37.95 -23.35
CA GLY E 111 36.46 -37.96 -24.72
C GLY E 111 35.46 -36.85 -24.96
N GLY E 112 35.66 -36.10 -26.02
CA GLY E 112 34.77 -35.01 -26.34
C GLY E 112 33.35 -35.51 -26.59
N ILE E 113 32.39 -34.68 -26.20
CA ILE E 113 30.97 -34.96 -26.43
C ILE E 113 30.27 -33.66 -26.77
N VAL E 114 29.30 -33.73 -27.68
CA VAL E 114 28.49 -32.60 -28.06
C VAL E 114 27.02 -33.01 -28.05
N THR E 115 26.17 -32.18 -27.47
CA THR E 115 24.74 -32.40 -27.42
C THR E 115 24.02 -31.20 -28.02
N CYS E 116 22.98 -31.47 -28.80
CA CYS E 116 22.20 -30.44 -29.48
C CYS E 116 20.72 -30.67 -29.27
N ALA E 117 19.97 -29.60 -29.08
CA ALA E 117 18.52 -29.67 -28.97
C ALA E 117 17.90 -28.56 -29.81
N MET E 118 16.75 -28.85 -30.40
CA MET E 118 16.06 -27.87 -31.23
C MET E 118 15.43 -26.80 -30.33
N PHE E 119 15.74 -25.55 -30.63
CA PHE E 119 15.23 -24.41 -29.86
C PHE E 119 13.97 -23.88 -30.53
N THR E 120 12.90 -23.76 -29.75
CA THR E 120 11.63 -23.25 -30.23
C THR E 120 11.15 -22.16 -29.29
N CYS E 121 10.57 -21.11 -29.86
CA CYS E 121 10.03 -20.02 -29.06
C CYS E 121 8.54 -20.24 -28.86
N LYS E 122 8.09 -19.98 -27.64
CA LYS E 122 6.67 -20.04 -27.30
C LYS E 122 6.06 -18.67 -27.03
N LYS E 123 6.88 -17.69 -26.64
CA LYS E 123 6.44 -16.33 -26.40
C LYS E 123 7.61 -15.40 -26.66
N ASN E 124 7.33 -14.24 -27.23
CA ASN E 124 8.38 -13.29 -27.61
C ASN E 124 7.93 -11.87 -27.33
N MET E 125 8.91 -10.97 -27.32
CA MET E 125 8.67 -9.53 -27.30
C MET E 125 8.97 -8.98 -28.68
N GLU E 126 8.04 -8.23 -29.24
CA GLU E 126 8.27 -7.55 -30.52
C GLU E 126 8.57 -6.08 -30.24
N GLY E 127 9.84 -5.71 -30.36
CA GLY E 127 10.28 -4.35 -30.20
C GLY E 127 10.14 -3.50 -31.47
N LYS E 128 8.93 -3.00 -31.74
CA LYS E 128 8.70 -2.19 -32.92
C LYS E 128 9.39 -0.83 -32.82
N ILE E 129 9.76 -0.30 -33.99
CA ILE E 129 10.26 1.06 -34.11
C ILE E 129 9.32 1.83 -35.02
N VAL E 130 9.29 3.14 -34.87
CA VAL E 130 8.44 4.02 -35.66
C VAL E 130 9.30 5.15 -36.21
N GLN E 131 8.97 5.61 -37.42
CA GLN E 131 9.68 6.74 -38.00
C GLN E 131 9.24 8.03 -37.31
N PRO E 132 10.18 8.94 -37.02
CA PRO E 132 9.82 10.17 -36.31
C PRO E 132 8.79 11.01 -37.04
N GLU E 133 8.58 10.80 -38.33
CA GLU E 133 7.57 11.53 -39.09
C GLU E 133 6.20 10.91 -39.02
N ASN E 134 6.04 9.78 -38.32
CA ASN E 134 4.75 9.14 -38.17
C ASN E 134 4.08 9.48 -36.84
N LEU E 135 4.71 10.32 -36.03
CA LEU E 135 4.14 10.72 -34.75
C LEU E 135 3.04 11.76 -34.95
N GLU E 136 1.97 11.64 -34.16
CA GLU E 136 0.85 12.56 -34.23
C GLU E 136 0.45 12.95 -32.82
N TYR E 137 0.43 14.26 -32.57
CA TYR E 137 0.08 14.81 -31.26
C TYR E 137 -1.29 15.47 -31.35
N THR E 138 -2.20 15.08 -30.47
CA THR E 138 -3.51 15.70 -30.35
C THR E 138 -3.49 16.66 -29.17
N ILE E 139 -3.81 17.92 -29.43
CA ILE E 139 -3.82 18.97 -28.42
C ILE E 139 -5.21 19.57 -28.38
N VAL E 140 -5.81 19.62 -27.19
CA VAL E 140 -7.11 20.23 -26.99
C VAL E 140 -6.90 21.64 -26.49
N ILE E 141 -7.53 22.60 -27.15
CA ILE E 141 -7.56 23.99 -26.71
C ILE E 141 -8.98 24.28 -26.26
N THR E 142 -9.14 24.62 -24.99
CA THR E 142 -10.44 24.95 -24.45
C THR E 142 -10.37 26.39 -23.95
N PRO E 143 -11.29 27.26 -24.36
CA PRO E 143 -11.31 28.61 -23.83
C PRO E 143 -11.81 28.63 -22.39
N HIS E 144 -11.11 29.41 -21.57
CA HIS E 144 -11.38 29.46 -20.13
C HIS E 144 -12.52 30.45 -19.87
N SER E 145 -13.67 30.13 -20.45
CA SER E 145 -14.75 31.11 -20.59
C SER E 145 -15.59 31.20 -19.33
N GLY E 146 -15.89 30.06 -18.71
CA GLY E 146 -16.86 29.99 -17.63
C GLY E 146 -18.13 29.27 -17.99
N GLU E 147 -18.39 29.03 -19.27
CA GLU E 147 -19.56 28.25 -19.66
C GLU E 147 -19.47 26.85 -19.06
N GLU E 148 -20.59 26.38 -18.52
CA GLU E 148 -20.55 25.24 -17.61
C GLU E 148 -19.94 23.98 -18.23
N ASN E 149 -19.95 23.87 -19.55
CA ASN E 149 -19.58 22.63 -20.21
C ASN E 149 -18.07 22.38 -20.23
N ALA E 150 -17.27 23.13 -19.46
CA ALA E 150 -15.82 23.00 -19.55
C ALA E 150 -15.10 23.13 -18.21
N VAL E 151 -15.80 22.98 -17.09
CA VAL E 151 -15.20 23.19 -15.77
C VAL E 151 -14.48 21.89 -15.41
N GLY E 152 -13.20 21.81 -15.78
CA GLY E 152 -12.38 20.65 -15.47
C GLY E 152 -12.74 19.40 -16.22
N ASN E 153 -13.68 19.47 -17.17
CA ASN E 153 -14.10 18.29 -17.91
C ASN E 153 -12.97 17.78 -18.81
N ASP E 154 -13.01 16.48 -19.10
CA ASP E 154 -12.09 15.85 -20.02
C ASP E 154 -12.82 15.37 -21.27
N THR E 155 -13.77 16.17 -21.75
CA THR E 155 -14.55 15.90 -22.95
C THR E 155 -14.30 17.00 -23.97
N GLY E 156 -14.85 16.79 -25.18
CA GLY E 156 -14.58 17.69 -26.27
C GLY E 156 -15.75 18.52 -26.75
N LYS E 157 -16.77 18.69 -25.90
CA LYS E 157 -17.95 19.45 -26.31
C LYS E 157 -17.58 20.87 -26.69
N HIS E 158 -16.85 21.57 -25.82
CA HIS E 158 -16.38 22.92 -26.08
C HIS E 158 -14.91 23.00 -26.46
N GLY E 159 -14.09 22.07 -25.96
CA GLY E 159 -12.70 22.06 -26.34
C GLY E 159 -12.52 21.76 -27.81
N LYS E 160 -11.48 22.35 -28.38
CA LYS E 160 -11.15 22.15 -29.79
C LYS E 160 -9.89 21.31 -29.89
N GLU E 161 -9.95 20.22 -30.65
CA GLU E 161 -8.86 19.27 -30.77
C GLU E 161 -8.11 19.52 -32.07
N ILE E 162 -6.82 19.86 -31.95
CA ILE E 162 -5.97 20.10 -33.10
C ILE E 162 -4.89 19.02 -33.13
N LYS E 163 -4.75 18.38 -34.29
CA LYS E 163 -3.76 17.32 -34.47
C LYS E 163 -2.50 17.90 -35.09
N VAL E 164 -1.35 17.62 -34.48
CA VAL E 164 -0.07 18.16 -34.89
C VAL E 164 0.84 17.01 -35.29
N THR E 165 1.46 17.13 -36.45
CA THR E 165 2.40 16.14 -36.98
C THR E 165 3.72 16.83 -37.29
N PRO E 166 4.80 16.06 -37.47
CA PRO E 166 6.05 16.68 -37.94
C PRO E 166 5.93 17.32 -39.30
N GLN E 167 5.03 16.82 -40.15
CA GLN E 167 4.88 17.38 -41.49
C GLN E 167 4.02 18.63 -41.48
N SER E 168 2.88 18.57 -40.80
CA SER E 168 1.99 19.72 -40.65
C SER E 168 2.08 20.14 -39.19
N SER E 169 3.16 20.86 -38.86
CA SER E 169 3.42 21.27 -37.51
C SER E 169 2.85 22.64 -37.18
N ILE E 170 2.32 23.35 -38.17
CA ILE E 170 1.66 24.63 -37.97
C ILE E 170 0.18 24.41 -38.24
N THR E 171 -0.65 24.63 -37.23
CA THR E 171 -2.09 24.50 -37.35
C THR E 171 -2.76 25.60 -36.55
N GLU E 172 -4.00 25.90 -36.89
CA GLU E 172 -4.79 26.86 -36.15
C GLU E 172 -6.07 26.21 -35.69
N ALA E 173 -6.54 26.60 -34.50
CA ALA E 173 -7.79 26.14 -33.94
C ALA E 173 -8.79 27.27 -33.95
N GLU E 174 -9.95 27.03 -34.55
CA GLU E 174 -11.02 28.02 -34.60
C GLU E 174 -11.85 27.87 -33.33
N LEU E 175 -11.75 28.87 -32.44
CA LEU E 175 -12.42 28.85 -31.16
C LEU E 175 -13.65 29.74 -31.27
N THR E 176 -14.82 29.14 -31.38
CA THR E 176 -16.05 29.89 -31.64
C THR E 176 -16.22 31.01 -30.63
N GLY E 177 -16.20 32.25 -31.12
CA GLY E 177 -16.37 33.42 -30.29
C GLY E 177 -15.09 34.05 -29.80
N TYR E 178 -13.94 33.41 -30.03
CA TYR E 178 -12.67 33.94 -29.53
C TYR E 178 -11.63 34.10 -30.63
N GLY E 179 -12.04 34.07 -31.89
CA GLY E 179 -11.08 34.11 -32.98
C GLY E 179 -10.43 32.77 -33.23
N THR E 180 -9.15 32.78 -33.57
CA THR E 180 -8.41 31.56 -33.82
C THR E 180 -7.07 31.62 -33.10
N VAL E 181 -6.55 30.46 -32.76
CA VAL E 181 -5.25 30.34 -32.14
C VAL E 181 -4.35 29.53 -33.07
N THR E 182 -3.15 30.01 -33.29
CA THR E 182 -2.19 29.34 -34.17
C THR E 182 -1.13 28.67 -33.32
N MET E 183 -0.94 27.38 -33.54
CA MET E 183 0.05 26.58 -32.83
C MET E 183 1.17 26.21 -33.80
N GLU E 184 2.38 26.61 -33.48
CA GLU E 184 3.56 26.35 -34.31
C GLU E 184 4.48 25.43 -33.50
N CYS E 185 4.30 24.13 -33.67
CA CYS E 185 4.94 23.13 -32.82
C CYS E 185 6.16 22.54 -33.49
N SER E 186 7.02 21.94 -32.68
CA SER E 186 8.26 21.32 -33.14
C SER E 186 8.31 19.89 -32.61
N PRO E 187 7.47 19.00 -33.14
CA PRO E 187 7.47 17.61 -32.65
C PRO E 187 8.78 16.89 -32.86
N ARG E 188 9.61 17.31 -33.82
CA ARG E 188 10.83 16.58 -34.10
C ARG E 188 11.80 16.62 -32.92
N THR E 189 11.91 17.76 -32.25
CA THR E 189 12.76 17.88 -31.07
C THR E 189 12.05 17.42 -29.80
N GLY E 190 10.89 16.81 -29.92
CA GLY E 190 10.12 16.42 -28.76
C GLY E 190 10.69 15.26 -27.99
N LEU E 191 10.81 14.09 -28.63
CA LEU E 191 11.18 12.88 -27.91
C LEU E 191 12.20 12.01 -28.63
N ASP E 192 12.59 12.34 -29.86
CA ASP E 192 13.68 11.65 -30.57
C ASP E 192 13.40 10.15 -30.68
N PHE E 193 12.37 9.84 -31.45
CA PHE E 193 11.94 8.46 -31.62
C PHE E 193 12.92 7.61 -32.43
N ASN E 194 13.94 8.22 -33.04
CA ASN E 194 14.92 7.44 -33.79
C ASN E 194 15.85 6.67 -32.88
N GLU E 195 15.91 7.01 -31.59
CA GLU E 195 16.70 6.29 -30.61
C GLU E 195 15.83 5.56 -29.59
N MET E 196 14.63 5.15 -29.99
CA MET E 196 13.70 4.53 -29.05
C MET E 196 12.98 3.39 -29.71
N VAL E 197 12.56 2.43 -28.89
CA VAL E 197 11.86 1.25 -29.34
C VAL E 197 10.51 1.20 -28.66
N LEU E 198 9.52 0.68 -29.37
CA LEU E 198 8.20 0.41 -28.82
C LEU E 198 8.17 -1.07 -28.48
N LEU E 199 8.27 -1.38 -27.20
CA LEU E 199 8.42 -2.76 -26.72
C LEU E 199 7.07 -3.27 -26.26
N GLN E 200 6.54 -4.26 -26.96
CA GLN E 200 5.25 -4.86 -26.63
C GLN E 200 5.49 -6.29 -26.19
N MET E 201 5.27 -6.55 -24.90
CA MET E 201 5.38 -7.89 -24.33
C MET E 201 4.02 -8.30 -23.80
N GLU E 202 3.38 -9.25 -24.48
CA GLU E 202 2.07 -9.76 -24.11
C GLU E 202 1.07 -8.62 -24.28
N ASN E 203 0.28 -8.28 -23.24
CA ASN E 203 -0.69 -7.20 -23.34
C ASN E 203 -0.20 -5.92 -22.67
N LYS E 204 1.11 -5.77 -22.54
CA LYS E 204 1.70 -4.59 -21.96
C LYS E 204 2.85 -4.10 -22.83
N ALA E 205 3.02 -2.79 -22.86
CA ALA E 205 3.97 -2.15 -23.76
C ALA E 205 4.76 -1.09 -23.00
N TRP E 206 5.97 -0.83 -23.47
CA TRP E 206 6.83 0.16 -22.87
C TRP E 206 7.55 0.93 -23.97
N LEU E 207 7.98 2.14 -23.64
CA LEU E 207 8.87 2.91 -24.49
C LEU E 207 10.27 2.82 -23.92
N VAL E 208 11.21 2.34 -24.73
CA VAL E 208 12.53 1.96 -24.22
C VAL E 208 13.62 2.50 -25.13
N HIS E 209 14.83 2.52 -24.59
CA HIS E 209 16.00 2.99 -25.31
C HIS E 209 16.46 1.92 -26.31
N ARG E 210 16.76 2.33 -27.54
CA ARG E 210 17.08 1.35 -28.58
C ARG E 210 18.38 0.62 -28.30
N GLN E 211 19.37 1.31 -27.73
CA GLN E 211 20.60 0.61 -27.35
C GLN E 211 20.32 -0.40 -26.24
N TRP E 212 19.49 -0.02 -25.28
CA TRP E 212 19.10 -0.94 -24.21
C TRP E 212 18.33 -2.13 -24.79
N PHE E 213 17.45 -1.90 -25.75
CA PHE E 213 16.70 -3.00 -26.35
C PHE E 213 17.61 -3.92 -27.17
N LEU E 214 18.59 -3.35 -27.85
CA LEU E 214 19.49 -4.15 -28.66
C LEU E 214 20.56 -4.85 -27.81
N ASP E 215 20.77 -4.42 -26.58
CA ASP E 215 21.72 -5.04 -25.68
C ASP E 215 21.10 -6.11 -24.78
N LEU E 216 19.83 -6.43 -24.96
CA LEU E 216 19.17 -7.35 -24.05
C LEU E 216 19.78 -8.75 -24.18
N PRO E 217 19.97 -9.46 -23.06
CA PRO E 217 20.61 -10.78 -23.11
C PRO E 217 19.68 -11.93 -23.49
N LEU E 218 18.64 -11.66 -24.23
CA LEU E 218 17.76 -12.74 -24.69
C LEU E 218 18.04 -13.06 -26.15
N PRO E 219 17.62 -14.23 -26.62
CA PRO E 219 17.69 -14.52 -28.06
C PRO E 219 16.71 -13.66 -28.84
N TRP E 220 17.09 -13.36 -30.09
CA TRP E 220 16.30 -12.45 -30.89
C TRP E 220 16.25 -12.90 -32.34
N LEU E 221 15.23 -12.43 -33.02
CA LEU E 221 15.08 -12.51 -34.46
C LEU E 221 15.18 -11.11 -35.06
N PRO E 222 15.63 -10.99 -36.30
CA PRO E 222 15.79 -9.65 -36.89
C PRO E 222 14.49 -8.87 -37.03
N GLY E 223 13.34 -9.53 -37.06
CA GLY E 223 12.08 -8.86 -37.30
C GLY E 223 11.60 -8.95 -38.73
N ALA E 224 12.48 -9.30 -39.66
CA ALA E 224 12.10 -9.65 -41.02
C ALA E 224 11.77 -11.13 -41.16
N ASP E 225 11.93 -11.92 -40.09
CA ASP E 225 11.71 -13.35 -40.15
C ASP E 225 10.24 -13.67 -39.90
N THR E 226 9.70 -14.58 -40.69
CA THR E 226 8.32 -15.01 -40.57
C THR E 226 8.18 -16.42 -40.03
N GLN E 227 9.29 -17.10 -39.77
CA GLN E 227 9.24 -18.50 -39.32
C GLN E 227 10.09 -18.79 -38.10
N GLY E 228 10.69 -17.79 -37.47
CA GLY E 228 11.64 -18.08 -36.42
C GLY E 228 12.77 -18.89 -36.98
N SER E 229 13.16 -19.94 -36.26
CA SER E 229 14.09 -20.95 -36.76
C SER E 229 15.49 -20.41 -37.01
N ASN E 230 15.77 -19.17 -36.65
CA ASN E 230 17.12 -18.62 -36.72
C ASN E 230 17.39 -17.69 -35.55
N TRP E 231 17.01 -18.10 -34.35
CA TRP E 231 17.26 -17.27 -33.17
C TRP E 231 18.76 -17.14 -32.94
N ILE E 232 19.19 -16.00 -32.39
CA ILE E 232 20.60 -15.65 -32.41
C ILE E 232 21.31 -16.12 -31.15
N GLN E 233 20.94 -15.58 -30.00
CA GLN E 233 21.58 -15.94 -28.73
C GLN E 233 20.80 -17.03 -28.02
N LYS E 234 20.62 -18.17 -28.70
CA LYS E 234 19.87 -19.26 -28.10
C LYS E 234 20.51 -19.76 -26.82
N GLU E 235 21.80 -19.52 -26.63
CA GLU E 235 22.49 -19.99 -25.44
C GLU E 235 22.06 -19.26 -24.18
N THR E 236 21.40 -18.11 -24.32
CA THR E 236 20.96 -17.35 -23.16
C THR E 236 19.73 -17.96 -22.50
N LEU E 237 18.88 -18.67 -23.25
CA LEU E 237 17.70 -19.31 -22.68
C LEU E 237 17.87 -20.80 -22.45
N VAL E 238 19.10 -21.30 -22.49
CA VAL E 238 19.36 -22.72 -22.23
C VAL E 238 20.57 -22.82 -21.31
N THR E 239 20.67 -23.96 -20.64
CA THR E 239 21.83 -24.26 -19.82
C THR E 239 22.22 -25.71 -20.08
N PHE E 240 23.50 -25.93 -20.35
CA PHE E 240 24.03 -27.27 -20.55
C PHE E 240 24.69 -27.73 -19.25
N LYS E 241 24.33 -28.93 -18.81
CA LYS E 241 24.80 -29.48 -17.55
C LYS E 241 25.59 -30.76 -17.82
N ASN E 242 26.79 -30.82 -17.27
CA ASN E 242 27.61 -32.04 -17.29
C ASN E 242 28.08 -32.30 -15.86
N PRO E 243 27.15 -32.58 -14.96
CA PRO E 243 27.55 -32.83 -13.57
C PRO E 243 28.50 -34.01 -13.49
N HIS E 244 29.65 -33.79 -12.87
CA HIS E 244 30.75 -34.76 -12.93
C HIS E 244 31.20 -34.78 -14.39
N ALA E 245 31.46 -35.95 -14.97
CA ALA E 245 31.71 -36.06 -16.41
C ALA E 245 31.10 -37.32 -17.00
N LYS E 246 29.85 -37.62 -16.66
CA LYS E 246 29.22 -38.85 -17.13
C LYS E 246 28.14 -38.62 -18.17
N LYS E 247 27.45 -37.48 -18.11
CA LYS E 247 26.40 -37.14 -19.05
C LYS E 247 26.47 -35.65 -19.36
N GLN E 248 25.95 -35.28 -20.51
CA GLN E 248 25.70 -33.89 -20.84
C GLN E 248 24.23 -33.74 -21.18
N ASP E 249 23.54 -32.87 -20.46
CA ASP E 249 22.15 -32.56 -20.71
C ASP E 249 21.99 -31.10 -21.07
N VAL E 250 20.81 -30.74 -21.54
CA VAL E 250 20.47 -29.37 -21.87
C VAL E 250 19.01 -29.13 -21.51
N VAL E 251 18.73 -28.00 -20.87
CA VAL E 251 17.38 -27.65 -20.44
C VAL E 251 17.13 -26.18 -20.76
N VAL E 252 15.86 -25.84 -20.92
CA VAL E 252 15.46 -24.44 -21.09
C VAL E 252 15.39 -23.76 -19.73
N LEU E 253 15.43 -22.42 -19.75
CA LEU E 253 15.58 -21.61 -18.56
C LEU E 253 14.31 -20.92 -18.10
N GLY E 254 13.13 -21.46 -18.45
CA GLY E 254 11.90 -20.94 -17.89
C GLY E 254 11.48 -19.57 -18.40
N SER E 255 10.19 -19.26 -18.28
CA SER E 255 9.68 -18.01 -18.83
C SER E 255 10.43 -16.82 -18.28
N GLN E 256 10.82 -15.91 -19.16
CA GLN E 256 11.56 -14.72 -18.78
C GLN E 256 10.68 -13.49 -18.66
N GLU E 257 9.36 -13.67 -18.63
CA GLU E 257 8.45 -12.52 -18.60
C GLU E 257 8.67 -11.67 -17.34
N GLY E 258 8.76 -12.31 -16.18
CA GLY E 258 8.96 -11.57 -14.95
C GLY E 258 10.33 -10.91 -14.88
N ALA E 259 11.37 -11.59 -15.35
CA ALA E 259 12.68 -10.96 -15.42
C ALA E 259 12.64 -9.75 -16.35
N MET E 260 11.89 -9.85 -17.46
CA MET E 260 11.73 -8.71 -18.35
C MET E 260 11.02 -7.56 -17.66
N HIS E 261 9.96 -7.87 -16.90
CA HIS E 261 9.29 -6.84 -16.13
C HIS E 261 10.25 -6.14 -15.19
N THR E 262 11.07 -6.91 -14.47
CA THR E 262 12.06 -6.30 -13.59
C THR E 262 13.03 -5.44 -14.39
N ALA E 263 13.45 -5.92 -15.55
CA ALA E 263 14.37 -5.17 -16.41
C ALA E 263 13.74 -3.90 -16.94
N LEU E 264 12.42 -3.83 -17.00
CA LEU E 264 11.70 -2.69 -17.57
C LEU E 264 11.43 -1.59 -16.57
N THR E 265 11.88 -1.72 -15.33
CA THR E 265 11.68 -0.65 -14.37
C THR E 265 12.43 0.59 -14.82
N GLY E 266 11.77 1.74 -14.78
CA GLY E 266 12.32 2.97 -15.32
C GLY E 266 11.94 3.24 -16.75
N ALA E 267 11.28 2.31 -17.42
CA ALA E 267 10.69 2.54 -18.73
C ALA E 267 9.24 2.94 -18.55
N THR E 268 8.83 4.01 -19.22
CA THR E 268 7.45 4.47 -19.12
C THR E 268 6.56 3.54 -19.92
N GLU E 269 5.57 2.96 -19.25
CA GLU E 269 4.63 2.07 -19.92
C GLU E 269 3.78 2.85 -20.91
N ILE E 270 3.57 2.26 -22.09
CA ILE E 270 2.75 2.86 -23.13
C ILE E 270 1.63 1.89 -23.48
N GLN E 271 0.81 2.26 -24.46
CA GLN E 271 -0.26 1.41 -24.96
C GLN E 271 0.04 1.03 -26.40
N MET E 272 -0.20 -0.23 -26.74
CA MET E 272 0.06 -0.69 -28.11
C MET E 272 -0.98 -1.69 -28.60
N SER E 273 -2.16 -1.75 -27.98
CA SER E 273 -3.19 -2.70 -28.41
C SER E 273 -3.95 -2.16 -29.62
N SER E 274 -4.58 -1.00 -29.47
CA SER E 274 -5.34 -0.38 -30.56
C SER E 274 -4.58 0.84 -31.09
N GLY E 275 -3.44 0.56 -31.70
CA GLY E 275 -2.52 1.60 -32.11
C GLY E 275 -1.52 1.95 -31.02
N ASN E 276 -0.44 2.58 -31.42
CA ASN E 276 0.66 2.87 -30.51
C ASN E 276 0.41 4.21 -29.86
N LEU E 277 -0.28 4.20 -28.72
CA LEU E 277 -0.66 5.40 -28.00
C LEU E 277 0.32 5.64 -26.86
N LEU E 278 0.91 6.83 -26.83
CA LEU E 278 1.93 7.20 -25.85
C LEU E 278 1.39 8.34 -25.01
N PHE E 279 0.98 8.04 -23.78
CA PHE E 279 0.53 9.07 -22.84
C PHE E 279 1.65 9.52 -21.93
N THR E 280 2.78 9.83 -22.56
CA THR E 280 3.96 10.31 -21.87
C THR E 280 4.72 11.20 -22.84
N GLY E 281 5.44 12.17 -22.29
CA GLY E 281 6.28 13.04 -23.10
C GLY E 281 5.69 14.44 -23.21
N HIS E 282 6.42 15.28 -23.93
CA HIS E 282 6.09 16.69 -24.04
C HIS E 282 6.12 17.13 -25.48
N LEU E 283 5.51 18.28 -25.72
CA LEU E 283 5.49 18.92 -27.02
C LEU E 283 5.74 20.41 -26.82
N LYS E 284 6.77 20.94 -27.46
CA LYS E 284 7.03 22.37 -27.45
C LYS E 284 6.28 23.02 -28.61
N CYS E 285 5.44 24.01 -28.30
CA CYS E 285 4.72 24.75 -29.32
C CYS E 285 4.87 26.24 -29.06
N ARG E 286 4.90 27.02 -30.14
CA ARG E 286 4.83 28.46 -30.07
C ARG E 286 3.37 28.86 -30.32
N LEU E 287 2.79 29.58 -29.37
CA LEU E 287 1.37 29.91 -29.39
C LEU E 287 1.20 31.32 -29.92
N ARG E 288 0.38 31.48 -30.95
CA ARG E 288 0.17 32.75 -31.61
C ARG E 288 -1.24 33.22 -31.31
N MET E 289 -1.36 34.29 -30.51
CA MET E 289 -2.63 34.79 -30.03
C MET E 289 -3.09 36.02 -30.79
N ASP E 290 -2.40 36.40 -31.86
CA ASP E 290 -2.69 37.67 -32.53
C ASP E 290 -4.12 37.72 -33.06
N LYS E 291 -4.60 36.62 -33.63
CA LYS E 291 -5.99 36.58 -34.08
C LYS E 291 -6.90 35.98 -33.02
N LEU E 292 -6.72 36.41 -31.77
CA LEU E 292 -7.45 35.87 -30.64
C LEU E 292 -8.06 37.02 -29.86
N GLN E 293 -9.39 37.01 -29.72
CA GLN E 293 -10.13 38.13 -29.17
C GLN E 293 -11.09 37.66 -28.08
N LEU E 294 -11.28 38.51 -27.09
CA LEU E 294 -12.25 38.25 -26.04
C LEU E 294 -13.68 38.26 -26.60
N LYS E 295 -14.51 37.37 -26.07
CA LYS E 295 -15.89 37.25 -26.51
C LYS E 295 -16.78 38.14 -25.65
N GLY E 296 -17.45 39.10 -26.29
CA GLY E 296 -18.38 39.96 -25.59
C GLY E 296 -17.81 41.22 -24.99
N MET E 297 -16.65 41.69 -25.45
CA MET E 297 -16.13 42.95 -24.96
C MET E 297 -17.05 44.11 -25.29
N SER E 298 -17.92 43.94 -26.29
CA SER E 298 -18.92 44.97 -26.61
C SER E 298 -20.23 44.69 -25.90
N TYR E 299 -20.15 44.37 -24.61
CA TYR E 299 -21.31 44.14 -23.78
C TYR E 299 -21.36 45.15 -22.64
N SER E 300 -22.55 45.33 -22.11
CA SER E 300 -22.81 46.22 -21.00
C SER E 300 -22.88 45.43 -19.70
N MET E 301 -22.33 46.01 -18.65
CA MET E 301 -22.39 45.42 -17.32
C MET E 301 -23.83 44.98 -17.02
N CYS E 302 -23.97 43.90 -16.27
CA CYS E 302 -25.25 43.20 -16.19
C CYS E 302 -26.33 44.04 -15.52
N THR E 303 -26.01 44.66 -14.39
CA THR E 303 -27.01 45.43 -13.63
C THR E 303 -28.18 44.56 -13.21
N GLY E 304 -27.88 43.48 -12.51
CA GLY E 304 -28.91 42.57 -12.03
C GLY E 304 -28.39 41.80 -10.83
N LYS E 305 -29.13 40.79 -10.41
CA LYS E 305 -28.78 40.03 -9.21
C LYS E 305 -28.23 38.66 -9.59
N PHE E 306 -27.05 38.35 -9.08
CA PHE E 306 -26.46 37.02 -9.19
C PHE E 306 -26.71 36.23 -7.91
N LYS E 307 -26.83 34.92 -8.07
CA LYS E 307 -26.91 34.00 -6.95
C LYS E 307 -25.80 32.96 -7.09
N VAL E 308 -25.15 32.66 -5.99
CA VAL E 308 -24.06 31.69 -5.96
C VAL E 308 -24.70 30.30 -5.82
N VAL E 309 -24.79 29.58 -6.93
CA VAL E 309 -25.42 28.27 -6.93
C VAL E 309 -24.47 27.18 -6.44
N LYS E 310 -23.16 27.45 -6.41
CA LYS E 310 -22.19 26.52 -5.86
C LYS E 310 -21.16 27.32 -5.08
N GLU E 311 -20.97 26.98 -3.82
CA GLU E 311 -20.10 27.77 -2.95
C GLU E 311 -18.69 27.86 -3.53
N ILE E 312 -17.97 28.89 -3.11
CA ILE E 312 -16.61 29.09 -3.60
C ILE E 312 -15.71 27.97 -3.11
N ALA E 313 -15.04 27.32 -4.05
CA ALA E 313 -14.15 26.19 -3.76
C ALA E 313 -12.75 26.51 -4.22
N GLU E 314 -11.77 26.26 -3.36
CA GLU E 314 -10.38 26.54 -3.68
C GLU E 314 -9.72 25.36 -4.37
N THR E 315 -8.83 25.66 -5.30
CA THR E 315 -8.11 24.65 -6.06
C THR E 315 -6.72 24.45 -5.46
N GLN E 316 -5.90 23.62 -6.12
CA GLN E 316 -4.55 23.35 -5.65
C GLN E 316 -3.57 24.44 -6.04
N HIS E 317 -3.98 25.42 -6.84
CA HIS E 317 -3.08 26.39 -7.42
C HIS E 317 -3.21 27.78 -6.79
N GLY E 318 -3.88 27.89 -5.65
CA GLY E 318 -4.04 29.17 -5.00
C GLY E 318 -5.15 30.02 -5.55
N THR E 319 -5.83 29.56 -6.60
CA THR E 319 -6.95 30.27 -7.18
C THR E 319 -8.24 29.72 -6.60
N ILE E 320 -9.34 30.42 -6.87
CA ILE E 320 -10.64 30.01 -6.40
C ILE E 320 -11.61 29.98 -7.57
N VAL E 321 -12.62 29.14 -7.46
CA VAL E 321 -13.64 28.98 -8.49
C VAL E 321 -14.99 29.14 -7.83
N ILE E 322 -15.86 29.92 -8.46
CA ILE E 322 -17.19 30.20 -7.94
C ILE E 322 -18.19 30.08 -9.08
N ARG E 323 -19.33 29.46 -8.80
CA ARG E 323 -20.37 29.23 -9.78
C ARG E 323 -21.56 30.11 -9.42
N VAL E 324 -21.91 31.04 -10.29
CA VAL E 324 -22.97 32.01 -10.05
C VAL E 324 -23.99 31.92 -11.16
N GLN E 325 -25.26 32.03 -10.81
CA GLN E 325 -26.34 32.17 -11.76
C GLN E 325 -26.79 33.63 -11.83
N TYR E 326 -27.46 33.97 -12.92
CA TYR E 326 -27.95 35.31 -13.15
C TYR E 326 -29.47 35.31 -13.20
N GLU E 327 -30.07 36.36 -12.66
CA GLU E 327 -31.51 36.50 -12.66
C GLU E 327 -31.96 37.88 -13.11
N GLY E 328 -31.08 38.65 -13.76
CA GLY E 328 -31.41 39.95 -14.28
C GLY E 328 -31.98 39.89 -15.68
N ASP E 329 -32.01 41.07 -16.32
CA ASP E 329 -32.76 41.24 -17.56
C ASP E 329 -31.90 41.28 -18.82
N GLY E 330 -30.73 41.89 -18.79
CA GLY E 330 -29.91 41.93 -19.98
C GLY E 330 -29.11 40.65 -20.13
N SER E 331 -29.59 39.73 -20.97
CA SER E 331 -29.11 38.35 -20.91
C SER E 331 -27.61 38.30 -21.16
N PRO E 332 -27.13 38.61 -22.36
CA PRO E 332 -25.68 38.63 -22.60
C PRO E 332 -25.08 39.91 -22.06
N CYS E 333 -24.36 39.80 -20.95
CA CYS E 333 -23.84 40.98 -20.26
C CYS E 333 -22.57 40.61 -19.53
N LYS E 334 -21.69 41.60 -19.37
CA LYS E 334 -20.48 41.41 -18.60
C LYS E 334 -20.83 41.27 -17.12
N ILE E 335 -20.21 40.29 -16.47
CA ILE E 335 -20.45 40.04 -15.05
C ILE E 335 -19.56 40.97 -14.23
N PRO E 336 -20.15 41.80 -13.35
CA PRO E 336 -19.33 42.71 -12.53
C PRO E 336 -18.61 41.99 -11.40
N PHE E 337 -17.42 41.46 -11.68
CA PHE E 337 -16.68 40.65 -10.73
C PHE E 337 -15.45 41.42 -10.25
N GLU E 338 -15.27 41.47 -8.93
CA GLU E 338 -14.11 42.13 -8.36
C GLU E 338 -13.69 41.39 -7.09
N ILE E 339 -12.42 41.47 -6.76
CA ILE E 339 -11.87 40.93 -5.52
C ILE E 339 -11.21 42.07 -4.79
N MET E 340 -11.84 42.56 -3.74
CA MET E 340 -11.37 43.75 -3.04
C MET E 340 -11.12 43.43 -1.56
N ASP E 341 -10.78 44.46 -0.80
CA ASP E 341 -10.70 44.36 0.64
C ASP E 341 -12.10 44.58 1.23
N LEU E 342 -12.19 44.54 2.56
CA LEU E 342 -13.49 44.70 3.21
C LEU E 342 -14.10 46.05 2.90
N GLU E 343 -13.28 47.10 2.91
CA GLU E 343 -13.76 48.45 2.63
C GLU E 343 -13.95 48.71 1.15
N LYS E 344 -13.58 47.78 0.28
CA LYS E 344 -13.70 47.95 -1.17
C LYS E 344 -12.94 49.19 -1.64
N ARG E 345 -11.78 49.43 -1.02
CA ARG E 345 -10.91 50.53 -1.40
C ARG E 345 -9.82 50.12 -2.37
N HIS E 346 -9.36 48.88 -2.31
CA HIS E 346 -8.27 48.40 -3.13
C HIS E 346 -8.69 47.13 -3.86
N VAL E 347 -8.07 46.91 -5.02
CA VAL E 347 -8.25 45.69 -5.79
C VAL E 347 -7.09 44.77 -5.46
N LEU E 348 -7.39 43.61 -4.90
CA LEU E 348 -6.37 42.73 -4.36
C LEU E 348 -6.06 41.51 -5.22
N GLY E 349 -7.04 41.01 -5.97
CA GLY E 349 -6.85 39.82 -6.76
C GLY E 349 -7.33 40.02 -8.18
N ARG E 350 -6.88 39.13 -9.04
CA ARG E 350 -7.22 39.15 -10.46
C ARG E 350 -8.00 37.90 -10.80
N LEU E 351 -8.98 38.03 -11.68
CA LEU E 351 -9.77 36.89 -12.10
C LEU E 351 -9.10 36.20 -13.27
N ILE E 352 -9.27 34.88 -13.35
CA ILE E 352 -8.65 34.10 -14.40
C ILE E 352 -9.61 33.86 -15.55
N THR E 353 -10.88 33.60 -15.24
CA THR E 353 -11.90 33.58 -16.27
C THR E 353 -12.11 35.01 -16.74
N VAL E 354 -11.15 35.52 -17.52
CA VAL E 354 -11.19 36.90 -17.95
C VAL E 354 -12.47 37.20 -18.71
N ASN E 355 -13.01 38.37 -18.47
CA ASN E 355 -14.26 38.82 -19.10
C ASN E 355 -15.39 37.82 -18.90
N PRO E 356 -15.79 37.53 -17.67
CA PRO E 356 -16.97 36.70 -17.45
C PRO E 356 -18.22 37.39 -17.97
N ILE E 357 -19.07 36.63 -18.65
CA ILE E 357 -20.28 37.16 -19.25
C ILE E 357 -21.38 36.12 -19.12
N VAL E 358 -22.60 36.60 -18.93
CA VAL E 358 -23.76 35.74 -18.84
C VAL E 358 -24.32 35.58 -20.24
N THR E 359 -24.12 34.41 -20.85
CA THR E 359 -24.67 34.16 -22.17
C THR E 359 -26.17 33.88 -22.11
N GLU E 360 -26.64 33.28 -21.02
CA GLU E 360 -28.06 32.98 -20.85
C GLU E 360 -28.44 33.19 -19.40
N LYS E 361 -29.71 33.49 -19.17
CA LYS E 361 -30.17 33.86 -17.84
C LYS E 361 -30.02 32.71 -16.85
N ASP E 362 -30.76 31.62 -17.04
CA ASP E 362 -30.68 30.48 -16.13
C ASP E 362 -29.64 29.48 -16.62
N SER E 363 -28.43 30.01 -16.85
CA SER E 363 -27.29 29.20 -17.28
C SER E 363 -26.12 29.56 -16.38
N PRO E 364 -25.82 28.75 -15.37
CA PRO E 364 -24.77 29.11 -14.42
C PRO E 364 -23.43 29.29 -15.13
N VAL E 365 -22.69 30.30 -14.68
CA VAL E 365 -21.34 30.56 -15.15
C VAL E 365 -20.42 30.54 -13.95
N ASN E 366 -19.33 29.79 -14.04
CA ASN E 366 -18.41 29.63 -12.91
C ASN E 366 -17.07 30.28 -13.21
N ILE E 367 -16.76 31.31 -12.44
CA ILE E 367 -15.58 32.13 -12.62
C ILE E 367 -14.43 31.55 -11.81
N GLU E 368 -13.23 31.62 -12.36
CA GLU E 368 -12.02 31.36 -11.61
C GLU E 368 -11.26 32.65 -11.41
N ALA E 369 -10.90 32.94 -10.16
CA ALA E 369 -10.10 34.10 -9.81
C ALA E 369 -8.91 33.67 -8.98
N GLU E 370 -7.94 34.55 -8.88
CA GLU E 370 -6.80 34.34 -7.99
C GLU E 370 -6.83 35.37 -6.89
N PRO E 371 -7.35 35.04 -5.71
CA PRO E 371 -7.41 36.01 -4.63
C PRO E 371 -6.07 36.18 -3.97
N PRO E 372 -5.88 37.25 -3.20
CA PRO E 372 -4.61 37.45 -2.51
C PRO E 372 -4.48 36.56 -1.28
N PHE E 373 -3.25 36.46 -0.78
CA PHE E 373 -3.01 35.76 0.47
C PHE E 373 -3.67 36.52 1.63
N GLY E 374 -4.31 35.76 2.52
CA GLY E 374 -5.04 36.37 3.62
C GLY E 374 -6.47 36.70 3.27
N ASP E 375 -6.99 37.76 3.86
CA ASP E 375 -8.39 38.12 3.71
C ASP E 375 -8.64 38.87 2.41
N SER E 376 -9.73 38.51 1.73
CA SER E 376 -10.17 39.19 0.53
C SER E 376 -11.65 38.90 0.36
N TYR E 377 -12.32 39.72 -0.42
CA TYR E 377 -13.77 39.65 -0.57
C TYR E 377 -14.11 39.65 -2.05
N ILE E 378 -14.90 38.67 -2.46
CA ILE E 378 -15.35 38.57 -3.84
C ILE E 378 -16.70 39.25 -3.97
N ILE E 379 -16.73 40.31 -4.77
CA ILE E 379 -17.94 41.11 -4.98
C ILE E 379 -18.47 40.80 -6.37
N ILE E 380 -19.72 40.36 -6.43
CA ILE E 380 -20.34 39.93 -7.68
C ILE E 380 -21.64 40.69 -7.86
N GLY E 381 -21.73 41.48 -8.92
CA GLY E 381 -22.91 42.25 -9.20
C GLY E 381 -22.73 43.72 -8.86
N VAL E 382 -23.84 44.45 -8.96
CA VAL E 382 -23.86 45.88 -8.70
C VAL E 382 -24.69 46.13 -7.44
N GLU E 383 -24.70 47.39 -7.02
CA GLU E 383 -25.20 47.73 -5.68
C GLU E 383 -26.62 47.26 -5.38
N PRO E 384 -27.58 47.33 -6.30
CA PRO E 384 -28.97 47.01 -5.92
C PRO E 384 -29.12 45.67 -5.22
N GLY E 385 -28.36 44.66 -5.63
CA GLY E 385 -28.41 43.36 -4.98
C GLY E 385 -27.04 42.71 -4.88
N GLN E 386 -26.00 43.54 -4.90
CA GLN E 386 -24.63 43.06 -4.89
C GLN E 386 -24.41 42.04 -3.79
N LEU E 387 -23.72 40.96 -4.12
CA LEU E 387 -23.33 39.95 -3.15
C LEU E 387 -21.84 40.05 -2.90
N LYS E 388 -21.45 40.03 -1.63
CA LYS E 388 -20.06 40.13 -1.20
C LYS E 388 -19.70 38.85 -0.47
N LEU E 389 -18.65 38.18 -0.93
CA LEU E 389 -18.27 36.86 -0.44
C LEU E 389 -16.90 36.94 0.19
N SER E 390 -16.82 36.62 1.48
CA SER E 390 -15.54 36.57 2.17
C SER E 390 -14.77 35.31 1.75
N TRP E 391 -13.45 35.46 1.65
CA TRP E 391 -12.58 34.33 1.41
C TRP E 391 -11.27 34.57 2.15
N PHE E 392 -10.60 33.48 2.50
CA PHE E 392 -9.26 33.56 3.10
C PHE E 392 -8.33 32.57 2.43
N LYS E 393 -7.17 33.05 2.00
CA LYS E 393 -6.15 32.25 1.33
C LYS E 393 -5.04 31.96 2.33
N LYS E 394 -4.74 30.68 2.51
CA LYS E 394 -3.94 30.23 3.66
C LYS E 394 -2.45 30.41 3.48
N GLY E 395 -1.97 30.53 2.25
CA GLY E 395 -0.54 30.48 2.00
C GLY E 395 0.20 31.74 2.39
N SER E 396 1.32 31.97 1.72
CA SER E 396 2.14 33.15 1.92
C SER E 396 2.85 33.48 0.62
N SER E 397 3.25 34.74 0.48
CA SER E 397 3.94 35.16 -0.74
C SER E 397 5.34 34.58 -0.82
N ILE E 398 6.04 34.52 0.32
CA ILE E 398 7.35 33.87 0.35
C ILE E 398 7.22 32.39 0.05
N GLY E 399 6.21 31.73 0.64
CA GLY E 399 5.98 30.34 0.32
C GLY E 399 5.62 30.13 -1.14
N GLN E 400 4.82 31.04 -1.70
CA GLN E 400 4.50 30.95 -3.12
C GLN E 400 5.75 31.09 -3.97
N MET E 401 6.65 32.01 -3.61
CA MET E 401 7.90 32.15 -4.34
C MET E 401 8.74 30.89 -4.25
N PHE E 402 8.80 30.29 -3.07
CA PHE E 402 9.54 29.05 -2.91
C PHE E 402 8.95 27.93 -3.76
N GLU E 403 7.63 27.81 -3.78
CA GLU E 403 6.99 26.78 -4.59
C GLU E 403 7.19 27.03 -6.08
N THR E 404 7.13 28.28 -6.51
CA THR E 404 7.43 28.61 -7.90
C THR E 404 8.84 28.22 -8.26
N THR E 405 9.80 28.52 -7.40
CA THR E 405 11.18 28.16 -7.67
C THR E 405 11.36 26.66 -7.74
N MET E 406 10.68 25.92 -6.85
CA MET E 406 10.77 24.47 -6.87
C MET E 406 10.13 23.89 -8.13
N ARG E 407 9.01 24.44 -8.57
CA ARG E 407 8.44 23.99 -9.85
C ARG E 407 9.36 24.30 -11.00
N GLY E 408 10.04 25.44 -10.98
CA GLY E 408 10.99 25.73 -12.02
C GLY E 408 12.14 24.75 -12.04
N ALA E 409 12.67 24.45 -10.85
CA ALA E 409 13.77 23.48 -10.76
C ALA E 409 13.32 22.11 -11.23
N LYS E 410 12.09 21.70 -10.88
CA LYS E 410 11.61 20.40 -11.31
C LYS E 410 11.38 20.35 -12.81
N ARG E 411 10.91 21.45 -13.39
CA ARG E 411 10.74 21.51 -14.84
C ARG E 411 12.09 21.38 -15.53
N MET E 412 13.10 22.06 -15.00
CA MET E 412 14.46 21.90 -15.53
C MET E 412 14.96 20.48 -15.34
N ALA E 413 14.51 19.80 -14.29
CA ALA E 413 14.95 18.43 -14.03
C ALA E 413 14.30 17.44 -14.99
N ILE E 414 13.14 17.78 -15.53
CA ILE E 414 12.39 16.86 -16.38
C ILE E 414 12.55 17.19 -17.85
N LEU E 415 12.53 18.47 -18.21
CA LEU E 415 12.70 18.89 -19.58
C LEU E 415 14.13 19.29 -19.91
N GLY E 416 15.01 19.33 -18.93
CA GLY E 416 16.38 19.73 -19.21
C GLY E 416 16.40 21.14 -19.78
N ASP E 417 16.95 21.26 -20.99
CA ASP E 417 17.05 22.57 -21.63
C ASP E 417 15.75 23.00 -22.28
N THR E 418 14.81 22.09 -22.51
CA THR E 418 13.49 22.47 -23.02
C THR E 418 12.68 23.27 -22.01
N ALA E 419 13.13 23.32 -20.75
CA ALA E 419 12.45 24.12 -19.75
C ALA E 419 12.71 25.62 -19.97
N TRP E 420 13.69 25.97 -20.79
CA TRP E 420 13.93 27.36 -21.14
C TRP E 420 13.00 27.85 -22.24
N ASP E 421 12.19 26.97 -22.81
CA ASP E 421 11.18 27.34 -23.79
C ASP E 421 9.77 27.37 -23.19
N PHE E 422 9.64 27.21 -21.87
CA PHE E 422 8.34 27.21 -21.23
C PHE E 422 8.02 28.63 -20.77
N GLY E 423 6.99 29.22 -21.37
CA GLY E 423 6.69 30.60 -21.10
C GLY E 423 7.62 31.58 -21.74
N SER E 424 8.51 31.11 -22.60
CA SER E 424 9.50 31.98 -23.23
C SER E 424 8.84 32.91 -24.23
N LEU E 425 9.38 34.12 -24.32
CA LEU E 425 8.92 35.14 -25.25
C LEU E 425 10.10 35.72 -26.02
N GLY E 426 11.07 34.89 -26.32
CA GLY E 426 12.33 35.36 -26.90
C GLY E 426 13.28 35.82 -25.80
N GLY E 427 13.78 37.04 -25.92
CA GLY E 427 14.71 37.55 -24.94
C GLY E 427 16.09 36.99 -25.12
N VAL E 428 17.10 37.77 -24.74
CA VAL E 428 18.48 37.32 -24.87
C VAL E 428 18.92 36.51 -23.65
N PHE E 429 18.40 36.85 -22.47
CA PHE E 429 18.71 36.05 -21.29
C PHE E 429 18.23 34.62 -21.44
N THR E 430 17.03 34.43 -21.98
CA THR E 430 16.51 33.08 -22.19
C THR E 430 17.38 32.31 -23.18
N SER E 431 17.80 32.94 -24.27
CA SER E 431 18.63 32.26 -25.24
C SER E 431 19.99 31.89 -24.65
N ILE E 432 20.60 32.82 -23.93
CA ILE E 432 21.89 32.54 -23.30
C ILE E 432 21.75 31.38 -22.32
N GLY E 433 20.70 31.41 -21.50
CA GLY E 433 20.50 30.34 -20.55
C GLY E 433 20.27 29.01 -21.23
N LYS E 434 19.50 28.99 -22.32
CA LYS E 434 19.22 27.73 -22.99
C LYS E 434 20.49 27.17 -23.61
N ALA E 435 21.34 28.02 -24.17
CA ALA E 435 22.61 27.54 -24.72
C ALA E 435 23.50 26.97 -23.62
N LEU E 436 23.62 27.70 -22.50
CA LEU E 436 24.44 27.22 -21.41
C LEU E 436 23.90 25.90 -20.86
N HIS E 437 22.59 25.80 -20.71
CA HIS E 437 21.98 24.57 -20.25
C HIS E 437 22.21 23.44 -21.24
N GLN E 438 22.16 23.74 -22.54
CA GLN E 438 22.39 22.69 -23.53
C GLN E 438 23.80 22.13 -23.38
N VAL E 439 24.80 23.00 -23.26
CA VAL E 439 26.17 22.51 -23.14
C VAL E 439 26.36 21.74 -21.83
N PHE E 440 25.89 22.31 -20.72
CA PHE E 440 26.06 21.65 -19.43
C PHE E 440 25.29 20.34 -19.37
N GLY E 441 24.10 20.29 -19.97
CA GLY E 441 23.34 19.07 -20.01
C GLY E 441 23.99 18.01 -20.87
N ALA E 442 24.63 18.41 -21.97
CA ALA E 442 25.41 17.46 -22.75
C ALA E 442 26.49 16.83 -21.88
N ILE E 443 27.26 17.66 -21.17
CA ILE E 443 28.31 17.13 -20.31
C ILE E 443 27.71 16.23 -19.23
N TYR E 444 26.64 16.68 -18.59
CA TYR E 444 26.05 15.94 -17.47
C TYR E 444 25.46 14.61 -17.93
N GLY E 445 24.78 14.59 -19.06
CA GLY E 445 24.26 13.33 -19.58
C GLY E 445 25.36 12.39 -20.00
N ALA E 446 26.46 12.92 -20.54
CA ALA E 446 27.59 12.07 -20.85
C ALA E 446 28.17 11.44 -19.58
N ALA E 447 28.26 12.22 -18.51
CA ALA E 447 28.89 11.75 -17.29
C ALA E 447 27.98 10.94 -16.39
N PHE E 448 26.66 10.98 -16.60
CA PHE E 448 25.73 10.34 -15.68
C PHE E 448 24.78 9.36 -16.36
N SER E 449 24.98 9.08 -17.64
CA SER E 449 24.10 8.14 -18.32
C SER E 449 24.30 6.73 -17.77
N GLY E 450 23.19 6.02 -17.61
CA GLY E 450 23.22 4.66 -17.12
C GLY E 450 23.40 4.50 -15.63
N VAL E 451 23.36 5.59 -14.88
CA VAL E 451 23.60 5.57 -13.44
C VAL E 451 22.28 5.67 -12.71
N SER E 452 22.14 4.91 -11.62
CA SER E 452 20.92 4.90 -10.83
C SER E 452 20.88 6.13 -9.92
N TRP E 453 19.77 6.28 -9.19
CA TRP E 453 19.58 7.45 -8.36
C TRP E 453 20.42 7.41 -7.09
N THR E 454 20.62 6.21 -6.52
CA THR E 454 21.51 6.09 -5.37
C THR E 454 22.95 6.43 -5.76
N MET E 455 23.37 5.99 -6.95
CA MET E 455 24.71 6.34 -7.42
C MET E 455 24.82 7.85 -7.65
N LYS E 456 23.76 8.47 -8.16
CA LYS E 456 23.77 9.92 -8.32
C LYS E 456 23.89 10.63 -6.98
N ILE E 457 23.16 10.15 -5.96
CA ILE E 457 23.26 10.76 -4.64
C ILE E 457 24.68 10.61 -4.10
N LEU E 458 25.26 9.43 -4.25
CA LEU E 458 26.62 9.21 -3.77
C LEU E 458 27.62 10.10 -4.50
N ILE E 459 27.49 10.22 -5.81
CA ILE E 459 28.40 11.07 -6.58
C ILE E 459 28.23 12.52 -6.18
N GLY E 460 26.98 12.95 -5.95
CA GLY E 460 26.75 14.31 -5.50
C GLY E 460 27.40 14.59 -4.17
N VAL E 461 27.27 13.66 -3.22
CA VAL E 461 27.91 13.85 -1.91
C VAL E 461 29.43 13.89 -2.06
N VAL E 462 29.99 13.00 -2.89
CA VAL E 462 31.43 12.96 -3.06
C VAL E 462 31.93 14.27 -3.67
N ILE E 463 31.25 14.75 -4.71
CA ILE E 463 31.66 15.98 -5.37
C ILE E 463 31.51 17.18 -4.45
N THR E 464 30.42 17.23 -3.68
CA THR E 464 30.24 18.31 -2.73
C THR E 464 31.34 18.31 -1.67
N TRP E 465 31.71 17.12 -1.17
CA TRP E 465 32.78 17.06 -0.20
C TRP E 465 34.10 17.51 -0.81
N ILE E 466 34.38 17.09 -2.03
CA ILE E 466 35.59 17.53 -2.71
C ILE E 466 35.61 19.05 -2.81
N GLY E 467 34.49 19.65 -3.21
CA GLY E 467 34.44 21.09 -3.34
C GLY E 467 34.60 21.80 -2.01
N MET E 468 33.92 21.31 -0.97
CA MET E 468 34.00 21.94 0.34
C MET E 468 35.42 21.89 0.89
N ASN E 469 36.11 20.77 0.70
CA ASN E 469 37.50 20.65 1.14
C ASN E 469 38.46 21.03 0.01
N SER E 470 38.19 22.19 -0.57
CA SER E 470 38.94 22.72 -1.69
C SER E 470 39.63 24.00 -1.27
N ARG E 471 40.90 24.15 -1.65
CA ARG E 471 41.65 25.34 -1.26
C ARG E 471 41.29 26.54 -2.11
N SER E 472 41.07 26.33 -3.41
CA SER E 472 40.69 27.43 -4.30
C SER E 472 39.20 27.71 -4.20
N THR E 473 38.85 28.99 -4.17
CA THR E 473 37.46 29.38 -3.96
C THR E 473 36.61 29.14 -5.20
N SER E 474 37.16 29.44 -6.38
CA SER E 474 36.38 29.26 -7.61
C SER E 474 36.07 27.79 -7.86
N LEU E 475 37.09 26.94 -7.79
CA LEU E 475 36.86 25.51 -7.96
C LEU E 475 36.00 24.96 -6.83
N SER E 476 36.22 25.43 -5.60
CA SER E 476 35.37 25.04 -4.49
C SER E 476 33.91 25.34 -4.78
N VAL E 477 33.61 26.58 -5.17
CA VAL E 477 32.22 26.97 -5.41
C VAL E 477 31.63 26.18 -6.56
N SER E 478 32.40 26.02 -7.65
CA SER E 478 31.89 25.29 -8.80
C SER E 478 31.57 23.84 -8.45
N LEU E 479 32.47 23.18 -7.70
CA LEU E 479 32.23 21.80 -7.33
C LEU E 479 31.06 21.67 -6.36
N VAL E 480 30.95 22.59 -5.40
CA VAL E 480 29.82 22.56 -4.47
C VAL E 480 28.52 22.71 -5.24
N LEU E 481 28.49 23.62 -6.21
CA LEU E 481 27.28 23.84 -6.99
C LEU E 481 26.93 22.61 -7.83
N VAL E 482 27.94 22.01 -8.48
CA VAL E 482 27.70 20.81 -9.26
C VAL E 482 27.20 19.67 -8.37
N GLY E 483 27.82 19.51 -7.20
CA GLY E 483 27.40 18.45 -6.31
C GLY E 483 26.00 18.63 -5.76
N VAL E 484 25.62 19.86 -5.44
CA VAL E 484 24.27 20.11 -4.95
C VAL E 484 23.25 19.89 -6.06
N VAL E 485 23.56 20.32 -7.29
CA VAL E 485 22.64 20.05 -8.40
C VAL E 485 22.54 18.54 -8.63
N THR E 486 23.66 17.83 -8.53
CA THR E 486 23.63 16.38 -8.68
C THR E 486 22.76 15.73 -7.61
N LEU E 487 22.88 16.20 -6.37
CA LEU E 487 22.05 15.66 -5.29
C LEU E 487 20.57 15.93 -5.55
N TYR E 488 20.24 17.14 -5.98
CA TYR E 488 18.84 17.45 -6.27
C TYR E 488 18.31 16.57 -7.40
N LEU E 489 19.09 16.38 -8.45
CA LEU E 489 18.65 15.55 -9.57
C LEU E 489 18.49 14.09 -9.14
N GLY E 490 19.40 13.60 -8.29
CA GLY E 490 19.28 12.24 -7.80
C GLY E 490 18.06 12.06 -6.92
N VAL E 491 17.71 13.08 -6.14
CA VAL E 491 16.54 12.97 -5.28
C VAL E 491 15.26 13.11 -6.10
N MET E 492 15.32 13.78 -7.24
CA MET E 492 14.14 13.99 -8.07
C MET E 492 13.92 12.88 -9.09
N VAL E 493 15.00 12.23 -9.55
CA VAL E 493 14.87 11.23 -10.59
C VAL E 493 14.20 9.98 -10.05
N GLN E 494 13.60 9.22 -10.96
CA GLN E 494 12.95 7.95 -10.64
C GLN E 494 13.86 6.75 -10.88
N ALA E 495 15.15 7.00 -11.13
CA ALA E 495 16.07 5.96 -11.58
C ALA E 495 16.64 5.14 -10.44
N SER F 1 20.95 -12.03 -16.11
CA SER F 1 19.73 -12.09 -16.90
C SER F 1 19.30 -10.70 -17.35
N VAL F 2 18.13 -10.61 -17.98
CA VAL F 2 17.61 -9.31 -18.37
C VAL F 2 17.33 -8.46 -17.14
N ALA F 3 16.92 -9.10 -16.05
CA ALA F 3 16.61 -8.35 -14.83
C ALA F 3 17.78 -7.54 -14.32
N LEU F 4 19.00 -7.90 -14.69
CA LEU F 4 20.18 -7.23 -14.17
C LEU F 4 20.59 -6.01 -14.99
N VAL F 5 19.83 -5.65 -16.02
CA VAL F 5 20.06 -4.45 -16.81
C VAL F 5 18.75 -3.68 -16.91
N PRO F 6 18.30 -3.06 -15.82
CA PRO F 6 16.91 -2.60 -15.71
C PRO F 6 16.61 -1.16 -16.14
N HIS F 7 17.12 -0.75 -17.29
CA HIS F 7 16.63 0.44 -18.00
C HIS F 7 16.32 1.60 -17.06
N VAL F 8 17.33 2.06 -16.32
CA VAL F 8 17.12 3.09 -15.30
C VAL F 8 17.78 4.41 -15.70
N GLY F 9 19.09 4.42 -15.91
CA GLY F 9 19.77 5.66 -16.23
C GLY F 9 19.73 6.02 -17.70
N MET F 10 18.63 5.70 -18.38
CA MET F 10 18.55 5.84 -19.82
C MET F 10 18.21 7.25 -20.28
N GLY F 11 17.84 8.15 -19.37
CA GLY F 11 17.59 9.52 -19.74
C GLY F 11 16.31 9.77 -20.51
N LEU F 12 15.32 8.88 -20.42
CA LEU F 12 14.06 9.03 -21.13
C LEU F 12 12.89 9.28 -20.18
N GLU F 13 13.16 9.77 -18.97
CA GLU F 13 12.13 9.90 -17.96
C GLU F 13 11.40 11.24 -18.13
N THR F 14 10.09 11.16 -18.23
CA THR F 14 9.22 12.32 -18.32
C THR F 14 8.58 12.56 -16.96
N ARG F 15 7.59 13.43 -16.91
CA ARG F 15 6.82 13.64 -15.67
C ARG F 15 5.66 12.66 -15.58
N THR F 16 5.94 11.39 -15.83
CA THR F 16 4.95 10.34 -15.72
C THR F 16 5.58 9.16 -14.99
N GLU F 17 4.81 8.54 -14.12
CA GLU F 17 5.31 7.43 -13.33
C GLU F 17 5.88 6.36 -14.25
N THR F 18 7.10 5.92 -13.97
CA THR F 18 7.71 4.85 -14.72
C THR F 18 7.23 3.49 -14.21
N TRP F 19 7.50 2.47 -14.99
CA TRP F 19 7.10 1.12 -14.63
C TRP F 19 7.84 0.66 -13.39
N MET F 20 7.09 0.26 -12.36
CA MET F 20 7.67 -0.27 -11.14
C MET F 20 8.65 0.72 -10.51
N SER F 21 8.33 2.00 -10.62
CA SER F 21 9.24 3.04 -10.13
C SER F 21 9.32 3.03 -8.61
N SER F 22 8.16 2.98 -7.95
CA SER F 22 8.15 3.05 -6.49
C SER F 22 8.93 1.91 -5.87
N GLU F 23 8.73 0.69 -6.39
CA GLU F 23 9.45 -0.47 -5.86
C GLU F 23 10.95 -0.36 -6.15
N GLY F 24 11.29 -0.16 -7.42
CA GLY F 24 12.68 -0.11 -7.82
C GLY F 24 13.45 1.03 -7.19
N ALA F 25 12.76 2.02 -6.62
CA ALA F 25 13.46 3.13 -5.97
C ALA F 25 14.29 2.62 -4.80
N TRP F 26 13.75 1.73 -3.99
CA TRP F 26 14.42 1.26 -2.79
C TRP F 26 14.70 -0.24 -2.79
N LYS F 27 14.41 -0.95 -3.87
CA LYS F 27 14.68 -2.39 -3.88
C LYS F 27 16.17 -2.68 -3.66
N HIS F 28 17.07 -1.94 -4.30
CA HIS F 28 18.49 -2.20 -4.13
C HIS F 28 18.96 -1.88 -2.71
N ALA F 29 18.44 -0.82 -2.11
CA ALA F 29 18.81 -0.51 -0.74
C ALA F 29 18.32 -1.60 0.21
N GLN F 30 17.11 -2.10 -0.01
CA GLN F 30 16.61 -3.21 0.79
C GLN F 30 17.50 -4.44 0.63
N ARG F 31 17.92 -4.73 -0.61
CA ARG F 31 18.78 -5.89 -0.84
C ARG F 31 20.13 -5.74 -0.14
N ILE F 32 20.73 -4.56 -0.21
CA ILE F 32 22.00 -4.33 0.47
C ILE F 32 21.83 -4.47 1.98
N GLU F 33 20.73 -3.93 2.52
CA GLU F 33 20.51 -4.01 3.96
C GLU F 33 20.31 -5.46 4.41
N THR F 34 19.50 -6.22 3.67
CA THR F 34 19.30 -7.61 4.02
C THR F 34 20.59 -8.40 3.92
N TRP F 35 21.40 -8.13 2.91
CA TRP F 35 22.68 -8.81 2.78
C TRP F 35 23.59 -8.49 3.95
N VAL F 36 23.67 -7.22 4.35
CA VAL F 36 24.54 -6.85 5.47
C VAL F 36 24.04 -7.50 6.76
N LEU F 37 22.71 -7.63 6.90
CA LEU F 37 22.18 -8.32 8.06
C LEU F 37 22.59 -9.80 8.05
N ARG F 38 22.45 -10.46 6.91
CA ARG F 38 22.71 -11.90 6.84
C ARG F 38 24.18 -12.24 6.87
N HIS F 39 25.06 -11.30 6.51
CA HIS F 39 26.50 -11.55 6.38
C HIS F 39 27.26 -10.50 7.17
N PRO F 40 27.12 -10.50 8.49
CA PRO F 40 27.88 -9.56 9.31
C PRO F 40 29.38 -9.73 9.20
N GLY F 41 29.86 -10.95 8.97
CA GLY F 41 31.30 -11.17 8.94
C GLY F 41 32.00 -10.39 7.85
N PHE F 42 31.42 -10.36 6.66
CA PHE F 42 32.03 -9.60 5.58
C PHE F 42 32.03 -8.11 5.87
N THR F 43 30.99 -7.60 6.52
CA THR F 43 30.95 -6.16 6.81
C THR F 43 32.07 -5.76 7.77
N ILE F 44 32.35 -6.59 8.77
CA ILE F 44 33.45 -6.29 9.67
C ILE F 44 34.78 -6.28 8.92
N MET F 45 34.97 -7.26 8.04
CA MET F 45 36.21 -7.33 7.28
C MET F 45 36.32 -6.13 6.34
N ALA F 46 35.21 -5.72 5.73
CA ALA F 46 35.22 -4.55 4.87
C ALA F 46 35.57 -3.30 5.65
N ALA F 47 35.05 -3.16 6.86
CA ALA F 47 35.40 -2.01 7.69
C ALA F 47 36.89 -2.01 8.02
N ILE F 48 37.43 -3.17 8.37
CA ILE F 48 38.86 -3.26 8.69
C ILE F 48 39.70 -2.90 7.46
N LEU F 49 39.34 -3.44 6.30
CA LEU F 49 40.09 -3.17 5.09
C LEU F 49 39.99 -1.70 4.69
N ALA F 50 38.80 -1.11 4.81
CA ALA F 50 38.64 0.31 4.50
C ALA F 50 39.48 1.16 5.43
N TYR F 51 39.49 0.84 6.72
CA TYR F 51 40.34 1.56 7.65
C TYR F 51 41.80 1.45 7.26
N THR F 52 42.24 0.26 6.89
CA THR F 52 43.65 0.05 6.56
C THR F 52 44.03 0.79 5.28
N ILE F 53 43.22 0.67 4.23
CA ILE F 53 43.56 1.25 2.94
C ILE F 53 43.46 2.77 2.98
N GLY F 54 42.40 3.29 3.59
CA GLY F 54 42.20 4.73 3.62
C GLY F 54 42.93 5.38 4.79
N THR F 55 43.52 6.54 4.51
CA THR F 55 44.19 7.32 5.56
C THR F 55 43.25 8.35 6.18
N THR F 56 42.50 9.07 5.35
CA THR F 56 41.52 10.03 5.85
C THR F 56 40.17 9.35 6.05
N TYR F 57 39.43 9.83 7.05
CA TYR F 57 38.16 9.21 7.38
C TYR F 57 37.19 9.25 6.21
N PHE F 58 37.29 10.28 5.36
CA PHE F 58 36.38 10.37 4.22
C PHE F 58 36.58 9.20 3.27
N GLN F 59 37.82 8.96 2.85
CA GLN F 59 38.07 7.89 1.90
C GLN F 59 37.97 6.52 2.54
N ARG F 60 38.21 6.41 3.85
CA ARG F 60 37.93 5.16 4.54
C ARG F 60 36.44 4.81 4.46
N VAL F 61 35.58 5.78 4.76
CA VAL F 61 34.14 5.56 4.71
C VAL F 61 33.69 5.30 3.28
N LEU F 62 34.28 6.01 2.32
CA LEU F 62 33.91 5.78 0.92
C LEU F 62 34.27 4.36 0.49
N ILE F 63 35.47 3.90 0.86
CA ILE F 63 35.88 2.53 0.53
C ILE F 63 34.95 1.53 1.21
N PHE F 64 34.63 1.76 2.48
CA PHE F 64 33.74 0.84 3.18
C PHE F 64 32.39 0.75 2.49
N ILE F 65 31.82 1.89 2.11
CA ILE F 65 30.52 1.92 1.46
C ILE F 65 30.58 1.23 0.11
N LEU F 66 31.62 1.52 -0.68
CA LEU F 66 31.73 0.91 -2.01
C LEU F 66 31.89 -0.60 -1.90
N LEU F 67 32.73 -1.06 -0.97
CA LEU F 67 32.91 -2.50 -0.76
C LEU F 67 31.60 -3.15 -0.34
N THR F 68 30.88 -2.54 0.60
CA THR F 68 29.65 -3.14 1.09
C THR F 68 28.59 -3.17 0.00
N ALA F 69 28.53 -2.13 -0.83
CA ALA F 69 27.53 -2.10 -1.90
C ALA F 69 27.85 -3.10 -2.99
N VAL F 70 29.12 -3.29 -3.31
CA VAL F 70 29.46 -4.19 -4.41
C VAL F 70 29.58 -5.64 -3.97
N ALA F 71 29.73 -5.92 -2.66
CA ALA F 71 29.84 -7.30 -2.20
C ALA F 71 28.63 -8.13 -2.56
N PRO F 72 27.40 -7.73 -2.22
CA PRO F 72 26.23 -8.46 -2.73
C PRO F 72 25.99 -8.27 -4.21
N SER F 73 26.44 -7.15 -4.79
CA SER F 73 26.13 -6.85 -6.18
C SER F 73 26.89 -7.78 -7.13
N MET F 74 28.17 -8.03 -6.86
CA MET F 74 28.92 -8.95 -7.70
C MET F 74 28.28 -10.33 -7.72
N THR F 75 27.60 -10.71 -6.64
CA THR F 75 26.90 -11.98 -6.58
C THR F 75 25.85 -12.06 -7.69
N GLN G 3 -47.66 20.76 30.47
CA GLN G 3 -46.37 20.10 30.57
C GLN G 3 -45.87 20.05 32.01
N LEU G 4 -46.73 20.45 32.94
CA LEU G 4 -46.43 20.37 34.37
C LEU G 4 -47.29 19.26 34.97
N VAL G 5 -46.64 18.18 35.40
CA VAL G 5 -47.32 17.02 35.95
C VAL G 5 -47.09 16.99 37.46
N GLU G 6 -48.15 16.80 38.22
CA GLU G 6 -48.10 16.80 39.66
C GLU G 6 -48.40 15.39 40.20
N SER G 7 -47.85 15.09 41.37
CA SER G 7 -48.07 13.80 41.98
C SER G 7 -49.53 13.65 42.41
N GLY G 8 -49.96 12.39 42.51
CA GLY G 8 -51.34 12.11 42.85
C GLY G 8 -51.68 12.50 44.28
N ALA G 9 -52.98 12.62 44.52
CA ALA G 9 -53.45 13.03 45.84
C ALA G 9 -53.06 12.00 46.90
N GLU G 10 -52.69 12.49 48.08
CA GLU G 10 -52.27 11.65 49.18
C GLU G 10 -52.80 12.22 50.49
N VAL G 11 -53.56 11.41 51.22
CA VAL G 11 -54.10 11.83 52.51
C VAL G 11 -53.04 11.62 53.58
N LYS G 12 -52.75 12.68 54.34
CA LYS G 12 -51.73 12.63 55.37
C LYS G 12 -52.38 12.67 56.75
N LYS G 13 -51.53 12.72 57.78
CA LYS G 13 -51.95 12.78 59.16
C LYS G 13 -51.31 13.99 59.83
N PRO G 14 -51.95 14.53 60.88
CA PRO G 14 -51.38 15.72 61.53
C PRO G 14 -49.96 15.46 62.00
N GLY G 15 -49.09 16.43 61.74
CA GLY G 15 -47.69 16.33 62.10
C GLY G 15 -46.81 15.60 61.11
N SER G 16 -47.37 15.05 60.04
CA SER G 16 -46.60 14.28 59.08
C SER G 16 -45.97 15.20 58.06
N SER G 17 -45.44 14.63 56.98
CA SER G 17 -44.80 15.39 55.91
C SER G 17 -45.29 14.88 54.56
N VAL G 18 -45.26 15.77 53.57
CA VAL G 18 -45.72 15.46 52.22
C VAL G 18 -44.74 16.07 51.24
N LYS G 19 -44.37 15.30 50.21
CA LYS G 19 -43.46 15.75 49.16
C LYS G 19 -44.21 15.73 47.83
N VAL G 20 -44.78 16.86 47.45
CA VAL G 20 -45.46 16.98 46.18
C VAL G 20 -44.42 17.10 45.08
N SER G 21 -44.64 16.40 43.97
CA SER G 21 -43.71 16.38 42.86
C SER G 21 -44.32 17.09 41.66
N CYS G 22 -43.53 17.94 41.01
CA CYS G 22 -43.93 18.63 39.79
C CYS G 22 -42.95 18.25 38.69
N LYS G 23 -43.41 17.45 37.74
CA LYS G 23 -42.57 17.01 36.62
C LYS G 23 -42.66 18.05 35.52
N ALA G 24 -41.58 18.80 35.33
CA ALA G 24 -41.49 19.80 34.29
C ALA G 24 -40.88 19.19 33.02
N SER G 25 -40.99 19.95 31.93
CA SER G 25 -40.41 19.52 30.67
C SER G 25 -38.96 19.99 30.55
N GLY G 26 -38.29 19.49 29.52
CA GLY G 26 -36.89 19.86 29.33
C GLY G 26 -36.69 21.35 29.12
N GLY G 27 -37.59 21.97 28.35
CA GLY G 27 -37.45 23.40 28.08
C GLY G 27 -37.63 24.27 29.31
N THR G 28 -38.68 23.99 30.10
CA THR G 28 -38.99 24.85 31.24
C THR G 28 -37.98 24.70 32.36
N PHE G 29 -37.41 23.50 32.52
CA PHE G 29 -36.49 23.26 33.63
C PHE G 29 -35.26 24.15 33.54
N ASN G 30 -34.71 24.32 32.33
CA ASN G 30 -33.46 25.03 32.15
C ASN G 30 -33.63 26.49 31.77
N ASN G 31 -34.86 26.94 31.50
CA ASN G 31 -35.09 28.29 31.01
C ASN G 31 -36.03 29.12 31.88
N TYR G 32 -36.95 28.49 32.61
CA TYR G 32 -37.92 29.20 33.41
C TYR G 32 -37.65 28.96 34.89
N ALA G 33 -38.53 29.53 35.71
CA ALA G 33 -38.56 29.27 37.14
C ALA G 33 -39.88 28.60 37.49
N ILE G 34 -39.99 28.10 38.71
CA ILE G 34 -41.18 27.37 39.15
C ILE G 34 -41.47 27.73 40.60
N SER G 35 -42.74 27.99 40.89
CA SER G 35 -43.18 28.36 42.23
C SER G 35 -44.38 27.51 42.63
N TRP G 36 -44.57 27.36 43.93
CA TRP G 36 -45.61 26.49 44.48
C TRP G 36 -46.69 27.32 45.15
N VAL G 37 -47.94 27.11 44.72
CA VAL G 37 -49.08 27.87 45.20
C VAL G 37 -50.14 26.88 45.68
N ARG G 38 -50.59 27.07 46.92
CA ARG G 38 -51.62 26.23 47.52
C ARG G 38 -52.88 27.05 47.75
N GLN G 39 -54.03 26.47 47.44
CA GLN G 39 -55.32 27.10 47.64
C GLN G 39 -56.15 26.25 48.58
N ALA G 40 -56.51 26.81 49.73
CA ALA G 40 -57.33 26.09 50.67
C ALA G 40 -58.71 25.82 50.05
N PRO G 41 -59.39 24.76 50.48
CA PRO G 41 -60.73 24.48 49.93
C PRO G 41 -61.66 25.65 50.13
N GLY G 42 -62.11 26.25 49.03
CA GLY G 42 -62.96 27.42 49.10
C GLY G 42 -62.27 28.62 49.70
N GLN G 43 -61.04 28.88 49.28
CA GLN G 43 -60.30 30.04 49.74
C GLN G 43 -59.37 30.51 48.63
N GLY G 44 -58.71 31.65 48.88
CA GLY G 44 -57.85 32.25 47.88
C GLY G 44 -56.51 31.56 47.74
N LEU G 45 -55.84 31.87 46.64
CA LEU G 45 -54.52 31.31 46.38
C LEU G 45 -53.49 31.87 47.35
N GLU G 46 -52.47 31.07 47.63
CA GLU G 46 -51.37 31.46 48.50
C GLU G 46 -50.06 31.02 47.87
N TRP G 47 -49.03 31.87 48.00
CA TRP G 47 -47.73 31.60 47.42
C TRP G 47 -46.80 31.08 48.50
N MET G 48 -46.30 29.86 48.31
CA MET G 48 -45.44 29.23 49.30
C MET G 48 -43.96 29.48 49.00
N GLY G 49 -43.52 29.12 47.80
CA GLY G 49 -42.12 29.30 47.46
C GLY G 49 -41.91 29.13 45.97
N GLY G 50 -40.66 29.28 45.56
CA GLY G 50 -40.31 29.17 44.16
C GLY G 50 -38.87 28.73 43.99
N ILE G 51 -38.61 28.07 42.87
CA ILE G 51 -37.30 27.51 42.57
C ILE G 51 -36.95 27.81 41.12
N ILE G 52 -35.68 28.10 40.88
CA ILE G 52 -35.12 28.11 39.53
C ILE G 52 -34.26 26.86 39.38
N PRO G 53 -34.73 25.84 38.65
CA PRO G 53 -34.09 24.52 38.76
C PRO G 53 -32.59 24.50 38.50
N ILE G 54 -32.09 25.28 37.53
CA ILE G 54 -30.65 25.25 37.25
C ILE G 54 -29.85 25.96 38.31
N PHE G 55 -30.47 26.82 39.12
CA PHE G 55 -29.77 27.56 40.15
C PHE G 55 -30.11 27.13 41.57
N GLY G 56 -31.21 26.41 41.76
CA GLY G 56 -31.59 26.06 43.11
C GLY G 56 -31.79 27.29 43.96
N GLY G 57 -31.56 27.12 45.27
CA GLY G 57 -31.71 28.23 46.20
C GLY G 57 -33.12 28.78 46.24
N ALA G 58 -34.09 27.91 46.47
CA ALA G 58 -35.48 28.35 46.50
C ALA G 58 -35.71 29.38 47.59
N ASN G 59 -36.63 30.31 47.31
CA ASN G 59 -37.06 31.30 48.27
C ASN G 59 -38.47 30.99 48.73
N TYR G 60 -38.73 31.18 50.02
CA TYR G 60 -39.99 30.79 50.63
C TYR G 60 -40.70 32.01 51.19
N ALA G 61 -42.03 31.94 51.23
CA ALA G 61 -42.82 32.96 51.89
C ALA G 61 -42.60 32.92 53.39
N GLN G 62 -42.69 34.09 54.03
CA GLN G 62 -42.48 34.16 55.47
C GLN G 62 -43.46 33.26 56.22
N LYS G 63 -44.67 33.10 55.70
CA LYS G 63 -45.68 32.27 56.36
C LYS G 63 -45.28 30.80 56.38
N PHE G 64 -44.43 30.37 55.45
CA PHE G 64 -44.02 28.97 55.36
C PHE G 64 -42.53 28.77 55.55
N GLN G 65 -41.75 29.83 55.71
CA GLN G 65 -40.32 29.68 55.92
C GLN G 65 -40.06 28.84 57.16
N GLY G 66 -39.24 27.81 57.01
CA GLY G 66 -38.93 26.89 58.09
C GLY G 66 -39.81 25.65 58.13
N ARG G 67 -40.86 25.58 57.32
CA ARG G 67 -41.74 24.42 57.30
C ARG G 67 -41.87 23.76 55.94
N VAL G 68 -41.50 24.43 54.85
CA VAL G 68 -41.60 23.88 53.51
C VAL G 68 -40.22 23.98 52.86
N THR G 69 -40.00 23.11 51.87
CA THR G 69 -38.71 23.06 51.19
C THR G 69 -38.95 22.65 49.75
N ILE G 70 -38.49 23.49 48.81
CA ILE G 70 -38.62 23.24 47.38
C ILE G 70 -37.26 22.80 46.86
N THR G 71 -37.25 21.73 46.07
CA THR G 71 -36.03 21.21 45.50
C THR G 71 -36.29 20.80 44.05
N ALA G 72 -35.22 20.76 43.27
CA ALA G 72 -35.29 20.41 41.86
C ALA G 72 -34.34 19.25 41.58
N ASP G 73 -34.83 18.24 40.87
CA ASP G 73 -34.03 17.09 40.47
C ASP G 73 -33.63 17.29 39.01
N ARG G 74 -32.44 17.84 38.80
CA ARG G 74 -31.99 18.11 37.44
C ARG G 74 -31.87 16.83 36.62
N SER G 75 -31.64 15.69 37.27
CA SER G 75 -31.51 14.44 36.55
C SER G 75 -32.82 14.05 35.87
N THR G 76 -33.95 14.25 36.56
CA THR G 76 -35.25 13.92 36.02
C THR G 76 -36.09 15.15 35.68
N SER G 77 -35.52 16.35 35.79
CA SER G 77 -36.22 17.59 35.47
C SER G 77 -37.54 17.66 36.24
N THR G 78 -37.42 17.55 37.56
CA THR G 78 -38.58 17.53 38.45
C THR G 78 -38.36 18.48 39.61
N VAL G 79 -39.45 19.08 40.08
CA VAL G 79 -39.44 20.02 41.18
C VAL G 79 -40.27 19.44 42.31
N TYR G 80 -39.76 19.54 43.54
CA TYR G 80 -40.36 18.89 44.69
C TYR G 80 -40.73 19.93 45.73
N MET G 81 -41.89 19.73 46.37
CA MET G 81 -42.34 20.55 47.48
C MET G 81 -42.61 19.64 48.67
N GLU G 82 -41.86 19.83 49.74
CA GLU G 82 -42.02 19.04 50.96
C GLU G 82 -42.57 19.93 52.07
N LEU G 83 -43.69 19.52 52.65
CA LEU G 83 -44.33 20.28 53.72
C LEU G 83 -44.39 19.42 54.97
N SER G 84 -43.88 19.95 56.08
CA SER G 84 -43.77 19.23 57.33
C SER G 84 -44.75 19.79 58.36
N GLY G 85 -45.02 18.98 59.39
CA GLY G 85 -45.97 19.39 60.41
C GLY G 85 -47.37 19.60 59.88
N LEU G 86 -47.84 18.70 59.02
CA LEU G 86 -49.14 18.88 58.39
C LEU G 86 -50.24 19.01 59.42
N ARG G 87 -51.16 19.94 59.17
CA ARG G 87 -52.32 20.15 60.02
C ARG G 87 -53.53 20.41 59.13
N SER G 88 -54.69 20.60 59.74
CA SER G 88 -55.90 20.85 58.96
C SER G 88 -55.77 22.11 58.12
N GLU G 89 -55.03 23.11 58.62
CA GLU G 89 -54.78 24.31 57.83
C GLU G 89 -54.01 24.00 56.57
N ASP G 90 -53.29 22.89 56.52
CA ASP G 90 -52.52 22.48 55.35
C ASP G 90 -53.34 21.68 54.36
N THR G 91 -54.64 21.49 54.62
CA THR G 91 -55.51 20.81 53.68
C THR G 91 -55.86 21.77 52.56
N ALA G 92 -55.36 21.50 51.36
CA ALA G 92 -55.60 22.38 50.22
C ALA G 92 -54.95 21.78 48.98
N VAL G 93 -55.41 22.22 47.83
CA VAL G 93 -54.83 21.82 46.56
C VAL G 93 -53.54 22.61 46.34
N TYR G 94 -52.52 21.94 45.83
CA TYR G 94 -51.21 22.56 45.63
C TYR G 94 -50.92 22.66 44.13
N TYR G 95 -50.44 23.82 43.72
CA TYR G 95 -50.19 24.13 42.32
C TYR G 95 -48.71 24.43 42.12
N CYS G 96 -48.15 23.93 41.03
CA CYS G 96 -46.82 24.30 40.57
C CYS G 96 -46.96 24.99 39.23
N ALA G 97 -46.44 26.21 39.14
CA ALA G 97 -46.58 27.03 37.94
C ALA G 97 -45.22 27.50 37.48
N ARG G 98 -45.13 27.84 36.20
CA ARG G 98 -43.91 28.28 35.57
C ARG G 98 -43.92 29.80 35.43
N ARG G 99 -42.78 30.44 35.70
CA ARG G 99 -42.61 31.87 35.60
C ARG G 99 -41.32 32.21 34.88
N PRO G 100 -41.20 33.43 34.35
CA PRO G 100 -40.10 33.74 33.41
C PRO G 100 -38.71 33.72 34.02
N GLN G 101 -38.54 33.55 35.32
CA GLN G 101 -37.26 33.42 36.00
C GLN G 101 -36.59 34.77 36.23
N SER G 102 -37.17 35.87 35.78
CA SER G 102 -36.64 37.19 36.10
C SER G 102 -37.16 37.65 37.45
N ILE G 103 -36.40 38.54 38.09
CA ILE G 103 -36.78 39.06 39.40
C ILE G 103 -38.13 39.75 39.34
N PHE G 104 -38.48 40.32 38.20
CA PHE G 104 -39.69 41.12 38.07
C PHE G 104 -40.80 40.40 37.33
N ASP G 105 -40.55 39.22 36.79
CA ASP G 105 -41.54 38.49 36.01
C ASP G 105 -42.21 37.44 36.89
N TRP G 106 -43.52 37.56 37.07
CA TRP G 106 -44.28 36.65 37.91
C TRP G 106 -45.58 36.24 37.23
N ASN G 107 -45.54 36.07 35.91
CA ASN G 107 -46.71 35.70 35.12
C ASN G 107 -46.70 34.18 34.94
N PHE G 108 -47.63 33.50 35.61
CA PHE G 108 -47.71 32.04 35.56
C PHE G 108 -48.50 31.62 34.33
N ASP G 109 -47.82 31.66 33.18
CA ASP G 109 -48.47 31.23 31.95
C ASP G 109 -48.85 29.76 32.01
N LEU G 110 -47.96 28.91 32.52
CA LEU G 110 -48.21 27.48 32.65
C LEU G 110 -48.62 27.15 34.08
N TRP G 111 -49.60 26.26 34.21
CA TRP G 111 -50.07 25.81 35.50
C TRP G 111 -50.22 24.30 35.48
N GLY G 112 -50.08 23.69 36.65
CA GLY G 112 -50.31 22.27 36.78
C GLY G 112 -51.78 21.94 36.98
N ARG G 113 -52.12 20.67 36.80
CA ARG G 113 -53.49 20.22 37.03
C ARG G 113 -53.86 20.27 38.50
N GLY G 114 -52.90 20.48 39.39
CA GLY G 114 -53.16 20.53 40.81
C GLY G 114 -52.94 19.18 41.48
N THR G 115 -52.66 19.24 42.78
CA THR G 115 -52.50 18.05 43.61
C THR G 115 -53.15 18.31 44.96
N LEU G 116 -54.10 17.46 45.31
CA LEU G 116 -54.88 17.64 46.54
C LEU G 116 -54.22 16.89 47.69
N VAL G 117 -54.05 17.58 48.81
CA VAL G 117 -53.49 16.99 50.03
C VAL G 117 -54.55 17.11 51.12
N THR G 118 -54.88 15.98 51.74
CA THR G 118 -55.91 15.93 52.77
C THR G 118 -55.24 15.70 54.12
N VAL G 119 -55.60 16.53 55.10
CA VAL G 119 -55.07 16.41 56.45
C VAL G 119 -56.23 16.30 57.41
N SER G 120 -56.20 15.27 58.25
CA SER G 120 -57.25 15.06 59.26
C SER G 120 -56.75 14.05 60.27
N SER G 121 -57.38 14.08 61.45
CA SER G 121 -57.06 13.10 62.49
C SER G 121 -57.64 11.73 62.19
N ALA G 122 -58.61 11.63 61.28
CA ALA G 122 -59.24 10.37 60.95
C ALA G 122 -60.03 9.80 62.12
N SER H 2 -48.83 42.27 51.70
CA SER H 2 -49.80 41.52 52.48
C SER H 2 -51.08 42.33 52.69
N VAL H 3 -51.00 43.64 52.42
CA VAL H 3 -52.17 44.50 52.54
C VAL H 3 -53.02 44.51 51.28
N LEU H 4 -52.60 43.79 50.23
CA LEU H 4 -53.38 43.79 48.99
C LEU H 4 -54.79 43.28 49.25
N THR H 5 -55.76 44.18 49.08
CA THR H 5 -57.16 43.85 49.30
C THR H 5 -57.91 43.89 47.98
N GLN H 6 -58.87 42.97 47.83
CA GLN H 6 -59.72 42.87 46.66
C GLN H 6 -61.16 42.71 47.14
N PRO H 7 -62.13 43.26 46.40
CA PRO H 7 -63.53 43.07 46.78
C PRO H 7 -63.88 41.59 46.83
N PRO H 8 -64.43 41.11 47.94
CA PRO H 8 -64.71 39.67 48.06
C PRO H 8 -65.67 39.14 47.00
N SER H 9 -66.63 39.94 46.58
CA SER H 9 -67.60 39.50 45.57
C SER H 9 -67.87 40.64 44.61
N ALA H 10 -68.32 40.27 43.41
CA ALA H 10 -68.66 41.23 42.38
C ALA H 10 -69.96 40.80 41.72
N SER H 11 -70.75 41.79 41.30
CA SER H 11 -72.02 41.55 40.64
C SER H 11 -72.04 42.27 39.30
N GLY H 12 -72.67 41.64 38.32
CA GLY H 12 -72.74 42.23 37.00
C GLY H 12 -73.77 41.53 36.13
N THR H 13 -74.22 42.24 35.12
CA THR H 13 -75.16 41.74 34.14
C THR H 13 -74.48 41.60 32.78
N PRO H 14 -75.00 40.74 31.90
CA PRO H 14 -74.35 40.54 30.60
C PRO H 14 -74.21 41.85 29.85
N GLY H 15 -73.07 42.03 29.19
CA GLY H 15 -72.79 43.27 28.50
C GLY H 15 -72.71 44.47 29.43
N GLN H 16 -72.20 44.27 30.64
CA GLN H 16 -72.09 45.33 31.63
C GLN H 16 -70.72 45.22 32.29
N ARG H 17 -69.84 46.18 32.00
CA ARG H 17 -68.48 46.10 32.51
C ARG H 17 -68.45 46.07 34.03
N VAL H 18 -67.67 45.15 34.58
CA VAL H 18 -67.47 45.04 36.02
C VAL H 18 -66.00 45.27 36.32
N THR H 19 -65.73 46.16 37.27
CA THR H 19 -64.37 46.51 37.65
C THR H 19 -64.06 45.88 39.00
N ILE H 20 -63.03 45.03 39.04
CA ILE H 20 -62.54 44.44 40.28
C ILE H 20 -61.26 45.17 40.62
N SER H 21 -61.34 46.09 41.57
CA SER H 21 -60.21 46.93 41.96
C SER H 21 -59.60 46.37 43.24
N CYS H 22 -58.34 45.97 43.17
CA CYS H 22 -57.58 45.51 44.33
C CYS H 22 -56.49 46.53 44.62
N SER H 23 -56.47 47.04 45.84
CA SER H 23 -55.49 48.05 46.23
C SER H 23 -54.33 47.38 46.98
N GLY H 24 -53.37 48.21 47.37
CA GLY H 24 -52.22 47.70 48.10
C GLY H 24 -51.27 48.83 48.41
N SER H 25 -50.15 48.45 49.03
CA SER H 25 -49.13 49.43 49.37
C SER H 25 -48.31 49.80 48.13
N SER H 26 -47.48 50.82 48.29
CA SER H 26 -46.62 51.25 47.18
C SER H 26 -45.75 50.09 46.70
N SER H 27 -45.05 49.43 47.62
CA SER H 27 -44.27 48.26 47.25
C SER H 27 -45.16 47.10 46.80
N ASN H 28 -46.30 46.93 47.45
CA ASN H 28 -47.15 45.78 47.16
C ASN H 28 -47.65 45.79 45.73
N VAL H 29 -48.25 46.89 45.29
CA VAL H 29 -48.91 46.97 43.99
C VAL H 29 -48.32 48.06 43.12
N GLY H 30 -48.19 49.27 43.65
CA GLY H 30 -47.69 50.37 42.85
C GLY H 30 -46.30 50.12 42.31
N SER H 31 -45.43 49.56 43.14
CA SER H 31 -44.02 49.39 42.80
C SER H 31 -43.73 48.15 41.96
N ASN H 32 -44.73 47.33 41.65
CA ASN H 32 -44.52 46.09 40.92
C ASN H 32 -45.65 45.86 39.93
N TYR H 33 -45.44 44.91 39.03
CA TYR H 33 -46.48 44.48 38.10
C TYR H 33 -47.63 43.83 38.86
N VAL H 34 -48.79 43.80 38.22
CA VAL H 34 -50.00 43.23 38.80
C VAL H 34 -50.57 42.20 37.83
N TYR H 35 -50.70 40.96 38.27
CA TYR H 35 -51.18 39.86 37.45
C TYR H 35 -52.58 39.48 37.88
N TRP H 36 -53.47 39.28 36.90
CA TRP H 36 -54.85 38.90 37.14
C TRP H 36 -55.10 37.49 36.62
N TYR H 37 -55.63 36.62 37.49
CA TYR H 37 -55.92 35.24 37.15
C TYR H 37 -57.41 34.98 37.37
N GLN H 38 -58.03 34.27 36.42
CA GLN H 38 -59.41 33.83 36.56
C GLN H 38 -59.40 32.33 36.83
N GLN H 39 -60.02 31.92 37.93
CA GLN H 39 -60.00 30.53 38.38
C GLN H 39 -61.44 30.01 38.42
N LEU H 40 -61.81 29.21 37.42
CA LEU H 40 -63.08 28.52 37.46
C LEU H 40 -63.05 27.47 38.57
N PRO H 41 -64.20 27.12 39.12
CA PRO H 41 -64.22 26.16 40.23
C PRO H 41 -63.61 24.83 39.82
N GLY H 42 -62.86 24.23 40.75
CA GLY H 42 -62.24 22.95 40.48
C GLY H 42 -61.25 22.96 39.33
N THR H 43 -60.53 24.06 39.15
CA THR H 43 -59.56 24.19 38.07
C THR H 43 -58.43 25.10 38.51
N ALA H 44 -57.27 24.91 37.87
CA ALA H 44 -56.11 25.72 38.20
C ALA H 44 -56.31 27.15 37.72
N PRO H 45 -55.75 28.14 38.42
CA PRO H 45 -55.90 29.53 38.00
C PRO H 45 -55.33 29.74 36.61
N LYS H 46 -55.95 30.66 35.86
CA LYS H 46 -55.55 30.96 34.50
C LYS H 46 -55.08 32.40 34.41
N LEU H 47 -53.93 32.61 33.77
CA LEU H 47 -53.36 33.95 33.65
C LEU H 47 -54.21 34.80 32.72
N LEU H 48 -54.72 35.93 33.24
CA LEU H 48 -55.51 36.86 32.44
C LEU H 48 -54.69 38.06 31.97
N ILE H 49 -54.11 38.80 32.92
CA ILE H 49 -53.33 40.00 32.61
C ILE H 49 -51.98 39.85 33.28
N TYR H 50 -50.92 39.88 32.48
CA TYR H 50 -49.57 39.82 33.01
C TYR H 50 -48.87 41.16 32.84
N ARG H 51 -47.92 41.42 33.73
CA ARG H 51 -47.33 42.74 33.91
C ARG H 51 -48.46 43.66 34.36
N ASN H 52 -48.84 44.69 33.62
CA ASN H 52 -49.87 45.61 34.07
C ASN H 52 -51.13 45.54 33.22
N ASN H 53 -51.01 45.62 31.92
CA ASN H 53 -52.16 45.66 31.02
C ASN H 53 -51.91 44.82 29.78
N ARG H 54 -51.31 43.65 29.97
CA ARG H 54 -50.94 42.77 28.87
C ARG H 54 -51.81 41.52 28.91
N ARG H 55 -52.32 41.12 27.74
CA ARG H 55 -53.18 39.96 27.64
C ARG H 55 -52.42 38.82 26.97
N PRO H 56 -52.32 37.65 27.61
CA PRO H 56 -51.59 36.54 27.02
C PRO H 56 -52.26 36.07 25.73
N SER H 57 -51.44 35.55 24.82
CA SER H 57 -51.96 35.06 23.56
C SER H 57 -53.02 33.99 23.81
N GLY H 58 -54.16 34.13 23.12
CA GLY H 58 -55.30 33.28 23.34
C GLY H 58 -56.32 33.83 24.32
N VAL H 59 -55.94 34.81 25.13
CA VAL H 59 -56.88 35.47 26.04
C VAL H 59 -57.74 36.44 25.24
N PRO H 60 -59.06 36.39 25.35
CA PRO H 60 -59.91 37.30 24.57
C PRO H 60 -59.78 38.73 25.05
N ASP H 61 -60.19 39.65 24.17
CA ASP H 61 -60.04 41.08 24.41
C ASP H 61 -61.02 41.62 25.45
N ARG H 62 -62.04 40.87 25.83
CA ARG H 62 -62.99 41.37 26.81
C ARG H 62 -62.30 41.79 28.09
N PHE H 63 -61.26 41.06 28.50
CA PHE H 63 -60.54 41.39 29.72
C PHE H 63 -59.45 42.42 29.45
N SER H 64 -59.36 43.41 30.33
CA SER H 64 -58.37 44.47 30.23
C SER H 64 -57.79 44.77 31.60
N GLY H 65 -56.53 45.21 31.62
CA GLY H 65 -55.85 45.49 32.85
C GLY H 65 -55.50 46.95 33.06
N SER H 66 -55.97 47.53 34.16
CA SER H 66 -55.70 48.91 34.50
C SER H 66 -54.88 48.96 35.78
N LYS H 67 -53.92 49.88 35.83
CA LYS H 67 -53.04 50.03 36.97
C LYS H 67 -53.01 51.49 37.39
N SER H 68 -53.45 51.77 38.60
CA SER H 68 -53.44 53.12 39.14
C SER H 68 -52.12 53.37 39.87
N GLY H 69 -52.05 54.47 40.62
CA GLY H 69 -50.82 54.77 41.34
C GLY H 69 -50.45 53.70 42.34
N THR H 70 -51.43 53.24 43.12
CA THR H 70 -51.22 52.17 44.08
C THR H 70 -52.29 51.10 44.04
N SER H 71 -53.18 51.14 43.03
CA SER H 71 -54.25 50.17 42.90
C SER H 71 -54.36 49.75 41.44
N ALA H 72 -54.87 48.54 41.22
CA ALA H 72 -55.08 48.01 39.89
C ALA H 72 -56.49 47.46 39.79
N SER H 73 -57.06 47.53 38.59
CA SER H 73 -58.42 47.10 38.36
C SER H 73 -58.49 46.28 37.08
N LEU H 74 -59.19 45.15 37.15
CA LEU H 74 -59.44 44.31 35.99
C LEU H 74 -60.83 44.61 35.46
N ALA H 75 -60.91 44.99 34.19
CA ALA H 75 -62.15 45.40 33.56
C ALA H 75 -62.71 44.26 32.73
N ILE H 76 -64.00 43.99 32.87
CA ILE H 76 -64.67 42.90 32.20
C ILE H 76 -65.71 43.51 31.26
N SER H 77 -65.45 43.45 29.96
CA SER H 77 -66.41 43.84 28.95
C SER H 77 -67.09 42.62 28.38
N GLY H 78 -68.35 42.79 27.96
CA GLY H 78 -69.10 41.67 27.44
C GLY H 78 -69.27 40.56 28.45
N LEU H 79 -69.69 40.92 29.67
CA LEU H 79 -69.85 39.93 30.73
C LEU H 79 -70.76 38.80 30.27
N ARG H 80 -70.39 37.57 30.62
CA ARG H 80 -71.11 36.38 30.21
C ARG H 80 -71.17 35.39 31.35
N SER H 81 -72.02 34.38 31.20
CA SER H 81 -72.16 33.35 32.23
C SER H 81 -70.86 32.60 32.44
N GLU H 82 -70.13 32.30 31.35
CA GLU H 82 -68.87 31.59 31.48
C GLU H 82 -67.86 32.38 32.30
N ASP H 83 -67.91 33.71 32.24
CA ASP H 83 -66.93 34.52 32.95
C ASP H 83 -67.03 34.35 34.46
N GLU H 84 -68.16 33.86 34.97
CA GLU H 84 -68.32 33.71 36.40
C GLU H 84 -67.20 32.83 36.96
N ALA H 85 -66.40 33.41 37.85
CA ALA H 85 -65.29 32.70 38.47
C ALA H 85 -64.68 33.55 39.57
N ASP H 86 -63.67 33.02 40.25
CA ASP H 86 -62.95 33.78 41.28
C ASP H 86 -61.74 34.43 40.65
N TYR H 87 -61.57 35.73 40.90
CA TYR H 87 -60.49 36.51 40.31
C TYR H 87 -59.53 36.99 41.38
N TYR H 88 -58.23 36.94 41.06
CA TYR H 88 -57.18 37.38 41.96
C TYR H 88 -56.23 38.29 41.20
N CYS H 89 -55.55 39.16 41.94
CA CYS H 89 -54.47 39.98 41.41
C CYS H 89 -53.20 39.64 42.16
N ALA H 90 -52.16 39.27 41.41
CA ALA H 90 -50.88 38.88 41.97
C ALA H 90 -49.88 40.00 41.74
N THR H 91 -49.08 40.28 42.77
CA THR H 91 -48.05 41.31 42.66
C THR H 91 -46.99 41.04 43.72
N TRP H 92 -45.74 41.02 43.30
CA TRP H 92 -44.63 40.93 44.23
C TRP H 92 -44.54 42.22 45.04
N ASP H 93 -44.34 42.10 46.34
CA ASP H 93 -44.15 43.26 47.21
C ASP H 93 -42.83 43.11 47.94
N ASP H 94 -42.04 44.18 47.95
CA ASP H 94 -40.66 44.10 48.42
C ASP H 94 -40.56 44.05 49.94
N SER H 95 -41.44 44.74 50.66
CA SER H 95 -41.36 44.74 52.11
C SER H 95 -41.54 43.33 52.67
N LEU H 96 -42.48 42.57 52.12
CA LEU H 96 -42.70 41.19 52.49
C LEU H 96 -41.76 40.23 51.78
N SER H 97 -41.08 40.69 50.73
CA SER H 97 -40.16 39.85 49.95
C SER H 97 -40.83 38.55 49.54
N GLY H 98 -41.97 38.66 48.86
CA GLY H 98 -42.69 37.50 48.40
C GLY H 98 -43.88 37.91 47.58
N LEU H 99 -44.43 36.94 46.86
CA LEU H 99 -45.62 37.19 46.05
C LEU H 99 -46.86 37.20 46.92
N VAL H 100 -47.70 38.21 46.73
CA VAL H 100 -48.92 38.37 47.50
C VAL H 100 -50.11 38.27 46.55
N PHE H 101 -51.03 37.36 46.85
CA PHE H 101 -52.24 37.20 46.08
C PHE H 101 -53.38 37.99 46.72
N GLY H 102 -54.28 38.50 45.89
CA GLY H 102 -55.47 39.12 46.39
C GLY H 102 -56.43 38.12 46.99
N GLY H 103 -57.32 38.61 47.85
CA GLY H 103 -58.27 37.74 48.50
C GLY H 103 -59.21 37.04 47.54
N GLY H 104 -59.30 37.52 46.32
CA GLY H 104 -60.21 36.94 45.34
C GLY H 104 -61.53 37.68 45.29
N THR H 105 -62.19 37.61 44.14
CA THR H 105 -63.48 38.24 43.94
C THR H 105 -64.44 37.24 43.32
N LYS H 106 -65.68 37.25 43.80
CA LYS H 106 -66.71 36.36 43.29
C LYS H 106 -67.48 37.08 42.19
N LEU H 107 -67.48 36.50 40.99
CA LEU H 107 -68.18 37.09 39.85
C LEU H 107 -69.64 36.65 39.86
N THR H 108 -70.38 37.15 40.85
CA THR H 108 -71.80 36.87 40.94
C THR H 108 -72.50 37.55 39.77
N VAL H 109 -72.92 36.75 38.78
CA VAL H 109 -73.52 37.26 37.57
C VAL H 109 -74.96 36.77 37.49
N LEU H 110 -75.88 37.68 37.19
CA LEU H 110 -77.30 37.35 37.09
C LEU H 110 -77.57 36.69 35.74
N GLY H 111 -77.09 35.45 35.62
CA GLY H 111 -77.27 34.70 34.39
C GLY H 111 -78.47 33.77 34.44
N GLN H 112 -78.52 32.91 35.45
CA GLN H 112 -79.62 31.97 35.58
C GLN H 112 -80.94 32.68 35.89
N GLN I 3 9.94 -53.06 -24.54
CA GLN I 3 11.16 -52.38 -24.14
C GLN I 3 12.16 -52.28 -25.29
N LEU I 4 11.90 -53.04 -26.35
CA LEU I 4 12.60 -52.90 -27.62
C LEU I 4 11.62 -53.00 -28.78
N VAL I 5 10.55 -52.22 -28.71
CA VAL I 5 9.53 -52.25 -29.76
C VAL I 5 10.11 -51.67 -31.04
N GLU I 6 9.92 -52.39 -32.14
CA GLU I 6 10.50 -52.05 -33.43
C GLU I 6 9.44 -51.51 -34.39
N SER I 7 9.91 -50.87 -35.44
CA SER I 7 9.02 -50.35 -36.47
C SER I 7 8.40 -51.49 -37.27
N GLY I 8 7.21 -51.25 -37.81
CA GLY I 8 6.51 -52.27 -38.55
C GLY I 8 7.18 -52.61 -39.86
N ALA I 9 6.85 -53.78 -40.38
CA ALA I 9 7.42 -54.22 -41.65
C ALA I 9 7.09 -53.22 -42.74
N GLU I 10 8.11 -52.82 -43.50
CA GLU I 10 7.97 -51.84 -44.57
C GLU I 10 8.47 -52.46 -45.87
N VAL I 11 7.73 -52.24 -46.95
CA VAL I 11 8.22 -52.58 -48.27
C VAL I 11 8.95 -51.36 -48.85
N LYS I 12 10.02 -51.62 -49.60
CA LYS I 12 10.79 -50.57 -50.23
C LYS I 12 11.15 -51.00 -51.64
N LYS I 13 11.80 -50.11 -52.37
CA LYS I 13 12.25 -50.35 -53.72
C LYS I 13 13.74 -50.08 -53.85
N PRO I 14 14.42 -50.71 -54.81
CA PRO I 14 15.86 -50.52 -54.93
C PRO I 14 16.22 -49.06 -55.16
N GLY I 15 17.36 -48.66 -54.60
CA GLY I 15 17.82 -47.29 -54.67
C GLY I 15 17.34 -46.38 -53.56
N SER I 16 16.42 -46.86 -52.72
CA SER I 16 15.87 -46.07 -51.63
C SER I 16 16.43 -46.53 -50.30
N SER I 17 16.21 -45.72 -49.27
CA SER I 17 16.67 -46.02 -47.92
C SER I 17 15.48 -46.25 -47.01
N VAL I 18 15.61 -47.21 -46.10
CA VAL I 18 14.58 -47.53 -45.13
C VAL I 18 15.12 -47.25 -43.74
N LYS I 19 14.36 -46.50 -42.95
CA LYS I 19 14.77 -46.12 -41.61
C LYS I 19 13.96 -46.93 -40.61
N VAL I 20 14.64 -47.74 -39.79
CA VAL I 20 14.00 -48.54 -38.77
C VAL I 20 14.30 -47.93 -37.42
N SER I 21 13.36 -48.10 -36.49
CA SER I 21 13.46 -47.50 -35.17
C SER I 21 13.34 -48.59 -34.11
N CYS I 22 13.91 -48.31 -32.94
CA CYS I 22 13.83 -49.20 -31.79
C CYS I 22 13.54 -48.34 -30.56
N LYS I 23 12.29 -48.35 -30.10
CA LYS I 23 11.94 -47.62 -28.89
C LYS I 23 12.49 -48.34 -27.68
N ALA I 24 13.17 -47.60 -26.81
CA ALA I 24 13.85 -48.17 -25.66
C ALA I 24 13.39 -47.48 -24.38
N SER I 25 13.43 -48.23 -23.28
CA SER I 25 13.05 -47.70 -21.99
C SER I 25 14.07 -46.65 -21.54
N GLY I 26 13.68 -45.87 -20.52
CA GLY I 26 14.59 -44.90 -19.97
C GLY I 26 15.84 -45.53 -19.40
N GLY I 27 15.68 -46.64 -18.68
CA GLY I 27 16.83 -47.34 -18.15
C GLY I 27 17.70 -47.94 -19.23
N THR I 28 17.08 -48.57 -20.23
CA THR I 28 17.84 -49.16 -21.33
C THR I 28 18.61 -48.08 -22.09
N PHE I 29 17.97 -46.94 -22.34
CA PHE I 29 18.63 -45.88 -23.10
C PHE I 29 19.86 -45.36 -22.39
N ASN I 30 19.79 -45.20 -21.06
CA ASN I 30 20.87 -44.57 -20.32
C ASN I 30 21.91 -45.55 -19.83
N ASN I 31 21.57 -46.82 -19.65
CA ASN I 31 22.49 -47.78 -19.06
C ASN I 31 23.12 -48.72 -20.08
N TYR I 32 22.36 -49.17 -21.07
CA TYR I 32 22.83 -50.19 -21.99
C TYR I 32 23.11 -49.60 -23.37
N ALA I 33 23.64 -50.45 -24.24
CA ALA I 33 23.93 -50.08 -25.62
C ALA I 33 23.12 -50.99 -26.54
N ILE I 34 22.69 -50.44 -27.68
CA ILE I 34 21.84 -51.15 -28.63
C ILE I 34 22.61 -51.33 -29.93
N SER I 35 22.46 -52.51 -30.54
CA SER I 35 23.09 -52.82 -31.81
C SER I 35 22.04 -53.38 -32.76
N TRP I 36 22.34 -53.31 -34.05
CA TRP I 36 21.41 -53.74 -35.09
C TRP I 36 21.98 -54.95 -35.82
N VAL I 37 21.20 -56.04 -35.84
CA VAL I 37 21.60 -57.28 -36.49
C VAL I 37 20.56 -57.59 -37.56
N ARG I 38 21.03 -57.80 -38.79
CA ARG I 38 20.17 -58.13 -39.91
C ARG I 38 20.41 -59.56 -40.34
N GLN I 39 19.33 -60.26 -40.70
CA GLN I 39 19.40 -61.66 -41.12
C GLN I 39 18.54 -61.83 -42.38
N ALA I 40 19.18 -61.82 -43.54
CA ALA I 40 18.44 -62.06 -44.76
C ALA I 40 17.84 -63.47 -44.74
N PRO I 41 16.65 -63.64 -45.31
CA PRO I 41 15.98 -64.94 -45.20
C PRO I 41 16.85 -66.05 -45.77
N GLY I 42 16.89 -67.18 -45.07
CA GLY I 42 17.69 -68.31 -45.49
C GLY I 42 19.17 -68.16 -45.25
N GLN I 43 19.61 -67.14 -44.52
CA GLN I 43 21.02 -66.87 -44.29
C GLN I 43 21.27 -66.76 -42.80
N GLY I 44 22.52 -66.45 -42.44
CA GLY I 44 22.90 -66.35 -41.05
C GLY I 44 22.85 -64.92 -40.51
N LEU I 45 22.90 -64.83 -39.18
CA LEU I 45 22.84 -63.53 -38.52
C LEU I 45 24.03 -62.67 -38.92
N GLU I 46 23.83 -61.35 -38.88
CA GLU I 46 24.86 -60.40 -39.26
C GLU I 46 24.72 -59.13 -38.44
N TRP I 47 25.86 -58.57 -38.06
CA TRP I 47 25.91 -57.39 -37.20
C TRP I 47 26.22 -56.16 -38.05
N MET I 48 25.34 -55.17 -37.99
CA MET I 48 25.52 -53.95 -38.75
C MET I 48 26.22 -52.86 -37.96
N GLY I 49 25.87 -52.72 -36.69
CA GLY I 49 26.48 -51.70 -35.85
C GLY I 49 25.72 -51.57 -34.56
N GLY I 50 26.18 -50.62 -33.74
CA GLY I 50 25.55 -50.37 -32.46
C GLY I 50 25.74 -48.95 -32.02
N ILE I 51 25.00 -48.59 -30.97
CA ILE I 51 25.00 -47.23 -30.43
C ILE I 51 24.95 -47.30 -28.92
N ILE I 52 25.71 -46.43 -28.27
CA ILE I 52 25.54 -46.18 -26.84
C ILE I 52 24.74 -44.89 -26.73
N PRO I 53 23.42 -44.97 -26.61
CA PRO I 53 22.59 -43.77 -26.77
C PRO I 53 22.94 -42.63 -25.84
N ILE I 54 23.48 -42.90 -24.65
CA ILE I 54 23.83 -41.80 -23.76
C ILE I 54 25.01 -41.01 -24.32
N PHE I 55 25.94 -41.68 -25.00
CA PHE I 55 27.09 -41.02 -25.59
C PHE I 55 26.90 -40.70 -27.07
N GLY I 56 26.23 -41.57 -27.81
CA GLY I 56 25.78 -41.25 -29.15
C GLY I 56 26.68 -41.69 -30.29
N GLY I 57 27.94 -42.01 -30.04
CA GLY I 57 28.80 -42.45 -31.12
C GLY I 57 28.49 -43.86 -31.58
N ALA I 58 28.11 -44.02 -32.84
CA ALA I 58 27.72 -45.32 -33.37
C ALA I 58 28.88 -45.97 -34.10
N ASN I 59 28.91 -47.31 -34.03
CA ASN I 59 29.94 -48.12 -34.65
C ASN I 59 29.28 -49.07 -35.65
N TYR I 60 29.98 -49.37 -36.74
CA TYR I 60 29.38 -50.08 -37.86
C TYR I 60 30.28 -51.23 -38.28
N ALA I 61 29.67 -52.23 -38.89
CA ALA I 61 30.42 -53.33 -39.47
C ALA I 61 31.24 -52.85 -40.67
N GLN I 62 32.31 -53.56 -40.96
CA GLN I 62 33.18 -53.16 -42.07
C GLN I 62 32.41 -53.12 -43.38
N LYS I 63 31.46 -54.05 -43.57
CA LYS I 63 30.69 -54.08 -44.81
C LYS I 63 29.74 -52.90 -44.90
N PHE I 64 28.99 -52.64 -43.83
CA PHE I 64 27.97 -51.60 -43.86
C PHE I 64 28.51 -50.21 -43.62
N GLN I 65 29.80 -50.07 -43.30
CA GLN I 65 30.39 -48.75 -43.17
C GLN I 65 30.23 -47.96 -44.46
N GLY I 66 29.91 -46.67 -44.33
CA GLY I 66 29.69 -45.83 -45.47
C GLY I 66 28.34 -45.97 -46.11
N ARG I 67 27.49 -46.85 -45.59
CA ARG I 67 26.16 -47.07 -46.16
C ARG I 67 25.08 -47.21 -45.09
N VAL I 68 25.43 -47.21 -43.81
CA VAL I 68 24.47 -47.36 -42.73
C VAL I 68 24.69 -46.24 -41.72
N THR I 69 23.60 -45.74 -41.16
CA THR I 69 23.66 -44.67 -40.15
C THR I 69 22.76 -45.05 -38.98
N ILE I 70 23.32 -44.99 -37.78
CA ILE I 70 22.61 -45.32 -36.55
C ILE I 70 22.59 -44.09 -35.66
N THR I 71 21.39 -43.67 -35.26
CA THR I 71 21.22 -42.50 -34.42
C THR I 71 20.21 -42.80 -33.34
N ALA I 72 20.27 -42.02 -32.25
CA ALA I 72 19.34 -42.13 -31.15
C ALA I 72 18.86 -40.74 -30.76
N ASP I 73 17.60 -40.66 -30.34
CA ASP I 73 17.00 -39.42 -29.88
C ASP I 73 16.90 -39.46 -28.36
N ARG I 74 17.66 -38.58 -27.70
CA ARG I 74 17.65 -38.54 -26.25
C ARG I 74 16.38 -37.93 -25.69
N SER I 75 15.63 -37.20 -26.51
CA SER I 75 14.34 -36.66 -26.09
C SER I 75 13.21 -37.65 -26.28
N THR I 76 13.46 -38.79 -26.89
CA THR I 76 12.45 -39.81 -27.11
C THR I 76 12.87 -41.20 -26.66
N SER I 77 14.15 -41.42 -26.34
CA SER I 77 14.65 -42.74 -25.97
C SER I 77 14.44 -43.74 -27.10
N THR I 78 14.77 -43.32 -28.32
CA THR I 78 14.64 -44.18 -29.50
C THR I 78 15.98 -44.25 -30.21
N VAL I 79 16.22 -45.37 -30.89
CA VAL I 79 17.38 -45.58 -31.74
C VAL I 79 16.89 -45.90 -33.14
N TYR I 80 17.41 -45.18 -34.13
CA TYR I 80 17.01 -45.34 -35.52
C TYR I 80 18.15 -45.92 -36.33
N MET I 81 17.86 -46.95 -37.11
CA MET I 81 18.80 -47.51 -38.07
C MET I 81 18.37 -47.07 -39.47
N GLU I 82 19.33 -46.61 -40.26
CA GLU I 82 19.07 -46.04 -41.58
C GLU I 82 19.98 -46.74 -42.59
N LEU I 83 19.37 -47.46 -43.54
CA LEU I 83 20.11 -48.18 -44.57
C LEU I 83 19.78 -47.56 -45.92
N SER I 84 20.81 -47.12 -46.63
CA SER I 84 20.66 -46.46 -47.92
C SER I 84 21.16 -47.35 -49.04
N GLY I 85 20.75 -47.01 -50.26
CA GLY I 85 21.12 -47.79 -51.42
C GLY I 85 20.56 -49.20 -51.39
N LEU I 86 19.28 -49.32 -51.06
CA LEU I 86 18.68 -50.64 -50.89
C LEU I 86 18.74 -51.42 -52.19
N ARG I 87 18.97 -52.72 -52.08
CA ARG I 87 19.02 -53.62 -53.21
C ARG I 87 18.33 -54.92 -52.84
N SER I 88 18.41 -55.91 -53.74
CA SER I 88 17.73 -57.18 -53.50
C SER I 88 18.28 -57.88 -52.27
N GLU I 89 19.60 -57.90 -52.10
CA GLU I 89 20.21 -58.61 -50.99
C GLU I 89 19.77 -58.05 -49.64
N ASP I 90 19.36 -56.78 -49.60
CA ASP I 90 18.96 -56.15 -48.34
C ASP I 90 17.65 -56.69 -47.81
N THR I 91 16.92 -57.49 -48.59
CA THR I 91 15.70 -58.11 -48.09
C THR I 91 16.04 -58.98 -46.90
N ALA I 92 15.64 -58.57 -45.70
CA ALA I 92 16.03 -59.25 -44.48
C ALA I 92 15.16 -58.74 -43.34
N VAL I 93 15.35 -59.36 -42.17
CA VAL I 93 14.69 -58.94 -40.95
C VAL I 93 15.74 -58.29 -40.05
N TYR I 94 15.41 -57.12 -39.51
CA TYR I 94 16.35 -56.32 -38.75
C TYR I 94 15.92 -56.31 -37.29
N TYR I 95 16.81 -56.77 -36.41
CA TYR I 95 16.57 -56.78 -34.98
C TYR I 95 17.45 -55.75 -34.31
N CYS I 96 16.91 -55.10 -33.27
CA CYS I 96 17.66 -54.20 -32.41
C CYS I 96 17.85 -54.90 -31.08
N ALA I 97 19.09 -55.29 -30.79
CA ALA I 97 19.41 -56.04 -29.57
C ALA I 97 20.01 -55.11 -28.54
N ARG I 98 20.00 -55.58 -27.29
CA ARG I 98 20.55 -54.84 -26.17
C ARG I 98 21.82 -55.53 -25.66
N ARG I 99 22.71 -54.73 -25.11
CA ARG I 99 23.97 -55.24 -24.58
C ARG I 99 24.52 -54.23 -23.59
N PRO I 100 25.43 -54.65 -22.71
CA PRO I 100 26.07 -53.68 -21.81
C PRO I 100 26.99 -52.74 -22.57
N GLN I 101 27.28 -51.60 -21.95
CA GLN I 101 28.14 -50.61 -22.58
C GLN I 101 29.60 -51.03 -22.66
N SER I 102 30.01 -52.04 -21.90
CA SER I 102 31.41 -52.45 -21.92
C SER I 102 31.80 -52.96 -23.29
N ILE I 103 33.04 -52.69 -23.69
CA ILE I 103 33.49 -53.12 -25.00
C ILE I 103 33.57 -54.63 -25.08
N PHE I 104 33.94 -55.29 -23.98
CA PHE I 104 34.08 -56.74 -23.97
C PHE I 104 32.77 -57.47 -23.80
N ASP I 105 31.70 -56.79 -23.38
CA ASP I 105 30.42 -57.41 -23.10
C ASP I 105 29.52 -57.24 -24.31
N TRP I 106 29.29 -58.35 -25.03
CA TRP I 106 28.42 -58.36 -26.20
C TRP I 106 27.23 -59.26 -25.94
N ASN I 107 26.65 -59.12 -24.74
CA ASN I 107 25.58 -59.97 -24.26
C ASN I 107 24.24 -59.41 -24.71
N PHE I 108 23.69 -59.96 -25.79
CA PHE I 108 22.40 -59.51 -26.33
C PHE I 108 21.27 -60.20 -25.59
N ASP I 109 21.04 -59.73 -24.36
CA ASP I 109 20.00 -60.34 -23.53
C ASP I 109 18.61 -60.02 -24.06
N LEU I 110 18.38 -58.78 -24.49
CA LEU I 110 17.09 -58.35 -25.00
C LEU I 110 17.18 -58.14 -26.50
N TRP I 111 16.21 -58.69 -27.23
CA TRP I 111 16.16 -58.59 -28.68
C TRP I 111 14.89 -57.89 -29.12
N GLY I 112 14.97 -57.21 -30.25
CA GLY I 112 13.79 -56.61 -30.84
C GLY I 112 12.90 -57.65 -31.49
N ARG I 113 11.63 -57.26 -31.71
CA ARG I 113 10.68 -58.18 -32.33
C ARG I 113 11.05 -58.51 -33.76
N GLY I 114 11.90 -57.71 -34.40
CA GLY I 114 12.29 -57.97 -35.77
C GLY I 114 11.42 -57.25 -36.77
N THR I 115 12.01 -56.38 -37.57
CA THR I 115 11.29 -55.59 -38.57
C THR I 115 11.72 -56.05 -39.95
N LEU I 116 10.88 -56.85 -40.60
CA LEU I 116 11.17 -57.34 -41.94
C LEU I 116 11.14 -56.19 -42.93
N VAL I 117 12.19 -56.10 -43.74
CA VAL I 117 12.30 -55.11 -44.80
C VAL I 117 12.39 -55.84 -46.13
N THR I 118 11.50 -55.52 -47.05
CA THR I 118 11.44 -56.15 -48.37
C THR I 118 11.89 -55.14 -49.41
N VAL I 119 12.75 -55.58 -50.31
CA VAL I 119 13.27 -54.75 -51.39
C VAL I 119 12.80 -55.38 -52.70
N SER I 120 11.75 -54.82 -53.28
CA SER I 120 11.20 -55.31 -54.54
C SER I 120 10.20 -54.29 -55.05
N SER I 121 10.11 -54.20 -56.38
CA SER I 121 9.24 -53.20 -56.99
C SER I 121 7.77 -53.43 -56.62
N ALA I 122 7.32 -54.67 -56.65
CA ALA I 122 5.95 -55.00 -56.27
C ALA I 122 4.93 -54.19 -57.07
N SER J 2 39.42 -65.45 -42.86
CA SER J 2 39.65 -65.40 -41.42
C SER J 2 38.41 -64.92 -40.68
N VAL J 3 37.48 -65.85 -40.44
CA VAL J 3 36.21 -65.52 -39.81
C VAL J 3 35.66 -66.79 -39.17
N LEU J 4 34.70 -66.63 -38.27
CA LEU J 4 34.11 -67.78 -37.60
C LEU J 4 33.46 -68.70 -38.62
N THR J 5 33.62 -70.01 -38.41
CA THR J 5 33.02 -71.02 -39.26
C THR J 5 32.33 -72.06 -38.39
N GLN J 6 31.25 -72.63 -38.93
CA GLN J 6 30.52 -73.69 -38.27
C GLN J 6 30.20 -74.77 -39.28
N PRO J 7 29.92 -75.98 -38.83
CA PRO J 7 29.44 -77.02 -39.73
C PRO J 7 28.16 -76.58 -40.42
N PRO J 8 28.01 -76.84 -41.71
CA PRO J 8 26.79 -76.38 -42.40
C PRO J 8 25.51 -76.95 -41.81
N SER J 9 25.58 -78.13 -41.19
CA SER J 9 24.41 -78.73 -40.59
C SER J 9 24.84 -79.59 -39.41
N ALA J 10 23.87 -79.91 -38.55
CA ALA J 10 24.10 -80.76 -37.39
C ALA J 10 23.03 -81.84 -37.33
N SER J 11 23.43 -83.03 -36.89
CA SER J 11 22.53 -84.17 -36.76
C SER J 11 22.43 -84.57 -35.30
N GLY J 12 21.27 -85.10 -34.92
CA GLY J 12 21.06 -85.51 -33.54
C GLY J 12 19.81 -86.34 -33.40
N THR J 13 19.69 -86.99 -32.24
CA THR J 13 18.56 -87.82 -31.89
C THR J 13 18.08 -87.48 -30.49
N PRO J 14 16.79 -87.68 -30.21
CA PRO J 14 16.26 -87.29 -28.90
C PRO J 14 16.98 -88.00 -27.77
N GLY J 15 17.29 -87.25 -26.72
CA GLY J 15 18.00 -87.80 -25.58
C GLY J 15 19.47 -88.07 -25.81
N GLN J 16 20.05 -87.57 -26.90
CA GLN J 16 21.46 -87.78 -27.22
C GLN J 16 22.16 -86.43 -27.32
N ARG J 17 23.29 -86.30 -26.65
CA ARG J 17 24.04 -85.05 -26.66
C ARG J 17 24.67 -84.81 -28.03
N VAL J 18 24.66 -83.55 -28.45
CA VAL J 18 25.27 -83.11 -29.70
C VAL J 18 26.15 -81.92 -29.38
N THR J 19 27.18 -81.70 -30.21
CA THR J 19 28.13 -80.62 -30.01
C THR J 19 28.34 -79.88 -31.32
N ILE J 20 28.27 -78.55 -31.26
CA ILE J 20 28.48 -77.68 -32.40
C ILE J 20 29.76 -76.89 -32.16
N SER J 21 30.66 -76.90 -33.14
CA SER J 21 31.97 -76.28 -33.00
C SER J 21 32.05 -74.99 -33.81
N CYS J 22 32.46 -73.92 -33.15
CA CYS J 22 32.66 -72.62 -33.78
C CYS J 22 34.16 -72.43 -33.93
N SER J 23 34.64 -72.48 -35.18
CA SER J 23 36.07 -72.38 -35.45
C SER J 23 36.42 -70.93 -35.81
N GLY J 24 37.08 -70.23 -34.89
CA GLY J 24 37.58 -68.91 -35.16
C GLY J 24 39.08 -68.88 -35.14
N SER J 25 39.67 -67.72 -34.84
CA SER J 25 41.11 -67.58 -34.69
C SER J 25 41.40 -66.82 -33.41
N SER J 26 42.67 -66.49 -33.21
CA SER J 26 43.06 -65.73 -32.03
C SER J 26 42.43 -64.33 -32.02
N SER J 27 42.13 -63.78 -33.20
CA SER J 27 41.63 -62.42 -33.26
C SER J 27 40.18 -62.32 -32.82
N ASN J 28 39.41 -63.41 -32.94
CA ASN J 28 38.00 -63.39 -32.58
C ASN J 28 37.68 -64.32 -31.42
N VAL J 29 37.98 -65.61 -31.53
CA VAL J 29 37.58 -66.56 -30.50
C VAL J 29 38.65 -66.70 -29.42
N GLY J 30 39.92 -66.73 -29.82
CA GLY J 30 40.98 -66.88 -28.84
C GLY J 30 41.04 -65.73 -27.86
N SER J 31 40.82 -64.50 -28.36
CA SER J 31 41.03 -63.30 -27.58
C SER J 31 39.74 -62.68 -27.04
N ASN J 32 38.59 -63.32 -27.26
CA ASN J 32 37.32 -62.70 -26.93
C ASN J 32 36.34 -63.76 -26.44
N TYR J 33 35.28 -63.29 -25.78
CA TYR J 33 34.22 -64.18 -25.34
C TYR J 33 33.48 -64.77 -26.53
N VAL J 34 32.81 -65.89 -26.30
CA VAL J 34 32.00 -66.54 -27.31
C VAL J 34 30.57 -66.62 -26.79
N TYR J 35 29.62 -66.30 -27.67
CA TYR J 35 28.20 -66.32 -27.34
C TYR J 35 27.49 -67.28 -28.28
N TRP J 36 26.58 -68.06 -27.71
CA TRP J 36 25.79 -69.02 -28.48
C TRP J 36 24.32 -68.59 -28.46
N TYR J 37 23.74 -68.46 -29.64
CA TYR J 37 22.38 -67.97 -29.80
C TYR J 37 21.52 -69.05 -30.42
N GLN J 38 20.36 -69.30 -29.81
CA GLN J 38 19.38 -70.23 -30.34
C GLN J 38 18.27 -69.44 -31.03
N GLN J 39 18.01 -69.78 -32.29
CA GLN J 39 17.01 -69.10 -33.10
C GLN J 39 16.11 -70.13 -33.75
N LEU J 40 14.89 -70.27 -33.23
CA LEU J 40 13.89 -71.10 -33.87
C LEU J 40 13.28 -70.36 -35.07
N PRO J 41 12.69 -71.09 -36.00
CA PRO J 41 12.08 -70.43 -37.16
C PRO J 41 11.01 -69.43 -36.72
N GLY J 42 11.02 -68.27 -37.37
CA GLY J 42 10.02 -67.25 -37.12
C GLY J 42 10.21 -66.44 -35.86
N THR J 43 11.29 -66.64 -35.12
CA THR J 43 11.53 -65.93 -33.87
C THR J 43 12.93 -65.32 -33.87
N ALA J 44 13.11 -64.35 -32.98
CA ALA J 44 14.40 -63.70 -32.83
C ALA J 44 15.41 -64.63 -32.16
N PRO J 45 16.70 -64.37 -32.34
CA PRO J 45 17.71 -65.19 -31.67
C PRO J 45 17.62 -65.04 -30.16
N LYS J 46 18.05 -66.08 -29.46
CA LYS J 46 18.02 -66.12 -28.01
C LYS J 46 19.42 -66.37 -27.47
N LEU J 47 19.84 -65.54 -26.52
CA LEU J 47 21.13 -65.74 -25.86
C LEU J 47 21.12 -67.07 -25.13
N LEU J 48 21.95 -68.01 -25.57
CA LEU J 48 22.00 -69.34 -24.99
C LEU J 48 23.22 -69.52 -24.09
N ILE J 49 24.40 -69.18 -24.59
CA ILE J 49 25.64 -69.24 -23.82
C ILE J 49 26.39 -67.94 -24.03
N TYR J 50 26.96 -67.41 -22.95
CA TYR J 50 27.76 -66.19 -23.03
C TYR J 50 28.95 -66.31 -22.11
N ARG J 51 30.02 -65.58 -22.45
CA ARG J 51 31.28 -65.65 -21.72
C ARG J 51 31.91 -67.04 -21.83
N ASN J 52 31.59 -67.72 -22.93
CA ASN J 52 32.17 -68.99 -23.37
C ASN J 52 31.71 -70.20 -22.59
N ASN J 53 31.17 -70.01 -21.39
CA ASN J 53 30.58 -71.14 -20.68
C ASN J 53 29.38 -70.76 -19.83
N ARG J 54 29.04 -69.50 -19.71
CA ARG J 54 27.96 -69.10 -18.83
C ARG J 54 26.62 -69.31 -19.53
N ARG J 55 25.58 -69.43 -18.72
CA ARG J 55 24.24 -69.72 -19.20
C ARG J 55 23.28 -68.70 -18.60
N PRO J 56 22.54 -67.94 -19.41
CA PRO J 56 21.70 -66.88 -18.85
C PRO J 56 20.57 -67.44 -18.02
N SER J 57 20.11 -66.63 -17.07
CA SER J 57 19.01 -67.03 -16.21
C SER J 57 17.80 -67.42 -17.05
N GLY J 58 17.23 -68.59 -16.75
CA GLY J 58 16.13 -69.13 -17.51
C GLY J 58 16.53 -70.15 -18.55
N VAL J 59 17.80 -70.24 -18.91
CA VAL J 59 18.27 -71.25 -19.86
C VAL J 59 18.47 -72.56 -19.13
N PRO J 60 17.88 -73.66 -19.60
CA PRO J 60 18.02 -74.94 -18.90
C PRO J 60 19.47 -75.35 -18.79
N ASP J 61 19.80 -76.07 -17.71
CA ASP J 61 21.15 -76.55 -17.50
C ASP J 61 21.61 -77.53 -18.56
N ARG J 62 20.68 -78.06 -19.37
CA ARG J 62 21.04 -78.99 -20.43
C ARG J 62 21.98 -78.35 -21.45
N PHE J 63 22.02 -77.03 -21.52
CA PHE J 63 22.89 -76.34 -22.47
C PHE J 63 24.23 -76.01 -21.80
N SER J 64 25.32 -76.43 -22.43
CA SER J 64 26.66 -76.22 -21.91
C SER J 64 27.54 -75.64 -23.00
N GLY J 65 28.38 -74.69 -22.62
CA GLY J 65 29.28 -74.07 -23.57
C GLY J 65 30.73 -74.15 -23.16
N SER J 66 31.56 -74.75 -24.01
CA SER J 66 32.98 -74.93 -23.73
C SER J 66 33.81 -74.17 -24.76
N LYS J 67 34.92 -73.59 -24.30
CA LYS J 67 35.85 -72.91 -25.17
C LYS J 67 37.24 -73.51 -24.98
N SER J 68 37.95 -73.71 -26.08
CA SER J 68 39.26 -74.37 -26.05
C SER J 68 40.19 -73.67 -27.04
N GLY J 69 41.08 -72.84 -26.51
CA GLY J 69 42.07 -72.19 -27.33
C GLY J 69 41.48 -71.22 -28.35
N THR J 70 41.54 -71.58 -29.62
CA THR J 70 41.05 -70.73 -30.70
C THR J 70 39.75 -71.25 -31.31
N SER J 71 39.02 -72.08 -30.57
CA SER J 71 37.74 -72.61 -31.04
C SER J 71 36.87 -72.90 -29.83
N ALA J 72 35.56 -72.95 -30.06
CA ALA J 72 34.59 -73.17 -28.99
C ALA J 72 33.53 -74.15 -29.46
N SER J 73 32.64 -74.49 -28.54
CA SER J 73 31.59 -75.47 -28.81
C SER J 73 30.44 -75.26 -27.85
N LEU J 74 29.28 -75.80 -28.23
CA LEU J 74 28.08 -75.76 -27.40
C LEU J 74 27.63 -77.18 -27.10
N ALA J 75 27.40 -77.47 -25.82
CA ALA J 75 27.01 -78.80 -25.38
C ALA J 75 25.55 -78.79 -24.91
N ILE J 76 24.82 -79.83 -25.27
CA ILE J 76 23.42 -79.98 -24.91
C ILE J 76 23.26 -81.29 -24.14
N SER J 77 22.74 -81.22 -22.92
CA SER J 77 22.51 -82.41 -22.11
C SER J 77 21.17 -83.02 -22.51
N GLY J 78 21.23 -84.13 -23.23
CA GLY J 78 20.02 -84.74 -23.75
C GLY J 78 19.50 -83.96 -24.95
N LEU J 79 18.36 -84.43 -25.48
CA LEU J 79 17.76 -83.81 -26.64
C LEU J 79 16.25 -83.91 -26.54
N ARG J 80 15.56 -82.81 -26.83
CA ARG J 80 14.11 -82.79 -26.91
C ARG J 80 13.70 -82.07 -28.19
N SER J 81 12.44 -82.29 -28.58
CA SER J 81 11.96 -81.73 -29.84
C SER J 81 12.09 -80.21 -29.89
N GLU J 82 12.01 -79.55 -28.74
CA GLU J 82 12.09 -78.09 -28.72
C GLU J 82 13.44 -77.61 -29.21
N ASP J 83 14.51 -78.34 -28.90
CA ASP J 83 15.86 -77.86 -29.20
C ASP J 83 16.10 -77.69 -30.69
N GLU J 84 15.42 -78.44 -31.55
CA GLU J 84 15.70 -78.34 -32.98
C GLU J 84 15.51 -76.90 -33.46
N ALA J 85 16.61 -76.26 -33.83
CA ALA J 85 16.61 -74.84 -34.20
C ALA J 85 17.98 -74.54 -34.81
N ASP J 86 18.23 -73.25 -35.08
CA ASP J 86 19.54 -72.79 -35.52
C ASP J 86 20.31 -72.21 -34.35
N TYR J 87 21.60 -72.50 -34.29
CA TYR J 87 22.47 -72.03 -33.22
C TYR J 87 23.68 -71.35 -33.86
N TYR J 88 23.92 -70.10 -33.47
CA TYR J 88 24.99 -69.30 -34.02
C TYR J 88 25.96 -68.92 -32.91
N CYS J 89 27.24 -68.81 -33.27
CA CYS J 89 28.29 -68.39 -32.35
C CYS J 89 28.67 -66.95 -32.67
N ALA J 90 28.72 -66.12 -31.63
CA ALA J 90 29.05 -64.72 -31.77
C ALA J 90 30.31 -64.41 -30.98
N THR J 91 31.19 -63.61 -31.57
CA THR J 91 32.39 -63.17 -30.88
C THR J 91 32.89 -61.90 -31.53
N TRP J 92 33.37 -60.97 -30.70
CA TRP J 92 33.99 -59.76 -31.21
C TRP J 92 35.30 -60.11 -31.90
N ASP J 93 35.59 -59.41 -32.99
CA ASP J 93 36.84 -59.56 -33.72
C ASP J 93 37.64 -58.29 -33.56
N ASP J 94 38.87 -58.41 -33.05
CA ASP J 94 39.69 -57.23 -32.83
C ASP J 94 40.22 -56.66 -34.14
N SER J 95 40.66 -57.53 -35.05
CA SER J 95 41.14 -57.05 -36.33
C SER J 95 40.02 -56.40 -37.12
N LEU J 96 38.85 -57.06 -37.18
CA LEU J 96 37.70 -56.51 -37.87
C LEU J 96 37.10 -55.31 -37.14
N SER J 97 37.33 -55.21 -35.82
CA SER J 97 36.72 -54.16 -35.02
C SER J 97 35.21 -54.17 -35.16
N GLY J 98 34.61 -55.36 -35.11
CA GLY J 98 33.18 -55.50 -35.21
C GLY J 98 32.77 -56.86 -34.71
N LEU J 99 31.46 -57.01 -34.50
CA LEU J 99 30.93 -58.28 -34.01
C LEU J 99 30.78 -59.25 -35.17
N VAL J 100 31.34 -60.44 -35.02
CA VAL J 100 31.36 -61.46 -36.06
C VAL J 100 30.46 -62.61 -35.64
N PHE J 101 29.58 -63.03 -36.53
CA PHE J 101 28.72 -64.18 -36.31
C PHE J 101 29.25 -65.38 -37.09
N GLY J 102 28.96 -66.57 -36.59
CA GLY J 102 29.26 -67.77 -37.33
C GLY J 102 28.33 -67.95 -38.50
N GLY J 103 28.73 -68.84 -39.40
CA GLY J 103 27.87 -69.13 -40.55
C GLY J 103 26.50 -69.65 -40.13
N GLY J 104 26.46 -70.44 -39.08
CA GLY J 104 25.22 -70.99 -38.57
C GLY J 104 25.19 -72.49 -38.74
N THR J 105 24.73 -73.19 -37.69
CA THR J 105 24.65 -74.64 -37.68
C THR J 105 23.18 -75.04 -37.66
N LYS J 106 22.77 -75.87 -38.62
CA LYS J 106 21.39 -76.35 -38.69
C LYS J 106 21.32 -77.70 -37.99
N LEU J 107 20.94 -77.68 -36.72
CA LEU J 107 20.79 -78.91 -35.94
C LEU J 107 19.45 -79.54 -36.27
N THR J 108 19.47 -80.66 -36.98
CA THR J 108 18.26 -81.39 -37.34
C THR J 108 18.15 -82.63 -36.47
N VAL J 109 17.06 -82.73 -35.71
CA VAL J 109 16.80 -83.86 -34.85
C VAL J 109 15.75 -84.72 -35.55
N LEU J 110 16.22 -85.72 -36.29
CA LEU J 110 15.33 -86.57 -37.05
C LEU J 110 14.84 -87.75 -36.20
N GLY J 111 14.00 -88.59 -36.80
CA GLY J 111 13.41 -89.72 -36.14
C GLY J 111 11.98 -89.51 -35.68
N GLN J 112 11.48 -88.29 -35.74
CA GLN J 112 10.12 -87.99 -35.31
C GLN J 112 9.37 -87.21 -36.38
N GLN K 3 -24.44 0.54 -24.41
CA GLN K 3 -25.41 -0.44 -23.96
C GLN K 3 -25.28 -0.69 -22.46
N LEU K 4 -26.41 -0.93 -21.80
CA LEU K 4 -26.45 -1.10 -20.35
C LEU K 4 -27.38 -2.25 -20.04
N VAL K 5 -26.82 -3.42 -19.73
CA VAL K 5 -27.58 -4.65 -19.54
C VAL K 5 -27.67 -4.94 -18.05
N GLU K 6 -28.87 -5.22 -17.57
CA GLU K 6 -29.14 -5.48 -16.17
C GLU K 6 -29.38 -6.96 -15.93
N SER K 7 -29.21 -7.37 -14.67
CA SER K 7 -29.46 -8.75 -14.29
C SER K 7 -30.95 -9.04 -14.30
N GLY K 8 -31.27 -10.33 -14.27
CA GLY K 8 -32.66 -10.76 -14.35
C GLY K 8 -33.42 -10.49 -13.07
N ALA K 9 -34.75 -10.57 -13.18
CA ALA K 9 -35.63 -10.33 -12.05
C ALA K 9 -35.38 -11.36 -10.95
N GLU K 10 -35.49 -10.92 -9.71
CA GLU K 10 -35.21 -11.75 -8.54
C GLU K 10 -36.39 -11.71 -7.59
N VAL K 11 -36.73 -12.88 -7.03
CA VAL K 11 -37.74 -12.99 -5.98
C VAL K 11 -37.01 -13.23 -4.66
N LYS K 12 -37.26 -12.38 -3.68
CA LYS K 12 -36.60 -12.47 -2.38
C LYS K 12 -37.66 -12.57 -1.28
N LYS K 13 -37.20 -12.56 -0.04
CA LYS K 13 -38.04 -12.66 1.14
C LYS K 13 -37.69 -11.56 2.11
N PRO K 14 -38.59 -11.21 3.02
CA PRO K 14 -38.30 -10.12 3.96
C PRO K 14 -37.06 -10.42 4.79
N GLY K 15 -36.26 -9.38 5.01
CA GLY K 15 -35.04 -9.49 5.78
C GLY K 15 -33.85 -10.04 5.02
N SER K 16 -34.02 -10.44 3.77
CA SER K 16 -32.95 -10.99 2.98
C SER K 16 -32.25 -9.88 2.20
N SER K 17 -31.36 -10.25 1.29
CA SER K 17 -30.62 -9.29 0.49
C SER K 17 -30.64 -9.71 -0.97
N VAL K 18 -30.64 -8.71 -1.86
CA VAL K 18 -30.62 -8.92 -3.30
C VAL K 18 -29.50 -8.08 -3.88
N LYS K 19 -28.70 -8.68 -4.75
CA LYS K 19 -27.65 -7.97 -5.47
C LYS K 19 -28.06 -7.86 -6.93
N VAL K 20 -28.09 -6.64 -7.44
CA VAL K 20 -28.46 -6.37 -8.83
C VAL K 20 -27.21 -5.92 -9.57
N SER K 21 -26.95 -6.55 -10.71
CA SER K 21 -25.79 -6.23 -11.53
C SER K 21 -26.20 -5.40 -12.73
N CYS K 22 -25.26 -4.63 -13.25
CA CYS K 22 -25.50 -3.80 -14.43
C CYS K 22 -24.17 -3.69 -15.18
N LYS K 23 -24.00 -4.55 -16.17
CA LYS K 23 -22.80 -4.51 -16.99
C LYS K 23 -22.86 -3.33 -17.96
N ALA K 24 -21.69 -2.85 -18.36
CA ALA K 24 -21.58 -1.68 -19.22
C ALA K 24 -20.36 -1.83 -20.11
N SER K 25 -20.35 -1.08 -21.21
CA SER K 25 -19.24 -1.13 -22.14
C SER K 25 -18.02 -0.43 -21.55
N GLY K 26 -16.87 -0.67 -22.17
CA GLY K 26 -15.63 -0.11 -21.64
C GLY K 26 -15.63 1.41 -21.62
N GLY K 27 -16.11 2.02 -22.70
CA GLY K 27 -16.13 3.48 -22.76
C GLY K 27 -17.03 4.09 -21.71
N THR K 28 -18.23 3.54 -21.54
CA THR K 28 -19.16 4.05 -20.55
C THR K 28 -18.74 3.72 -19.12
N PHE K 29 -17.92 2.69 -18.92
CA PHE K 29 -17.47 2.34 -17.58
C PHE K 29 -16.42 3.34 -17.09
N ASN K 30 -15.49 3.72 -17.96
CA ASN K 30 -14.34 4.52 -17.55
C ASN K 30 -14.51 6.01 -17.79
N ASN K 31 -15.60 6.42 -18.43
CA ASN K 31 -15.80 7.83 -18.75
C ASN K 31 -17.10 8.40 -18.21
N TYR K 32 -17.91 7.61 -17.51
CA TYR K 32 -19.22 8.05 -17.07
C TYR K 32 -19.43 7.64 -15.61
N ALA K 33 -20.67 7.79 -15.16
CA ALA K 33 -21.09 7.37 -13.83
C ALA K 33 -22.39 6.60 -13.94
N ILE K 34 -22.61 5.69 -12.99
CA ILE K 34 -23.78 4.83 -12.98
C ILE K 34 -24.55 5.06 -11.69
N SER K 35 -25.84 5.35 -11.82
CA SER K 35 -26.71 5.58 -10.68
C SER K 35 -27.81 4.53 -10.64
N TRP K 36 -28.37 4.34 -9.45
CA TRP K 36 -29.43 3.37 -9.22
C TRP K 36 -30.68 4.10 -8.76
N VAL K 37 -31.78 3.89 -9.49
CA VAL K 37 -33.06 4.52 -9.17
C VAL K 37 -34.12 3.43 -9.16
N ARG K 38 -34.90 3.37 -8.09
CA ARG K 38 -35.98 2.42 -7.93
C ARG K 38 -37.33 3.09 -8.14
N GLN K 39 -38.31 2.29 -8.54
CA GLN K 39 -39.69 2.76 -8.63
C GLN K 39 -40.59 1.67 -8.08
N ALA K 40 -41.16 1.92 -6.91
CA ALA K 40 -42.21 1.05 -6.41
C ALA K 40 -43.40 1.10 -7.37
N PRO K 41 -44.09 -0.02 -7.57
CA PRO K 41 -45.19 -0.02 -8.52
C PRO K 41 -46.20 1.07 -8.17
N GLY K 42 -46.64 1.79 -9.20
CA GLY K 42 -47.53 2.92 -8.97
C GLY K 42 -46.92 4.02 -8.12
N GLN K 43 -45.65 4.37 -8.38
CA GLN K 43 -44.98 5.40 -7.61
C GLN K 43 -43.87 6.01 -8.45
N GLY K 44 -43.39 7.17 -8.01
CA GLY K 44 -42.37 7.88 -8.74
C GLY K 44 -40.99 7.31 -8.54
N LEU K 45 -40.09 7.70 -9.46
CA LEU K 45 -38.71 7.25 -9.39
C LEU K 45 -38.05 7.74 -8.10
N GLU K 46 -37.16 6.92 -7.55
CA GLU K 46 -36.45 7.28 -6.33
C GLU K 46 -34.97 6.95 -6.52
N TRP K 47 -34.14 7.98 -6.44
CA TRP K 47 -32.70 7.81 -6.59
C TRP K 47 -32.13 7.18 -5.33
N MET K 48 -31.37 6.11 -5.48
CA MET K 48 -30.77 5.43 -4.35
C MET K 48 -29.30 5.77 -4.20
N GLY K 49 -28.60 5.93 -5.31
CA GLY K 49 -27.18 6.23 -5.26
C GLY K 49 -26.55 6.02 -6.62
N GLY K 50 -25.24 6.24 -6.66
CA GLY K 50 -24.51 6.10 -7.89
C GLY K 50 -23.04 5.90 -7.58
N ILE K 51 -22.23 5.85 -8.64
CA ILE K 51 -20.81 5.61 -8.48
C ILE K 51 -20.11 5.94 -9.78
N ILE K 52 -18.91 6.48 -9.66
CA ILE K 52 -18.02 6.68 -10.80
C ILE K 52 -17.12 5.45 -10.86
N PRO K 53 -17.42 4.46 -11.70
CA PRO K 53 -16.74 3.17 -11.60
C PRO K 53 -15.23 3.28 -11.68
N ILE K 54 -14.71 4.24 -12.45
CA ILE K 54 -13.27 4.43 -12.51
C ILE K 54 -12.71 4.83 -11.15
N PHE K 55 -13.51 5.51 -10.33
CA PHE K 55 -13.05 6.02 -9.04
C PHE K 55 -13.61 5.28 -7.84
N GLY K 56 -14.80 4.70 -7.95
CA GLY K 56 -15.37 4.04 -6.79
C GLY K 56 -15.88 5.04 -5.76
N GLY K 57 -16.21 4.52 -4.58
CA GLY K 57 -16.74 5.35 -3.51
C GLY K 57 -18.13 5.89 -3.78
N ALA K 58 -19.13 5.02 -3.73
CA ALA K 58 -20.47 5.39 -4.15
C ALA K 58 -21.11 6.42 -3.23
N ASN K 59 -22.04 7.18 -3.79
CA ASN K 59 -22.86 8.14 -3.05
C ASN K 59 -24.26 7.57 -2.91
N TYR K 60 -24.84 7.72 -1.73
CA TYR K 60 -26.10 7.08 -1.37
C TYR K 60 -27.11 8.11 -0.91
N ALA K 61 -28.37 7.87 -1.25
CA ALA K 61 -29.45 8.72 -0.76
C ALA K 61 -29.64 8.52 0.75
N GLN K 62 -30.11 9.58 1.41
CA GLN K 62 -30.27 9.51 2.85
C GLN K 62 -31.23 8.41 3.26
N LYS K 63 -32.26 8.16 2.46
CA LYS K 63 -33.24 7.12 2.81
C LYS K 63 -32.59 5.74 2.81
N PHE K 64 -31.64 5.49 1.90
CA PHE K 64 -31.00 4.19 1.78
C PHE K 64 -29.64 4.14 2.45
N GLN K 65 -29.28 5.18 3.20
CA GLN K 65 -28.00 5.18 3.90
C GLN K 65 -27.95 4.01 4.88
N GLY K 66 -26.85 3.28 4.86
CA GLY K 66 -26.69 2.13 5.72
C GLY K 66 -27.41 0.87 5.27
N ARG K 67 -28.22 0.95 4.22
CA ARG K 67 -28.98 -0.19 3.73
C ARG K 67 -28.58 -0.67 2.35
N VAL K 68 -27.85 0.13 1.58
CA VAL K 68 -27.48 -0.21 0.21
C VAL K 68 -25.97 -0.10 0.07
N THR K 69 -25.43 -0.84 -0.90
CA THR K 69 -24.01 -0.82 -1.20
C THR K 69 -23.84 -0.96 -2.70
N ILE K 70 -23.34 0.09 -3.34
CA ILE K 70 -23.10 0.10 -4.78
C ILE K 70 -21.61 -0.10 -5.02
N THR K 71 -21.28 -1.06 -5.89
CA THR K 71 -19.90 -1.41 -6.16
C THR K 71 -19.73 -1.66 -7.66
N ALA K 72 -18.49 -1.51 -8.12
CA ALA K 72 -18.15 -1.67 -9.53
C ALA K 72 -17.01 -2.66 -9.66
N ASP K 73 -17.16 -3.63 -10.57
CA ASP K 73 -16.12 -4.62 -10.85
C ASP K 73 -15.38 -4.17 -12.10
N ARG K 74 -14.19 -3.60 -11.90
CA ARG K 74 -13.44 -3.05 -13.03
C ARG K 74 -12.98 -4.15 -13.98
N SER K 75 -12.62 -5.32 -13.46
CA SER K 75 -12.17 -6.40 -14.32
C SER K 75 -13.27 -6.85 -15.27
N THR K 76 -14.50 -6.96 -14.77
CA THR K 76 -15.64 -7.35 -15.59
C THR K 76 -16.44 -6.16 -16.10
N SER K 77 -16.05 -4.94 -15.74
CA SER K 77 -16.76 -3.72 -16.16
C SER K 77 -18.24 -3.83 -15.85
N THR K 78 -18.54 -4.26 -14.63
CA THR K 78 -19.90 -4.43 -14.16
C THR K 78 -20.11 -3.64 -12.89
N VAL K 79 -21.32 -3.09 -12.74
CA VAL K 79 -21.70 -2.32 -11.56
C VAL K 79 -22.71 -3.13 -10.76
N TYR K 80 -22.48 -3.24 -9.46
CA TYR K 80 -23.28 -4.07 -8.58
C TYR K 80 -24.04 -3.22 -7.58
N MET K 81 -25.26 -3.64 -7.25
CA MET K 81 -26.06 -3.02 -6.22
C MET K 81 -26.57 -4.11 -5.28
N GLU K 82 -26.42 -3.90 -3.99
CA GLU K 82 -26.82 -4.88 -2.98
C GLU K 82 -27.74 -4.23 -1.97
N LEU K 83 -28.91 -4.82 -1.76
CA LEU K 83 -29.88 -4.34 -0.78
C LEU K 83 -29.91 -5.29 0.40
N SER K 84 -29.84 -4.72 1.61
CA SER K 84 -29.91 -5.47 2.85
C SER K 84 -31.17 -5.10 3.60
N GLY K 85 -31.71 -6.07 4.34
CA GLY K 85 -32.96 -5.86 5.04
C GLY K 85 -34.15 -5.65 4.11
N LEU K 86 -34.26 -6.47 3.06
CA LEU K 86 -35.38 -6.34 2.13
C LEU K 86 -36.70 -6.49 2.86
N ARG K 87 -37.69 -5.72 2.43
CA ARG K 87 -39.04 -5.80 2.99
C ARG K 87 -40.05 -5.63 1.88
N SER K 88 -41.33 -5.71 2.24
CA SER K 88 -42.39 -5.55 1.25
C SER K 88 -42.35 -4.18 0.62
N GLU K 89 -42.12 -3.13 1.42
CA GLU K 89 -42.04 -1.78 0.87
C GLU K 89 -40.84 -1.60 -0.05
N ASP K 90 -39.90 -2.53 -0.03
CA ASP K 90 -38.76 -2.48 -0.94
C ASP K 90 -39.03 -3.18 -2.27
N THR K 91 -40.22 -3.76 -2.45
CA THR K 91 -40.57 -4.34 -3.74
C THR K 91 -40.71 -3.23 -4.77
N ALA K 92 -39.91 -3.32 -5.83
CA ALA K 92 -39.94 -2.31 -6.89
C ALA K 92 -38.95 -2.72 -7.97
N VAL K 93 -39.04 -2.04 -9.10
CA VAL K 93 -38.11 -2.25 -10.20
C VAL K 93 -36.94 -1.29 -10.05
N TYR K 94 -35.73 -1.82 -10.20
CA TYR K 94 -34.50 -1.06 -9.99
C TYR K 94 -33.81 -0.84 -11.33
N TYR K 95 -33.47 0.42 -11.62
CA TYR K 95 -32.84 0.80 -12.86
C TYR K 95 -31.39 1.21 -12.61
N CYS K 96 -30.51 0.87 -13.54
CA CYS K 96 -29.16 1.42 -13.59
C CYS K 96 -29.09 2.38 -14.76
N ALA K 97 -28.67 3.61 -14.50
CA ALA K 97 -28.65 4.66 -15.51
C ALA K 97 -27.28 5.30 -15.57
N ARG K 98 -26.92 5.75 -16.78
CA ARG K 98 -25.61 6.30 -17.07
C ARG K 98 -25.71 7.82 -17.20
N ARG K 99 -24.81 8.52 -16.53
CA ARG K 99 -24.73 9.97 -16.58
C ARG K 99 -23.27 10.38 -16.64
N PRO K 100 -22.99 11.64 -16.99
CA PRO K 100 -21.60 12.12 -16.95
C PRO K 100 -21.09 12.14 -15.53
N GLN K 101 -19.78 11.98 -15.39
CA GLN K 101 -19.16 11.93 -14.06
C GLN K 101 -18.81 13.33 -13.56
N SER K 102 -19.79 14.22 -13.58
CA SER K 102 -19.63 15.58 -13.06
C SER K 102 -20.74 15.86 -12.05
N ILE K 103 -20.40 16.65 -11.04
CA ILE K 103 -21.31 16.87 -9.92
C ILE K 103 -22.50 17.76 -10.27
N PHE K 104 -22.47 18.42 -11.42
CA PHE K 104 -23.53 19.36 -11.77
C PHE K 104 -24.53 18.81 -12.78
N ASP K 105 -24.10 17.91 -13.66
CA ASP K 105 -24.95 17.38 -14.72
C ASP K 105 -25.42 15.99 -14.35
N TRP K 106 -26.74 15.79 -14.35
CA TRP K 106 -27.38 14.56 -13.89
C TRP K 106 -28.36 14.04 -14.93
N ASN K 107 -27.99 14.11 -16.20
CA ASN K 107 -28.81 13.61 -17.28
C ASN K 107 -28.52 12.13 -17.51
N PHE K 108 -29.49 11.28 -17.23
CA PHE K 108 -29.36 9.85 -17.48
C PHE K 108 -29.80 9.59 -18.91
N ASP K 109 -28.89 9.78 -19.86
CA ASP K 109 -29.18 9.62 -21.27
C ASP K 109 -29.27 8.17 -21.69
N LEU K 110 -28.88 7.23 -20.84
CA LEU K 110 -28.92 5.82 -21.17
C LEU K 110 -29.35 5.03 -19.94
N TRP K 111 -30.34 4.16 -20.11
CA TRP K 111 -30.93 3.43 -19.00
C TRP K 111 -30.88 1.94 -19.26
N GLY K 112 -30.76 1.16 -18.19
CA GLY K 112 -30.98 -0.26 -18.28
C GLY K 112 -32.46 -0.59 -18.30
N ARG K 113 -32.77 -1.82 -18.70
CA ARG K 113 -34.16 -2.23 -18.79
C ARG K 113 -34.85 -2.19 -17.43
N GLY K 114 -34.14 -2.56 -16.37
CA GLY K 114 -34.70 -2.51 -15.04
C GLY K 114 -34.97 -3.88 -14.45
N THR K 115 -34.48 -4.11 -13.24
CA THR K 115 -34.65 -5.39 -12.55
C THR K 115 -35.73 -5.23 -11.48
N LEU K 116 -36.74 -6.08 -11.54
CA LEU K 116 -37.84 -6.04 -10.59
C LEU K 116 -37.57 -7.03 -9.46
N VAL K 117 -37.62 -6.54 -8.23
CA VAL K 117 -37.44 -7.36 -7.05
C VAL K 117 -38.78 -7.47 -6.33
N THR K 118 -39.24 -8.69 -6.12
CA THR K 118 -40.52 -8.97 -5.48
C THR K 118 -40.30 -9.84 -4.26
N VAL K 119 -41.17 -9.68 -3.26
CA VAL K 119 -41.09 -10.46 -2.03
C VAL K 119 -42.19 -11.51 -1.94
N SER K 120 -43.02 -11.63 -2.97
CA SER K 120 -44.08 -12.62 -3.02
C SER K 120 -43.75 -13.68 -4.07
N SER K 121 -44.70 -14.60 -4.28
CA SER K 121 -44.52 -15.69 -5.23
C SER K 121 -44.92 -15.24 -6.63
N ALA K 122 -44.25 -15.81 -7.64
CA ALA K 122 -44.54 -15.49 -9.03
C ALA K 122 -45.31 -16.62 -9.70
N SER L 2 -39.97 22.44 -0.28
CA SER L 2 -38.55 22.30 -0.50
C SER L 2 -38.25 21.29 -1.60
N VAL L 3 -38.74 20.07 -1.43
CA VAL L 3 -38.51 19.03 -2.42
C VAL L 3 -39.34 19.31 -3.67
N LEU L 4 -39.02 18.58 -4.74
CA LEU L 4 -39.75 18.74 -5.98
C LEU L 4 -41.21 18.36 -5.80
N THR L 5 -42.09 19.19 -6.34
CA THR L 5 -43.52 18.93 -6.29
C THR L 5 -44.10 19.15 -7.68
N GLN L 6 -45.00 18.25 -8.09
CA GLN L 6 -45.67 18.35 -9.37
C GLN L 6 -47.14 18.04 -9.20
N PRO L 7 -47.99 18.58 -10.08
CA PRO L 7 -49.40 18.18 -10.09
C PRO L 7 -49.52 16.69 -10.37
N PRO L 8 -50.25 15.96 -9.53
CA PRO L 8 -50.31 14.50 -9.73
C PRO L 8 -50.81 14.09 -11.10
N SER L 9 -51.77 14.83 -11.66
CA SER L 9 -52.31 14.49 -12.98
C SER L 9 -52.45 15.76 -13.81
N ALA L 10 -52.42 15.57 -15.13
CA ALA L 10 -52.59 16.65 -16.08
C ALA L 10 -53.43 16.14 -17.25
N SER L 11 -54.41 16.94 -17.66
CA SER L 11 -55.31 16.60 -18.75
C SER L 11 -54.96 17.40 -19.99
N GLY L 12 -55.57 17.01 -21.11
CA GLY L 12 -55.37 17.71 -22.35
C GLY L 12 -56.17 17.09 -23.47
N THR L 13 -56.04 17.70 -24.64
CA THR L 13 -56.67 17.21 -25.86
C THR L 13 -55.64 17.17 -26.98
N PRO L 14 -55.81 16.29 -27.96
CA PRO L 14 -54.83 16.22 -29.06
C PRO L 14 -54.72 17.56 -29.76
N GLY L 15 -53.50 17.89 -30.18
CA GLY L 15 -53.24 19.20 -30.75
C GLY L 15 -53.39 20.34 -29.78
N GLN L 16 -52.90 20.19 -28.57
CA GLN L 16 -52.99 21.20 -27.52
C GLN L 16 -51.58 21.51 -26.99
N ARG L 17 -51.52 22.52 -26.11
CA ARG L 17 -50.28 22.88 -25.43
C ARG L 17 -50.48 22.71 -23.93
N VAL L 18 -49.66 21.87 -23.31
CA VAL L 18 -49.75 21.57 -21.89
C VAL L 18 -48.37 21.76 -21.27
N THR L 19 -48.33 22.41 -20.11
CA THR L 19 -47.09 22.65 -19.38
C THR L 19 -47.22 22.06 -17.99
N ILE L 20 -46.23 21.26 -17.59
CA ILE L 20 -46.19 20.65 -16.27
C ILE L 20 -45.19 21.41 -15.42
N SER L 21 -45.59 21.72 -14.18
CA SER L 21 -44.82 22.56 -13.29
C SER L 21 -44.05 21.70 -12.29
N CYS L 22 -42.79 22.04 -12.08
CA CYS L 22 -41.93 21.39 -11.10
C CYS L 22 -41.48 22.45 -10.09
N SER L 23 -42.00 22.36 -8.87
CA SER L 23 -41.76 23.37 -7.85
C SER L 23 -40.90 22.78 -6.74
N GLY L 24 -39.82 23.48 -6.40
CA GLY L 24 -38.92 23.05 -5.35
C GLY L 24 -38.38 24.26 -4.62
N SER L 25 -37.49 24.01 -3.67
CA SER L 25 -36.86 25.09 -2.94
C SER L 25 -35.58 25.53 -3.65
N SER L 26 -35.06 26.68 -3.22
CA SER L 26 -33.83 27.19 -3.81
C SER L 26 -32.67 26.23 -3.65
N SER L 27 -32.73 25.33 -2.68
CA SER L 27 -31.65 24.36 -2.50
C SER L 27 -31.55 23.42 -3.68
N ASN L 28 -32.67 22.95 -4.20
CA ASN L 28 -32.69 22.00 -5.31
C ASN L 28 -32.99 22.64 -6.66
N VAL L 29 -34.13 23.32 -6.80
CA VAL L 29 -34.49 23.99 -8.04
C VAL L 29 -34.15 25.46 -7.89
N GLY L 30 -33.47 26.01 -8.88
CA GLY L 30 -32.98 27.37 -8.84
C GLY L 30 -31.52 27.48 -8.48
N SER L 31 -30.95 26.43 -7.89
CA SER L 31 -29.52 26.34 -7.66
C SER L 31 -28.88 25.20 -8.45
N ASN L 32 -29.66 24.47 -9.24
CA ASN L 32 -29.14 23.35 -10.03
C ASN L 32 -30.00 23.21 -11.28
N TYR L 33 -29.51 22.40 -12.22
CA TYR L 33 -30.27 22.12 -13.43
C TYR L 33 -31.49 21.28 -13.10
N VAL L 34 -32.46 21.29 -14.02
CA VAL L 34 -33.69 20.52 -13.88
C VAL L 34 -33.84 19.61 -15.08
N TYR L 35 -34.06 18.32 -14.82
CA TYR L 35 -34.15 17.31 -15.87
C TYR L 35 -35.57 16.77 -15.92
N TRP L 36 -36.08 16.59 -17.14
CA TRP L 36 -37.43 16.09 -17.34
C TRP L 36 -37.35 14.72 -18.03
N TYR L 37 -38.09 13.76 -17.50
CA TYR L 37 -38.06 12.39 -17.99
C TYR L 37 -39.47 11.96 -18.38
N GLN L 38 -39.59 11.35 -19.56
CA GLN L 38 -40.85 10.81 -20.04
C GLN L 38 -40.80 9.29 -19.92
N GLN L 39 -41.65 8.72 -19.07
CA GLN L 39 -41.71 7.29 -18.85
C GLN L 39 -43.04 6.75 -19.37
N LEU L 40 -42.97 5.77 -20.24
CA LEU L 40 -44.15 5.04 -20.67
C LEU L 40 -44.41 3.88 -19.71
N PRO L 41 -45.64 3.35 -19.70
CA PRO L 41 -45.91 2.20 -18.82
C PRO L 41 -45.02 1.02 -19.16
N GLY L 42 -44.47 0.39 -18.13
CA GLY L 42 -43.60 -0.76 -18.31
C GLY L 42 -42.39 -0.50 -19.16
N THR L 43 -41.77 0.67 -19.02
CA THR L 43 -40.56 1.00 -19.76
C THR L 43 -39.67 1.92 -18.93
N ALA L 44 -38.37 1.80 -19.14
CA ALA L 44 -37.43 2.66 -18.43
C ALA L 44 -37.65 4.10 -18.85
N PRO L 45 -37.51 5.05 -17.92
CA PRO L 45 -37.74 6.45 -18.27
C PRO L 45 -36.78 6.90 -19.37
N LYS L 46 -37.28 7.76 -20.25
CA LYS L 46 -36.50 8.31 -21.35
C LYS L 46 -36.18 9.78 -21.03
N LEU L 47 -34.89 10.12 -21.08
CA LEU L 47 -34.49 11.50 -20.82
C LEU L 47 -35.16 12.42 -21.82
N LEU L 48 -35.87 13.42 -21.31
CA LEU L 48 -36.67 14.32 -22.14
C LEU L 48 -36.02 15.70 -22.24
N ILE L 49 -35.73 16.32 -21.10
CA ILE L 49 -35.04 17.60 -21.03
C ILE L 49 -33.93 17.49 -20.01
N TYR L 50 -32.74 17.98 -20.35
CA TYR L 50 -31.61 17.99 -19.44
C TYR L 50 -31.10 19.42 -19.29
N ARG L 51 -30.31 19.63 -18.23
CA ARG L 51 -29.85 20.97 -17.84
C ARG L 51 -31.10 21.81 -17.67
N ASN L 52 -31.29 22.88 -18.44
CA ASN L 52 -32.55 23.60 -18.47
C ASN L 52 -32.88 23.86 -19.93
N ASN L 53 -34.16 23.69 -20.29
CA ASN L 53 -34.65 24.00 -21.63
C ASN L 53 -33.68 23.53 -22.71
N ARG L 54 -33.16 22.31 -22.52
CA ARG L 54 -32.30 21.66 -23.50
C ARG L 54 -32.87 20.30 -23.83
N ARG L 55 -32.91 19.98 -25.13
CA ARG L 55 -33.49 18.74 -25.60
C ARG L 55 -32.41 17.80 -26.10
N PRO L 56 -32.36 16.56 -25.61
CA PRO L 56 -31.34 15.62 -26.10
C PRO L 56 -31.52 15.35 -27.59
N SER L 57 -30.39 15.12 -28.26
CA SER L 57 -30.41 14.90 -29.69
C SER L 57 -31.33 13.72 -30.02
N GLY L 58 -32.20 13.92 -31.01
CA GLY L 58 -33.16 12.90 -31.38
C GLY L 58 -34.51 13.00 -30.70
N VAL L 59 -34.81 14.13 -30.07
CA VAL L 59 -36.12 14.35 -29.43
C VAL L 59 -36.89 15.38 -30.24
N PRO L 60 -38.21 15.22 -30.40
CA PRO L 60 -38.98 16.22 -31.16
C PRO L 60 -39.05 17.54 -30.42
N ASP L 61 -39.29 18.60 -31.21
CA ASP L 61 -39.31 19.95 -30.68
C ASP L 61 -40.60 20.30 -29.94
N ARG L 62 -41.57 19.39 -29.93
CA ARG L 62 -42.81 19.63 -29.20
C ARG L 62 -42.55 19.79 -27.71
N PHE L 63 -41.46 19.23 -27.21
CA PHE L 63 -41.13 19.28 -25.79
C PHE L 63 -40.25 20.50 -25.51
N SER L 64 -40.64 21.28 -24.51
CA SER L 64 -39.90 22.49 -24.15
C SER L 64 -39.94 22.66 -22.64
N GLY L 65 -38.76 22.78 -22.04
CA GLY L 65 -38.66 23.00 -20.61
C GLY L 65 -38.53 24.47 -20.26
N SER L 66 -38.93 24.79 -19.03
CA SER L 66 -38.92 26.15 -18.55
C SER L 66 -38.33 26.17 -17.15
N LYS L 67 -37.48 27.15 -16.89
CA LYS L 67 -36.78 27.27 -15.61
C LYS L 67 -37.02 28.66 -15.04
N SER L 68 -37.62 28.74 -13.87
CA SER L 68 -37.81 29.97 -13.14
C SER L 68 -36.80 30.05 -12.00
N GLY L 69 -36.81 31.16 -11.28
CA GLY L 69 -35.84 31.34 -10.21
C GLY L 69 -35.85 30.22 -9.21
N THR L 70 -37.01 29.64 -8.94
CA THR L 70 -37.15 28.54 -8.00
C THR L 70 -38.03 27.41 -8.52
N SER L 71 -38.79 27.60 -9.60
CA SER L 71 -39.69 26.60 -10.13
C SER L 71 -39.37 26.35 -11.60
N ALA L 72 -39.79 25.18 -12.08
CA ALA L 72 -39.53 24.77 -13.45
C ALA L 72 -40.80 24.21 -14.06
N SER L 73 -40.86 24.22 -15.39
CA SER L 73 -42.03 23.71 -16.10
C SER L 73 -41.58 23.03 -17.40
N LEU L 74 -42.41 22.10 -17.85
CA LEU L 74 -42.20 21.38 -19.10
C LEU L 74 -43.44 21.56 -19.97
N ALA L 75 -43.24 22.10 -21.17
CA ALA L 75 -44.35 22.43 -22.07
C ALA L 75 -44.31 21.53 -23.30
N ILE L 76 -45.50 21.18 -23.80
CA ILE L 76 -45.65 20.26 -24.91
C ILE L 76 -46.29 21.03 -26.06
N SER L 77 -45.64 21.02 -27.22
CA SER L 77 -46.17 21.66 -28.43
C SER L 77 -47.00 20.64 -29.19
N GLY L 78 -48.33 20.80 -29.13
CA GLY L 78 -49.21 19.81 -29.73
C GLY L 78 -49.33 18.60 -28.82
N LEU L 79 -50.53 18.04 -28.74
CA LEU L 79 -50.79 16.90 -27.86
C LEU L 79 -51.30 15.73 -28.68
N ARG L 80 -50.96 14.51 -28.23
CA ARG L 80 -51.36 13.30 -28.91
C ARG L 80 -51.62 12.22 -27.88
N SER L 81 -51.95 11.01 -28.35
CA SER L 81 -52.12 9.88 -27.45
C SER L 81 -50.79 9.37 -26.91
N GLU L 82 -49.69 9.66 -27.62
CA GLU L 82 -48.38 9.22 -27.16
C GLU L 82 -47.94 9.99 -25.91
N ASP L 83 -48.41 11.22 -25.75
CA ASP L 83 -48.00 12.05 -24.63
C ASP L 83 -48.55 11.56 -23.29
N GLU L 84 -49.50 10.63 -23.29
CA GLU L 84 -50.09 10.15 -22.05
C GLU L 84 -49.09 9.23 -21.36
N ALA L 85 -48.39 9.78 -20.37
CA ALA L 85 -47.37 9.03 -19.65
C ALA L 85 -46.92 9.88 -18.47
N ASP L 86 -46.33 9.21 -17.47
CA ASP L 86 -45.83 9.91 -16.30
C ASP L 86 -44.62 10.75 -16.67
N TYR L 87 -44.57 11.97 -16.12
CA TYR L 87 -43.47 12.89 -16.37
C TYR L 87 -42.84 13.28 -15.04
N TYR L 88 -41.53 13.15 -14.94
CA TYR L 88 -40.79 13.42 -13.72
C TYR L 88 -39.75 14.50 -13.97
N CYS L 89 -39.55 15.35 -12.97
CA CYS L 89 -38.48 16.33 -12.96
C CYS L 89 -37.47 15.94 -11.90
N ALA L 90 -36.19 15.92 -12.26
CA ALA L 90 -35.12 15.53 -11.36
C ALA L 90 -34.15 16.70 -11.21
N THR L 91 -33.70 16.93 -9.98
CA THR L 91 -32.76 18.02 -9.71
C THR L 91 -31.92 17.67 -8.49
N TRP L 92 -30.63 17.98 -8.57
CA TRP L 92 -29.74 17.78 -7.44
C TRP L 92 -30.12 18.71 -6.30
N ASP L 93 -30.10 18.18 -5.08
CA ASP L 93 -30.43 18.95 -3.88
C ASP L 93 -29.16 19.10 -3.04
N ASP L 94 -28.79 20.35 -2.73
CA ASP L 94 -27.56 20.58 -2.00
C ASP L 94 -27.71 20.26 -0.52
N SER L 95 -28.85 20.60 0.07
CA SER L 95 -29.06 20.30 1.49
C SER L 95 -29.29 18.81 1.70
N LEU L 96 -30.13 18.20 0.87
CA LEU L 96 -30.39 16.77 0.95
C LEU L 96 -29.19 15.96 0.48
N SER L 97 -28.23 16.59 -0.20
CA SER L 97 -27.05 15.90 -0.71
C SER L 97 -27.42 14.71 -1.58
N GLY L 98 -28.40 14.89 -2.46
CA GLY L 98 -28.84 13.79 -3.30
C GLY L 98 -29.74 14.30 -4.41
N LEU L 99 -30.05 13.41 -5.34
CA LEU L 99 -30.94 13.72 -6.45
C LEU L 99 -32.38 13.48 -6.02
N VAL L 100 -33.25 14.45 -6.32
CA VAL L 100 -34.65 14.41 -5.94
C VAL L 100 -35.50 14.40 -7.21
N PHE L 101 -36.45 13.48 -7.28
CA PHE L 101 -37.34 13.39 -8.42
C PHE L 101 -38.64 14.17 -8.14
N GLY L 102 -39.30 14.56 -9.23
CA GLY L 102 -40.47 15.40 -9.10
C GLY L 102 -41.61 14.74 -8.36
N GLY L 103 -41.70 13.42 -8.42
CA GLY L 103 -42.79 12.68 -7.83
C GLY L 103 -43.78 12.14 -8.84
N GLY L 104 -43.77 12.66 -10.06
CA GLY L 104 -44.59 12.12 -11.12
C GLY L 104 -45.69 13.08 -11.53
N THR L 105 -46.02 13.07 -12.83
CA THR L 105 -47.15 13.82 -13.36
C THR L 105 -47.62 13.10 -14.61
N LYS L 106 -48.84 12.58 -14.59
CA LYS L 106 -49.41 11.84 -15.71
C LYS L 106 -50.25 12.77 -16.56
N LEU L 107 -49.99 12.75 -17.87
CA LEU L 107 -50.74 13.57 -18.82
C LEU L 107 -51.92 12.74 -19.32
N THR L 108 -53.14 13.19 -19.03
CA THR L 108 -54.35 12.47 -19.40
C THR L 108 -54.96 13.15 -20.63
N VAL L 109 -54.50 12.72 -21.80
CA VAL L 109 -55.03 13.23 -23.06
C VAL L 109 -56.44 12.68 -23.26
N LEU L 110 -57.35 13.54 -23.70
CA LEU L 110 -58.73 13.16 -23.92
C LEU L 110 -58.88 12.55 -25.32
N GLY L 111 -60.13 12.34 -25.74
CA GLY L 111 -60.41 11.72 -27.02
C GLY L 111 -60.67 10.23 -26.97
N GLN L 112 -60.89 9.65 -25.80
CA GLN L 112 -61.16 8.23 -25.67
C GLN L 112 -62.37 7.81 -26.50
C1 NAG M . -18.05 -17.94 15.32
C2 NAG M . -18.33 -18.34 13.87
C3 NAG M . -19.83 -18.54 13.67
C4 NAG M . -20.38 -19.52 14.70
C5 NAG M . -20.04 -19.03 16.09
C6 NAG M . -20.48 -19.98 17.18
C7 NAG M . -16.71 -17.52 12.23
C8 NAG M . -16.33 -16.40 11.31
N2 NAG M . -17.82 -17.34 12.95
O3 NAG M . -20.07 -19.03 12.35
O4 NAG M . -21.79 -19.64 14.55
O5 NAG M . -18.61 -18.90 16.22
O6 NAG M . -19.99 -21.30 16.95
O7 NAG M . -16.04 -18.54 12.31
C1 NAG N . -15.14 -12.37 -8.23
C2 NAG N . -16.08 -12.76 -7.10
C3 NAG N . -16.96 -13.94 -7.51
C4 NAG N . -17.66 -13.64 -8.83
C5 NAG N . -16.63 -13.24 -9.88
C6 NAG N . -17.26 -12.83 -11.19
C7 NAG N . -14.98 -12.17 -4.98
C8 NAG N . -14.21 -12.69 -3.80
N2 NAG N . -15.33 -13.09 -5.89
O3 NAG N . -17.92 -14.17 -6.49
O4 NAG N . -18.36 -14.80 -9.28
O5 NAG N . -15.89 -12.11 -9.41
O6 NAG N . -16.30 -12.80 -12.23
O7 NAG N . -15.26 -10.99 -5.10
C1 NAG O . 12.35 -33.97 -34.39
C2 NAG O . 12.59 -34.13 -35.89
C3 NAG O . 11.29 -34.54 -36.59
C4 NAG O . 10.69 -35.76 -35.91
C5 NAG O . 10.51 -35.49 -34.43
C6 NAG O . 9.99 -36.67 -33.66
C7 NAG O . 14.41 -32.64 -36.61
C8 NAG O . 15.34 -33.73 -36.17
N2 NAG O . 13.11 -32.90 -36.46
O3 NAG O . 11.58 -34.84 -37.95
O4 NAG O . 9.41 -36.06 -36.49
O5 NAG O . 11.78 -35.16 -33.86
O6 NAG O . 9.85 -36.37 -32.28
O7 NAG O . 14.82 -31.59 -37.09
#